data_2MZP
#
_entry.id   2MZP
#
loop_
_entity.id
_entity.type
_entity.pdbx_description
1 polymer 'Troponin C, slow skeletal and cardiac muscles'
2 polymer 'Troponin I, cardiac muscle'
3 non-polymer 'CALCIUM ION'
#
loop_
_entity_poly.entity_id
_entity_poly.type
_entity_poly.pdbx_seq_one_letter_code
_entity_poly.pdbx_strand_id
1 'polypeptide(L)'
;MDDIYKAAVEQLTEEQKNEFKAAFDIFVLGAEDGCISTKELGKVMRMLGQNPTPEELQEMIDEVDEDGSGTVDFDEFLVM
MVRCMKDDS
;
C
2 'polypeptide(L)' RRVRISADAMMQALLGARHKESLDLRA I
#
# COMPACT_ATOMS: atom_id res chain seq x y z
N MET A 1 1.98 -5.87 19.51
CA MET A 1 3.01 -6.62 18.74
C MET A 1 2.47 -6.96 17.36
N ASP A 2 3.37 -7.33 16.45
CA ASP A 2 2.97 -7.67 15.09
C ASP A 2 2.01 -8.87 15.10
N ASP A 3 1.69 -9.35 16.29
CA ASP A 3 0.79 -10.49 16.43
C ASP A 3 -0.58 -10.15 15.84
N ILE A 4 -1.00 -8.90 16.03
CA ILE A 4 -2.30 -8.47 15.51
C ILE A 4 -2.37 -8.66 14.00
N TYR A 5 -1.29 -8.36 13.31
CA TYR A 5 -1.23 -8.51 11.86
C TYR A 5 -1.29 -9.99 11.48
N LYS A 6 -0.62 -10.82 12.25
CA LYS A 6 -0.61 -12.25 11.99
C LYS A 6 -2.02 -12.80 12.01
N ALA A 7 -2.76 -12.49 13.05
CA ALA A 7 -4.14 -12.95 13.17
C ALA A 7 -5.01 -12.35 12.07
N ALA A 8 -4.77 -11.07 11.78
CA ALA A 8 -5.53 -10.40 10.73
C ALA A 8 -5.23 -11.01 9.36
N VAL A 9 -3.96 -11.31 9.13
CA VAL A 9 -3.55 -11.92 7.87
C VAL A 9 -4.07 -13.35 7.78
N GLU A 10 -3.94 -14.08 8.87
CA GLU A 10 -4.37 -15.47 8.90
C GLU A 10 -5.87 -15.56 8.64
N GLN A 11 -6.62 -14.65 9.24
CA GLN A 11 -8.07 -14.62 9.06
C GLN A 11 -8.42 -14.33 7.60
N LEU A 12 -7.64 -13.45 6.97
CA LEU A 12 -7.89 -13.08 5.58
C LEU A 12 -8.10 -14.33 4.73
N THR A 13 -8.99 -14.23 3.76
CA THR A 13 -9.28 -15.35 2.88
C THR A 13 -8.19 -15.49 1.82
N GLU A 14 -8.13 -16.65 1.19
CA GLU A 14 -7.14 -16.90 0.15
C GLU A 14 -7.34 -15.96 -1.02
N GLU A 15 -8.60 -15.69 -1.34
CA GLU A 15 -8.93 -14.80 -2.46
C GLU A 15 -8.46 -13.38 -2.18
N GLN A 16 -8.69 -12.92 -0.95
CA GLN A 16 -8.28 -11.57 -0.57
C GLN A 16 -6.77 -11.41 -0.69
N LYS A 17 -6.04 -12.44 -0.25
CA LYS A 17 -4.59 -12.41 -0.31
C LYS A 17 -4.11 -12.39 -1.75
N ASN A 18 -4.79 -13.15 -2.60
CA ASN A 18 -4.41 -13.21 -4.00
C ASN A 18 -4.56 -11.85 -4.67
N GLU A 19 -5.63 -11.13 -4.29
CA GLU A 19 -5.87 -9.82 -4.87
C GLU A 19 -4.73 -8.85 -4.52
N PHE A 20 -4.32 -8.87 -3.26
CA PHE A 20 -3.24 -8.01 -2.81
C PHE A 20 -1.91 -8.46 -3.40
N LYS A 21 -1.72 -9.76 -3.47
CA LYS A 21 -0.51 -10.33 -4.04
C LYS A 21 -0.34 -9.90 -5.49
N ALA A 22 -1.45 -9.88 -6.22
CA ALA A 22 -1.42 -9.46 -7.62
C ALA A 22 -0.94 -8.02 -7.73
N ALA A 23 -1.43 -7.16 -6.83
CA ALA A 23 -1.02 -5.76 -6.83
C ALA A 23 0.47 -5.64 -6.56
N PHE A 24 0.97 -6.49 -5.67
CA PHE A 24 2.40 -6.47 -5.32
C PHE A 24 3.25 -6.68 -6.56
N ASP A 25 2.90 -7.69 -7.35
CA ASP A 25 3.64 -7.98 -8.58
C ASP A 25 3.61 -6.76 -9.52
N ILE A 26 2.47 -6.09 -9.60
CA ILE A 26 2.33 -4.91 -10.43
C ILE A 26 3.17 -3.76 -9.89
N PHE A 27 3.17 -3.62 -8.57
CA PHE A 27 3.92 -2.54 -7.94
C PHE A 27 5.40 -2.59 -8.31
N VAL A 28 5.95 -3.80 -8.34
CA VAL A 28 7.35 -3.98 -8.67
C VAL A 28 7.57 -3.89 -10.18
N LEU A 29 6.62 -3.28 -10.87
CA LEU A 29 6.71 -3.13 -12.32
C LEU A 29 7.96 -2.35 -12.69
N GLY A 30 8.62 -1.76 -11.69
CA GLY A 30 9.82 -0.96 -11.93
C GLY A 30 11.02 -1.55 -11.20
N ALA A 31 10.83 -2.74 -10.63
CA ALA A 31 11.90 -3.40 -9.90
C ALA A 31 12.14 -4.81 -10.44
N GLU A 32 13.38 -5.09 -10.82
CA GLU A 32 13.73 -6.41 -11.34
C GLU A 32 13.97 -7.39 -10.20
N ASP A 33 14.44 -6.88 -9.07
CA ASP A 33 14.71 -7.71 -7.91
C ASP A 33 13.40 -8.16 -7.26
N GLY A 34 12.31 -7.49 -7.63
CA GLY A 34 11.01 -7.82 -7.07
C GLY A 34 10.74 -7.03 -5.80
N CYS A 35 11.59 -6.05 -5.52
CA CYS A 35 11.43 -5.23 -4.32
C CYS A 35 10.81 -3.88 -4.68
N ILE A 36 10.09 -3.30 -3.73
CA ILE A 36 9.44 -2.01 -3.95
C ILE A 36 10.23 -0.90 -3.28
N SER A 37 10.68 0.06 -4.07
CA SER A 37 11.44 1.19 -3.56
C SER A 37 10.75 2.51 -3.88
N THR A 38 11.47 3.61 -3.68
CA THR A 38 10.91 4.93 -3.94
C THR A 38 10.65 5.09 -5.44
N LYS A 39 11.46 4.42 -6.26
CA LYS A 39 11.28 4.50 -7.70
C LYS A 39 9.93 3.93 -8.12
N GLU A 40 9.58 2.78 -7.56
CA GLU A 40 8.30 2.16 -7.87
C GLU A 40 7.15 3.03 -7.39
N LEU A 41 7.27 3.57 -6.18
CA LEU A 41 6.25 4.43 -5.63
C LEU A 41 6.17 5.74 -6.39
N GLY A 42 7.32 6.22 -6.85
CA GLY A 42 7.37 7.47 -7.61
C GLY A 42 6.55 7.36 -8.88
N LYS A 43 6.65 6.21 -9.55
CA LYS A 43 5.89 5.99 -10.78
C LYS A 43 4.40 5.93 -10.48
N VAL A 44 4.04 5.29 -9.38
CA VAL A 44 2.64 5.17 -8.99
C VAL A 44 2.04 6.55 -8.72
N MET A 45 2.76 7.35 -7.94
CA MET A 45 2.31 8.69 -7.62
C MET A 45 2.19 9.55 -8.88
N ARG A 46 3.16 9.38 -9.77
CA ARG A 46 3.18 10.15 -11.00
C ARG A 46 1.89 9.95 -11.79
N MET A 47 1.44 8.70 -11.87
CA MET A 47 0.20 8.39 -12.58
C MET A 47 -0.98 9.07 -11.89
N LEU A 48 -0.96 9.08 -10.57
CA LEU A 48 -2.03 9.69 -9.80
C LEU A 48 -2.08 11.19 -10.04
N GLY A 49 -0.98 11.74 -10.55
CA GLY A 49 -0.91 13.17 -10.83
C GLY A 49 -0.09 13.89 -9.76
N GLN A 50 0.53 13.12 -8.87
CA GLN A 50 1.34 13.71 -7.82
C GLN A 50 2.83 13.55 -8.13
N ASN A 51 3.57 14.64 -7.99
CA ASN A 51 5.01 14.62 -8.26
C ASN A 51 5.77 15.37 -7.17
N PRO A 52 5.74 14.87 -5.97
CA PRO A 52 6.46 15.49 -4.81
C PRO A 52 7.96 15.29 -4.91
N THR A 53 8.65 15.58 -3.81
CA THR A 53 10.10 15.44 -3.78
C THR A 53 10.51 14.03 -3.32
N PRO A 54 11.65 13.57 -3.77
CA PRO A 54 12.17 12.22 -3.41
C PRO A 54 12.40 12.08 -1.91
N GLU A 55 12.74 13.18 -1.26
CA GLU A 55 12.99 13.18 0.18
C GLU A 55 11.73 12.76 0.92
N GLU A 56 10.59 13.20 0.41
CA GLU A 56 9.30 12.88 1.04
C GLU A 56 9.00 11.40 0.90
N LEU A 57 9.30 10.86 -0.29
CA LEU A 57 9.06 9.44 -0.55
C LEU A 57 9.85 8.57 0.42
N GLN A 58 11.09 8.98 0.67
CA GLN A 58 11.95 8.22 1.58
C GLN A 58 11.41 8.28 3.01
N GLU A 59 10.96 9.45 3.42
CA GLU A 59 10.42 9.62 4.76
C GLU A 59 9.15 8.79 4.93
N MET A 60 8.33 8.75 3.88
CA MET A 60 7.09 7.99 3.92
C MET A 60 7.37 6.51 4.20
N ILE A 61 8.36 5.97 3.49
CA ILE A 61 8.72 4.58 3.66
C ILE A 61 9.17 4.32 5.10
N ASP A 62 9.94 5.24 5.65
CA ASP A 62 10.41 5.10 7.03
C ASP A 62 9.24 4.99 8.00
N GLU A 63 8.20 5.77 7.74
CA GLU A 63 7.02 5.75 8.61
C GLU A 63 6.37 4.38 8.60
N VAL A 64 6.30 3.77 7.43
CA VAL A 64 5.71 2.43 7.30
C VAL A 64 6.75 1.35 7.58
N ASP A 65 8.01 1.64 7.25
CA ASP A 65 9.09 0.69 7.47
C ASP A 65 9.62 0.78 8.90
N GLU A 66 9.46 -0.30 9.65
CA GLU A 66 9.90 -0.33 11.03
C GLU A 66 11.42 -0.37 11.10
N ASP A 67 12.04 -1.06 10.13
CA ASP A 67 13.49 -1.17 10.11
C ASP A 67 14.11 0.06 9.49
N GLY A 68 13.31 0.86 8.81
CA GLY A 68 13.80 2.09 8.19
C GLY A 68 14.77 1.75 7.06
N SER A 69 14.70 0.52 6.56
CA SER A 69 15.60 0.09 5.50
C SER A 69 15.40 0.94 4.25
N GLY A 70 14.25 1.58 4.15
CA GLY A 70 13.95 2.43 3.01
C GLY A 70 13.36 1.63 1.87
N THR A 71 13.11 0.34 2.12
CA THR A 71 12.54 -0.53 1.11
C THR A 71 11.32 -1.27 1.66
N VAL A 72 10.40 -1.63 0.77
CA VAL A 72 9.19 -2.35 1.17
C VAL A 72 9.12 -3.71 0.49
N ASP A 73 9.00 -4.75 1.30
CA ASP A 73 8.92 -6.11 0.76
C ASP A 73 7.48 -6.62 0.79
N PHE A 74 7.29 -7.87 0.38
CA PHE A 74 5.96 -8.46 0.37
C PHE A 74 5.35 -8.45 1.77
N ASP A 75 6.12 -8.90 2.75
CA ASP A 75 5.63 -8.95 4.12
C ASP A 75 5.24 -7.56 4.61
N GLU A 76 6.12 -6.58 4.37
CA GLU A 76 5.84 -5.20 4.76
C GLU A 76 4.65 -4.65 3.98
N PHE A 77 4.60 -4.97 2.70
CA PHE A 77 3.50 -4.53 1.85
C PHE A 77 2.17 -5.04 2.39
N LEU A 78 2.14 -6.33 2.73
CA LEU A 78 0.92 -6.93 3.25
C LEU A 78 0.47 -6.23 4.52
N VAL A 79 1.42 -5.96 5.41
CA VAL A 79 1.11 -5.30 6.67
C VAL A 79 0.57 -3.90 6.43
N MET A 80 1.20 -3.19 5.49
CA MET A 80 0.79 -1.84 5.18
C MET A 80 -0.62 -1.83 4.61
N MET A 81 -0.92 -2.83 3.78
CA MET A 81 -2.24 -2.92 3.16
C MET A 81 -3.32 -3.12 4.22
N VAL A 82 -3.07 -4.05 5.14
CA VAL A 82 -4.03 -4.32 6.20
C VAL A 82 -4.13 -3.13 7.15
N ARG A 83 -2.98 -2.54 7.48
CA ARG A 83 -2.94 -1.41 8.39
C ARG A 83 -3.76 -0.24 7.82
N CYS A 84 -3.58 0.03 6.54
CA CYS A 84 -4.30 1.13 5.90
C CYS A 84 -5.80 0.89 5.93
N MET A 85 -6.20 -0.36 5.66
CA MET A 85 -7.61 -0.71 5.64
C MET A 85 -8.22 -0.59 7.04
N LYS A 86 -7.51 -1.10 8.04
CA LYS A 86 -7.97 -1.04 9.41
C LYS A 86 -8.11 0.41 9.87
N ASP A 87 -7.14 1.24 9.47
CA ASP A 87 -7.16 2.64 9.86
C ASP A 87 -8.57 3.19 9.82
N ASP A 88 -9.41 2.62 8.97
CA ASP A 88 -10.80 3.04 8.86
C ASP A 88 -11.74 1.87 9.14
N SER A 89 -11.84 1.49 10.41
CA SER A 89 -12.72 0.40 10.79
C SER A 89 -14.00 0.93 11.42
N ARG B 1 -2.69 16.09 8.72
CA ARG B 1 -3.56 17.16 8.17
C ARG B 1 -3.47 17.15 6.65
N ARG B 2 -4.60 17.34 5.99
CA ARG B 2 -4.64 17.37 4.53
C ARG B 2 -3.95 16.13 3.96
N VAL B 3 -4.21 14.98 4.57
CA VAL B 3 -3.60 13.73 4.13
C VAL B 3 -3.86 13.52 2.64
N ARG B 4 -3.00 12.71 2.00
CA ARG B 4 -3.14 12.45 0.58
C ARG B 4 -3.36 10.96 0.34
N ILE B 5 -4.22 10.66 -0.63
CA ILE B 5 -4.51 9.27 -0.97
C ILE B 5 -4.81 8.46 0.30
N SER B 6 -6.02 8.65 0.84
CA SER B 6 -6.42 7.94 2.04
C SER B 6 -6.44 6.43 1.79
N ALA B 7 -6.87 6.05 0.59
CA ALA B 7 -6.94 4.63 0.23
C ALA B 7 -7.86 4.42 -0.97
N ASP B 8 -8.81 5.35 -1.14
CA ASP B 8 -9.75 5.25 -2.27
C ASP B 8 -9.02 5.43 -3.60
N ALA B 9 -8.19 6.45 -3.68
CA ALA B 9 -7.44 6.73 -4.90
C ALA B 9 -6.55 5.55 -5.25
N MET B 10 -5.91 4.97 -4.24
CA MET B 10 -5.02 3.83 -4.46
C MET B 10 -5.81 2.64 -5.01
N MET B 11 -6.98 2.39 -4.43
CA MET B 11 -7.81 1.27 -4.84
C MET B 11 -8.17 1.40 -6.32
N GLN B 12 -8.41 2.62 -6.77
CA GLN B 12 -8.75 2.87 -8.18
C GLN B 12 -7.51 2.69 -9.06
N ALA B 13 -6.35 3.06 -8.53
CA ALA B 13 -5.10 2.95 -9.28
C ALA B 13 -4.86 1.50 -9.67
N LEU B 14 -5.16 0.58 -8.76
CA LEU B 14 -4.97 -0.84 -9.02
C LEU B 14 -6.29 -1.60 -8.91
N LEU B 15 -6.25 -2.89 -9.18
CA LEU B 15 -7.46 -3.70 -9.13
C LEU B 15 -8.08 -3.64 -7.73
N GLY B 16 -7.50 -4.39 -6.80
CA GLY B 16 -7.99 -4.39 -5.42
C GLY B 16 -9.50 -4.60 -5.38
N ALA B 17 -10.18 -3.77 -4.59
CA ALA B 17 -11.64 -3.87 -4.47
C ALA B 17 -12.31 -2.61 -5.02
N ARG B 18 -13.40 -2.81 -5.75
CA ARG B 18 -14.14 -1.70 -6.33
C ARG B 18 -14.67 -0.78 -5.23
N HIS B 19 -15.11 -1.38 -4.12
CA HIS B 19 -15.65 -0.63 -3.00
C HIS B 19 -16.66 0.40 -3.51
N LYS B 20 -17.22 0.15 -4.68
CA LYS B 20 -18.21 1.06 -5.27
C LYS B 20 -17.64 2.47 -5.33
N GLU B 21 -18.45 3.45 -4.92
CA GLU B 21 -18.01 4.84 -4.94
C GLU B 21 -17.52 5.26 -3.57
N SER B 22 -17.64 4.37 -2.59
CA SER B 22 -17.20 4.67 -1.23
C SER B 22 -17.26 3.42 -0.37
N LEU B 23 -16.70 3.50 0.83
CA LEU B 23 -16.71 2.38 1.76
C LEU B 23 -17.70 2.61 2.89
N ASP B 24 -17.39 3.56 3.77
CA ASP B 24 -18.26 3.88 4.88
C ASP B 24 -18.33 5.38 5.10
N LEU B 25 -18.07 6.15 4.04
CA LEU B 25 -18.10 7.60 4.12
C LEU B 25 -19.39 8.14 3.54
N ARG B 26 -20.04 9.05 4.27
CA ARG B 26 -21.29 9.63 3.81
C ARG B 26 -21.05 10.62 2.68
N ALA B 27 -21.67 10.38 1.54
CA ALA B 27 -21.51 11.26 0.39
C ALA B 27 -20.03 11.51 0.11
N MET A 1 -0.18 -2.82 19.71
CA MET A 1 -0.25 -4.32 19.71
C MET A 1 0.11 -4.84 18.32
N ASP A 2 1.33 -5.35 18.19
CA ASP A 2 1.80 -5.89 16.92
C ASP A 2 1.00 -7.12 16.52
N ASP A 3 0.44 -7.79 17.53
CA ASP A 3 -0.34 -9.00 17.27
C ASP A 3 -1.57 -8.69 16.43
N ILE A 4 -1.99 -7.43 16.44
CA ILE A 4 -3.16 -7.02 15.66
C ILE A 4 -2.95 -7.32 14.18
N TYR A 5 -1.71 -7.13 13.72
CA TYR A 5 -1.39 -7.38 12.32
C TYR A 5 -1.44 -8.87 12.01
N LYS A 6 -0.93 -9.67 12.94
CA LYS A 6 -0.93 -11.11 12.76
C LYS A 6 -2.37 -11.63 12.69
N ALA A 7 -3.21 -11.11 13.58
CA ALA A 7 -4.61 -11.51 13.60
C ALA A 7 -5.32 -11.04 12.34
N ALA A 8 -4.98 -9.85 11.88
CA ALA A 8 -5.60 -9.31 10.68
C ALA A 8 -5.27 -10.17 9.47
N VAL A 9 -4.01 -10.57 9.38
CA VAL A 9 -3.56 -11.41 8.28
C VAL A 9 -4.31 -12.74 8.26
N GLU A 10 -4.39 -13.38 9.43
CA GLU A 10 -5.09 -14.65 9.55
C GLU A 10 -6.58 -14.47 9.32
N GLN A 11 -7.13 -13.39 9.87
CA GLN A 11 -8.56 -13.12 9.73
C GLN A 11 -8.93 -12.91 8.27
N LEU A 12 -8.06 -12.24 7.52
CA LEU A 12 -8.32 -11.99 6.11
C LEU A 12 -8.71 -13.28 5.39
N THR A 13 -9.73 -13.18 4.53
CA THR A 13 -10.20 -14.33 3.79
C THR A 13 -9.27 -14.64 2.63
N GLU A 14 -9.43 -15.82 2.05
CA GLU A 14 -8.58 -16.22 0.95
C GLU A 14 -8.76 -15.26 -0.22
N GLU A 15 -9.99 -14.81 -0.41
CA GLU A 15 -10.29 -13.88 -1.49
C GLU A 15 -9.59 -12.55 -1.27
N GLN A 16 -9.60 -12.08 -0.03
CA GLN A 16 -8.94 -10.82 0.29
C GLN A 16 -7.45 -10.91 0.03
N LYS A 17 -6.87 -12.05 0.39
CA LYS A 17 -5.44 -12.27 0.18
C LYS A 17 -5.14 -12.32 -1.30
N ASN A 18 -6.02 -12.94 -2.06
CA ASN A 18 -5.80 -13.05 -3.48
C ASN A 18 -5.74 -11.66 -4.12
N GLU A 19 -6.65 -10.79 -3.70
CA GLU A 19 -6.68 -9.43 -4.23
C GLU A 19 -5.40 -8.68 -3.87
N PHE A 20 -4.91 -8.89 -2.65
CA PHE A 20 -3.69 -8.24 -2.20
C PHE A 20 -2.51 -8.66 -3.07
N LYS A 21 -2.42 -9.96 -3.38
CA LYS A 21 -1.33 -10.44 -4.22
C LYS A 21 -1.35 -9.77 -5.59
N ALA A 22 -2.54 -9.59 -6.15
CA ALA A 22 -2.66 -8.93 -7.45
C ALA A 22 -2.14 -7.51 -7.38
N ALA A 23 -2.49 -6.81 -6.31
CA ALA A 23 -2.05 -5.43 -6.14
C ALA A 23 -0.54 -5.35 -6.02
N PHE A 24 0.06 -6.29 -5.31
CA PHE A 24 1.49 -6.31 -5.13
C PHE A 24 2.19 -6.45 -6.49
N ASP A 25 1.66 -7.33 -7.33
CA ASP A 25 2.24 -7.55 -8.66
C ASP A 25 2.23 -6.25 -9.46
N ILE A 26 1.14 -5.51 -9.37
CA ILE A 26 1.03 -4.24 -10.06
C ILE A 26 1.99 -3.20 -9.48
N PHE A 27 2.08 -3.17 -8.16
CA PHE A 27 2.97 -2.22 -7.49
C PHE A 27 4.40 -2.38 -7.98
N VAL A 28 4.83 -3.62 -8.17
CA VAL A 28 6.19 -3.88 -8.64
C VAL A 28 6.29 -3.75 -10.16
N LEU A 29 5.38 -2.96 -10.73
CA LEU A 29 5.37 -2.74 -12.18
C LEU A 29 6.78 -2.51 -12.71
N GLY A 30 7.63 -1.88 -11.89
CA GLY A 30 8.99 -1.58 -12.30
C GLY A 30 10.02 -2.28 -11.40
N ALA A 31 9.62 -3.38 -10.77
CA ALA A 31 10.52 -4.12 -9.89
C ALA A 31 10.40 -5.62 -10.13
N GLU A 32 11.27 -6.14 -10.99
CA GLU A 32 11.25 -7.57 -11.30
C GLU A 32 11.80 -8.36 -10.12
N ASP A 33 12.39 -7.65 -9.18
CA ASP A 33 12.96 -8.29 -8.00
C ASP A 33 11.87 -8.54 -6.95
N GLY A 34 10.71 -7.94 -7.15
CA GLY A 34 9.61 -8.11 -6.21
C GLY A 34 9.76 -7.17 -5.02
N CYS A 35 10.50 -6.09 -5.22
CA CYS A 35 10.72 -5.12 -4.15
C CYS A 35 10.29 -3.72 -4.61
N ILE A 36 9.70 -2.97 -3.68
CA ILE A 36 9.25 -1.61 -3.98
C ILE A 36 10.17 -0.59 -3.31
N SER A 37 10.71 0.31 -4.13
CA SER A 37 11.61 1.34 -3.63
C SER A 37 11.09 2.73 -3.99
N THR A 38 11.95 3.73 -3.86
CA THR A 38 11.56 5.09 -4.16
C THR A 38 11.27 5.25 -5.65
N LYS A 39 11.94 4.46 -6.47
CA LYS A 39 11.75 4.54 -7.91
C LYS A 39 10.31 4.19 -8.28
N GLU A 40 9.82 3.06 -7.77
CA GLU A 40 8.46 2.66 -8.07
C GLU A 40 7.45 3.56 -7.37
N LEU A 41 7.77 3.94 -6.14
CA LEU A 41 6.88 4.79 -5.38
C LEU A 41 6.78 6.17 -6.04
N GLY A 42 7.91 6.65 -6.53
CA GLY A 42 7.95 7.94 -7.19
C GLY A 42 7.07 7.95 -8.43
N LYS A 43 7.05 6.83 -9.17
CA LYS A 43 6.25 6.75 -10.38
C LYS A 43 4.77 6.81 -10.05
N VAL A 44 4.38 6.12 -9.00
CA VAL A 44 3.00 6.12 -8.58
C VAL A 44 2.57 7.52 -8.16
N MET A 45 3.46 8.20 -7.45
CA MET A 45 3.14 9.55 -6.98
C MET A 45 2.86 10.47 -8.16
N ARG A 46 3.65 10.34 -9.22
CA ARG A 46 3.46 11.17 -10.39
C ARG A 46 2.08 10.92 -11.01
N MET A 47 1.67 9.66 -11.02
CA MET A 47 0.36 9.28 -11.57
C MET A 47 -0.75 9.96 -10.77
N LEU A 48 -0.56 10.02 -9.46
CA LEU A 48 -1.54 10.63 -8.56
C LEU A 48 -1.60 12.14 -8.78
N GLY A 49 -0.58 12.68 -9.45
CA GLY A 49 -0.53 14.11 -9.72
C GLY A 49 0.41 14.82 -8.75
N GLN A 50 1.16 14.04 -7.97
CA GLN A 50 2.08 14.61 -7.01
C GLN A 50 3.52 14.35 -7.45
N ASN A 51 4.38 15.34 -7.23
CA ASN A 51 5.78 15.22 -7.61
C ASN A 51 6.69 15.83 -6.55
N PRO A 52 6.83 15.16 -5.43
CA PRO A 52 7.68 15.64 -4.31
C PRO A 52 9.16 15.43 -4.57
N THR A 53 9.98 15.65 -3.54
CA THR A 53 11.41 15.49 -3.68
C THR A 53 11.85 14.08 -3.28
N PRO A 54 12.97 13.60 -3.80
CA PRO A 54 13.48 12.22 -3.45
C PRO A 54 13.59 12.02 -1.93
N GLU A 55 14.00 13.06 -1.21
CA GLU A 55 14.16 12.97 0.24
C GLU A 55 12.83 12.66 0.92
N GLU A 56 11.77 13.24 0.38
CA GLU A 56 10.43 13.02 0.93
C GLU A 56 10.01 11.59 0.74
N LEU A 57 10.33 11.06 -0.44
CA LEU A 57 9.99 9.68 -0.77
C LEU A 57 10.69 8.73 0.18
N GLN A 58 11.95 9.02 0.46
CA GLN A 58 12.73 8.16 1.35
C GLN A 58 12.16 8.22 2.76
N GLU A 59 11.78 9.41 3.20
CA GLU A 59 11.21 9.60 4.52
C GLU A 59 9.89 8.85 4.66
N MET A 60 9.08 8.90 3.61
CA MET A 60 7.80 8.21 3.63
C MET A 60 7.98 6.72 3.86
N ILE A 61 8.96 6.14 3.18
CA ILE A 61 9.23 4.72 3.32
C ILE A 61 9.79 4.41 4.71
N ASP A 62 10.65 5.30 5.21
CA ASP A 62 11.27 5.12 6.52
C ASP A 62 10.20 5.02 7.60
N GLU A 63 9.15 5.84 7.48
CA GLU A 63 8.07 5.84 8.46
C GLU A 63 7.39 4.47 8.49
N VAL A 64 7.23 3.85 7.32
CA VAL A 64 6.58 2.55 7.23
C VAL A 64 7.60 1.41 7.36
N ASP A 65 8.82 1.66 6.91
CA ASP A 65 9.88 0.66 6.95
C ASP A 65 10.51 0.58 8.34
N GLU A 66 10.36 -0.57 8.97
CA GLU A 66 10.92 -0.78 10.30
C GLU A 66 12.42 -1.01 10.24
N ASP A 67 12.87 -1.73 9.21
CA ASP A 67 14.29 -2.02 9.06
C ASP A 67 15.04 -0.81 8.53
N GLY A 68 14.30 0.18 8.05
CA GLY A 68 14.91 1.39 7.54
C GLY A 68 15.67 1.10 6.25
N SER A 69 15.40 -0.06 5.66
CA SER A 69 16.07 -0.45 4.43
C SER A 69 15.73 0.52 3.31
N GLY A 70 14.61 1.22 3.43
CA GLY A 70 14.21 2.18 2.41
C GLY A 70 13.36 1.49 1.33
N THR A 71 13.04 0.22 1.55
CA THR A 71 12.23 -0.53 0.60
C THR A 71 11.14 -1.30 1.32
N VAL A 72 10.09 -1.67 0.57
CA VAL A 72 8.98 -2.42 1.16
C VAL A 72 8.88 -3.80 0.50
N ASP A 73 8.92 -4.83 1.32
CA ASP A 73 8.83 -6.21 0.83
C ASP A 73 7.37 -6.68 0.89
N PHE A 74 7.17 -7.98 0.67
CA PHE A 74 5.82 -8.54 0.71
C PHE A 74 5.16 -8.38 2.07
N ASP A 75 5.86 -8.77 3.13
CA ASP A 75 5.32 -8.67 4.47
C ASP A 75 5.05 -7.21 4.86
N GLU A 76 6.01 -6.35 4.55
CA GLU A 76 5.87 -4.92 4.87
C GLU A 76 4.72 -4.31 4.08
N PHE A 77 4.63 -4.69 2.80
CA PHE A 77 3.58 -4.17 1.94
C PHE A 77 2.21 -4.59 2.48
N LEU A 78 2.09 -5.86 2.84
CA LEU A 78 0.82 -6.37 3.34
C LEU A 78 0.42 -5.62 4.61
N VAL A 79 1.39 -5.37 5.48
CA VAL A 79 1.15 -4.65 6.72
C VAL A 79 0.64 -3.24 6.46
N MET A 80 1.23 -2.60 5.47
CA MET A 80 0.84 -1.23 5.12
C MET A 80 -0.61 -1.20 4.66
N MET A 81 -0.98 -2.22 3.90
CA MET A 81 -2.34 -2.30 3.37
C MET A 81 -3.35 -2.39 4.53
N VAL A 82 -3.06 -3.25 5.48
CA VAL A 82 -3.93 -3.41 6.64
C VAL A 82 -3.97 -2.14 7.47
N ARG A 83 -2.82 -1.50 7.65
CA ARG A 83 -2.74 -0.28 8.44
C ARG A 83 -3.70 0.77 7.89
N CYS A 84 -3.74 0.91 6.56
CA CYS A 84 -4.63 1.88 5.94
C CYS A 84 -6.09 1.54 6.25
N MET A 85 -6.43 0.26 6.11
CA MET A 85 -7.79 -0.19 6.39
C MET A 85 -8.16 0.09 7.85
N LYS A 86 -7.15 0.08 8.71
CA LYS A 86 -7.37 0.31 10.14
C LYS A 86 -7.26 1.81 10.46
N ASP A 87 -7.16 2.63 9.42
CA ASP A 87 -7.04 4.07 9.60
C ASP A 87 -7.96 4.53 10.73
N ASP A 88 -7.36 4.95 11.84
CA ASP A 88 -8.12 5.42 12.98
C ASP A 88 -7.67 6.82 13.39
N SER A 89 -8.06 7.81 12.60
CA SER A 89 -7.69 9.18 12.88
C SER A 89 -8.69 9.81 13.85
N ARG B 1 -4.77 10.85 8.86
CA ARG B 1 -4.65 12.33 8.74
C ARG B 1 -4.29 12.70 7.31
N ARG B 2 -4.18 13.99 7.03
CA ARG B 2 -3.83 14.46 5.69
C ARG B 2 -2.41 14.04 5.33
N VAL B 3 -1.71 13.49 6.31
CA VAL B 3 -0.33 13.04 6.09
C VAL B 3 -0.27 12.04 4.93
N ARG B 4 -1.36 11.29 4.75
CA ARG B 4 -1.43 10.30 3.68
C ARG B 4 -2.44 10.72 2.62
N ILE B 5 -2.42 10.03 1.48
CA ILE B 5 -3.34 10.36 0.39
C ILE B 5 -4.66 9.64 0.58
N SER B 6 -5.69 10.09 -0.12
CA SER B 6 -7.00 9.48 -0.01
C SER B 6 -6.92 8.00 -0.35
N ALA B 7 -7.41 7.17 0.57
CA ALA B 7 -7.41 5.73 0.38
C ALA B 7 -8.26 5.36 -0.82
N ASP B 8 -9.37 6.06 -0.98
CA ASP B 8 -10.29 5.80 -2.09
C ASP B 8 -9.56 6.00 -3.42
N ALA B 9 -8.76 7.06 -3.51
CA ALA B 9 -8.02 7.33 -4.73
C ALA B 9 -7.07 6.19 -5.06
N MET B 10 -6.38 5.69 -4.03
CA MET B 10 -5.45 4.58 -4.22
C MET B 10 -6.19 3.34 -4.72
N MET B 11 -7.30 3.03 -4.08
CA MET B 11 -8.10 1.87 -4.46
C MET B 11 -8.63 2.03 -5.88
N GLN B 12 -9.05 3.24 -6.22
CA GLN B 12 -9.57 3.49 -7.56
C GLN B 12 -8.52 3.20 -8.62
N ALA B 13 -7.29 3.66 -8.37
CA ALA B 13 -6.21 3.43 -9.32
C ALA B 13 -5.94 1.94 -9.51
N LEU B 14 -5.92 1.21 -8.39
CA LEU B 14 -5.68 -0.23 -8.45
C LEU B 14 -6.82 -0.94 -9.15
N LEU B 15 -8.05 -0.52 -8.85
CA LEU B 15 -9.22 -1.14 -9.46
C LEU B 15 -10.20 -0.06 -9.90
N GLY B 16 -10.31 0.14 -11.21
CA GLY B 16 -11.20 1.13 -11.77
C GLY B 16 -12.53 0.50 -12.17
N ALA B 17 -12.73 -0.76 -11.76
CA ALA B 17 -13.96 -1.47 -12.10
C ALA B 17 -14.38 -2.38 -10.95
N ARG B 18 -15.66 -2.73 -10.92
CA ARG B 18 -16.19 -3.61 -9.86
C ARG B 18 -15.90 -3.03 -8.50
N HIS B 19 -16.17 -1.73 -8.34
CA HIS B 19 -15.94 -1.05 -7.07
C HIS B 19 -16.81 0.19 -6.96
N LYS B 20 -17.65 0.24 -5.93
CA LYS B 20 -18.54 1.37 -5.72
C LYS B 20 -17.74 2.57 -5.22
N GLU B 21 -18.18 3.77 -5.60
CA GLU B 21 -17.51 4.99 -5.20
C GLU B 21 -17.42 5.07 -3.68
N SER B 22 -18.28 4.33 -3.00
CA SER B 22 -18.29 4.33 -1.54
C SER B 22 -17.46 3.16 -1.01
N LEU B 23 -17.27 2.13 -1.84
CA LEU B 23 -16.52 0.96 -1.44
C LEU B 23 -17.29 0.13 -0.41
N ASP B 24 -17.14 -1.19 -0.49
CA ASP B 24 -17.82 -2.09 0.44
C ASP B 24 -16.92 -2.42 1.62
N LEU B 25 -17.52 -3.02 2.65
CA LEU B 25 -16.77 -3.39 3.84
C LEU B 25 -15.93 -4.64 3.58
N ARG B 26 -16.49 -5.55 2.78
CA ARG B 26 -15.79 -6.79 2.46
C ARG B 26 -15.69 -6.96 0.94
N ALA B 27 -14.46 -6.95 0.45
CA ALA B 27 -14.22 -7.09 -0.98
C ALA B 27 -14.90 -8.36 -1.50
N MET A 1 3.07 -5.23 19.68
CA MET A 1 2.44 -6.58 19.54
C MET A 1 2.05 -6.81 18.09
N ASP A 2 3.02 -7.28 17.29
CA ASP A 2 2.77 -7.55 15.87
C ASP A 2 1.82 -8.73 15.73
N ASP A 3 1.48 -9.35 16.84
CA ASP A 3 0.58 -10.49 16.83
C ASP A 3 -0.79 -10.08 16.31
N ILE A 4 -1.18 -8.84 16.59
CA ILE A 4 -2.47 -8.33 16.14
C ILE A 4 -2.55 -8.31 14.63
N TYR A 5 -1.50 -7.77 14.01
CA TYR A 5 -1.44 -7.69 12.56
C TYR A 5 -1.33 -9.08 11.94
N LYS A 6 -0.54 -9.95 12.58
CA LYS A 6 -0.37 -11.29 12.09
C LYS A 6 -1.71 -12.01 12.06
N ALA A 7 -2.45 -11.89 13.17
CA ALA A 7 -3.77 -12.50 13.25
C ALA A 7 -4.71 -11.89 12.22
N ALA A 8 -4.63 -10.58 12.04
CA ALA A 8 -5.49 -9.91 11.07
C ALA A 8 -5.18 -10.41 9.66
N VAL A 9 -3.88 -10.57 9.39
CA VAL A 9 -3.44 -11.04 8.09
C VAL A 9 -3.96 -12.45 7.80
N GLU A 10 -3.83 -13.33 8.79
CA GLU A 10 -4.30 -14.70 8.62
C GLU A 10 -5.83 -14.75 8.60
N GLN A 11 -6.45 -13.92 9.43
CA GLN A 11 -7.91 -13.88 9.50
C GLN A 11 -8.50 -13.25 8.24
N LEU A 12 -7.68 -12.50 7.52
CA LEU A 12 -8.12 -11.84 6.29
C LEU A 12 -8.74 -12.85 5.34
N THR A 13 -9.72 -12.40 4.56
CA THR A 13 -10.38 -13.27 3.62
C THR A 13 -9.51 -13.50 2.40
N GLU A 14 -9.82 -14.54 1.66
CA GLU A 14 -9.07 -14.87 0.46
C GLU A 14 -9.24 -13.77 -0.57
N GLU A 15 -10.44 -13.25 -0.67
CA GLU A 15 -10.74 -12.19 -1.63
C GLU A 15 -9.92 -10.94 -1.32
N GLN A 16 -9.85 -10.57 -0.05
CA GLN A 16 -9.08 -9.39 0.34
C GLN A 16 -7.61 -9.60 0.01
N LYS A 17 -7.13 -10.81 0.26
CA LYS A 17 -5.74 -11.14 -0.03
C LYS A 17 -5.47 -11.05 -1.52
N ASN A 18 -6.41 -11.51 -2.32
CA ASN A 18 -6.24 -11.47 -3.76
C ASN A 18 -6.20 -10.02 -4.27
N GLU A 19 -7.05 -9.18 -3.71
CA GLU A 19 -7.11 -7.78 -4.11
C GLU A 19 -5.78 -7.07 -3.84
N PHE A 20 -5.18 -7.37 -2.70
CA PHE A 20 -3.91 -6.78 -2.32
C PHE A 20 -2.75 -7.38 -3.14
N LYS A 21 -2.82 -8.69 -3.37
CA LYS A 21 -1.78 -9.37 -4.12
C LYS A 21 -1.64 -8.77 -5.52
N ALA A 22 -2.78 -8.47 -6.14
CA ALA A 22 -2.77 -7.88 -7.47
C ALA A 22 -2.06 -6.54 -7.46
N ALA A 23 -2.31 -5.75 -6.43
CA ALA A 23 -1.67 -4.44 -6.30
C ALA A 23 -0.17 -4.59 -6.17
N PHE A 24 0.26 -5.61 -5.41
CA PHE A 24 1.68 -5.85 -5.21
C PHE A 24 2.37 -6.08 -6.55
N ASP A 25 1.76 -6.91 -7.39
CA ASP A 25 2.33 -7.20 -8.70
C ASP A 25 2.48 -5.91 -9.50
N ILE A 26 1.44 -5.06 -9.47
CA ILE A 26 1.48 -3.80 -10.18
C ILE A 26 2.54 -2.87 -9.59
N PHE A 27 2.61 -2.82 -8.27
CA PHE A 27 3.60 -1.98 -7.59
C PHE A 27 5.02 -2.35 -7.98
N VAL A 28 5.27 -3.66 -8.10
CA VAL A 28 6.60 -4.13 -8.48
C VAL A 28 6.68 -4.35 -9.98
N LEU A 29 5.97 -3.50 -10.75
CA LEU A 29 5.95 -3.60 -12.20
C LEU A 29 7.31 -3.98 -12.76
N GLY A 30 7.63 -5.27 -12.72
CA GLY A 30 8.92 -5.73 -13.23
C GLY A 30 10.06 -5.16 -12.40
N ALA A 31 9.83 -4.92 -11.11
CA ALA A 31 10.86 -4.36 -10.26
C ALA A 31 12.17 -5.10 -10.46
N GLU A 32 13.24 -4.34 -10.63
CA GLU A 32 14.56 -4.93 -10.84
C GLU A 32 14.98 -5.74 -9.63
N ASP A 33 14.73 -5.19 -8.45
CA ASP A 33 15.08 -5.86 -7.21
C ASP A 33 13.99 -6.83 -6.78
N GLY A 34 12.81 -6.72 -7.41
CA GLY A 34 11.70 -7.60 -7.08
C GLY A 34 10.99 -7.12 -5.83
N CYS A 35 11.34 -5.91 -5.40
CA CYS A 35 10.75 -5.33 -4.20
C CYS A 35 10.33 -3.89 -4.46
N ILE A 36 9.49 -3.34 -3.57
CA ILE A 36 9.05 -1.97 -3.73
C ILE A 36 10.00 -1.04 -2.99
N SER A 37 10.60 -0.13 -3.74
CA SER A 37 11.54 0.82 -3.16
C SER A 37 11.10 2.24 -3.48
N THR A 38 11.96 3.20 -3.22
CA THR A 38 11.64 4.59 -3.49
C THR A 38 11.39 4.80 -4.99
N LYS A 39 12.10 4.03 -5.82
CA LYS A 39 11.94 4.16 -7.26
C LYS A 39 10.54 3.74 -7.70
N GLU A 40 10.09 2.59 -7.17
CA GLU A 40 8.76 2.09 -7.51
C GLU A 40 7.69 3.04 -7.00
N LEU A 41 7.90 3.55 -5.80
CA LEU A 41 6.95 4.47 -5.20
C LEU A 41 6.80 5.72 -6.07
N GLY A 42 7.91 6.19 -6.61
CA GLY A 42 7.90 7.37 -7.47
C GLY A 42 7.01 7.15 -8.69
N LYS A 43 7.06 5.94 -9.24
CA LYS A 43 6.24 5.61 -10.41
C LYS A 43 4.77 5.66 -10.06
N VAL A 44 4.42 4.98 -8.97
CA VAL A 44 3.04 4.93 -8.50
C VAL A 44 2.55 6.32 -8.13
N MET A 45 3.37 7.05 -7.41
CA MET A 45 3.01 8.39 -6.97
C MET A 45 2.74 9.28 -8.18
N ARG A 46 3.53 9.10 -9.23
CA ARG A 46 3.38 9.91 -10.42
C ARG A 46 1.93 9.86 -10.90
N MET A 47 1.30 8.69 -10.79
CA MET A 47 -0.10 8.53 -11.20
C MET A 47 -1.01 9.42 -10.36
N LEU A 48 -0.70 9.49 -9.07
CA LEU A 48 -1.47 10.30 -8.15
C LEU A 48 -1.29 11.79 -8.45
N GLY A 49 -0.18 12.11 -9.12
CA GLY A 49 0.11 13.50 -9.45
C GLY A 49 1.10 14.10 -8.46
N GLN A 50 1.73 13.24 -7.66
CA GLN A 50 2.70 13.69 -6.67
C GLN A 50 4.11 13.28 -7.06
N ASN A 51 5.04 14.20 -6.88
CA ASN A 51 6.44 13.96 -7.20
C ASN A 51 7.35 14.54 -6.13
N PRO A 52 7.41 13.94 -4.98
CA PRO A 52 8.26 14.42 -3.85
C PRO A 52 9.74 14.05 -4.05
N THR A 53 10.56 14.38 -3.06
CA THR A 53 11.99 14.11 -3.14
C THR A 53 12.31 12.64 -2.82
N PRO A 54 13.35 12.09 -3.40
CA PRO A 54 13.73 10.67 -3.13
C PRO A 54 14.17 10.45 -1.68
N GLU A 55 14.79 11.47 -1.11
CA GLU A 55 15.28 11.40 0.25
C GLU A 55 14.16 11.26 1.27
N GLU A 56 13.09 12.02 1.08
CA GLU A 56 11.98 11.97 2.02
C GLU A 56 11.20 10.67 1.80
N LEU A 57 11.21 10.19 0.56
CA LEU A 57 10.53 8.94 0.25
C LEU A 57 11.16 7.81 1.03
N GLN A 58 12.49 7.83 1.13
CA GLN A 58 13.18 6.78 1.85
C GLN A 58 12.87 6.88 3.34
N GLU A 59 12.81 8.11 3.84
CA GLU A 59 12.52 8.33 5.26
C GLU A 59 11.14 7.79 5.61
N MET A 60 10.15 8.00 4.72
CA MET A 60 8.81 7.48 4.98
C MET A 60 8.83 5.97 5.10
N ILE A 61 9.56 5.32 4.21
CA ILE A 61 9.66 3.87 4.23
C ILE A 61 10.33 3.41 5.51
N ASP A 62 11.41 4.09 5.88
CA ASP A 62 12.16 3.74 7.08
C ASP A 62 11.26 3.82 8.32
N GLU A 63 10.45 4.88 8.40
CA GLU A 63 9.56 5.06 9.55
C GLU A 63 8.54 3.92 9.62
N VAL A 64 8.00 3.55 8.47
CA VAL A 64 7.01 2.48 8.41
C VAL A 64 7.68 1.11 8.47
N ASP A 65 8.88 1.05 7.90
CA ASP A 65 9.63 -0.20 7.86
C ASP A 65 10.27 -0.49 9.21
N GLU A 66 9.83 -1.57 9.84
CA GLU A 66 10.34 -1.96 11.14
C GLU A 66 11.83 -2.26 11.07
N ASP A 67 12.25 -2.92 9.99
CA ASP A 67 13.66 -3.27 9.81
C ASP A 67 14.45 -2.11 9.22
N GLY A 68 13.76 -1.10 8.73
CA GLY A 68 14.44 0.06 8.15
C GLY A 68 15.18 -0.34 6.88
N SER A 69 14.73 -1.42 6.26
CA SER A 69 15.37 -1.91 5.04
C SER A 69 15.36 -0.84 3.96
N GLY A 70 14.35 0.02 3.98
CA GLY A 70 14.23 1.08 2.99
C GLY A 70 13.32 0.67 1.85
N THR A 71 12.85 -0.58 1.90
CA THR A 71 11.96 -1.10 0.86
C THR A 71 10.80 -1.84 1.51
N VAL A 72 9.73 -2.06 0.75
CA VAL A 72 8.57 -2.77 1.26
C VAL A 72 8.45 -4.14 0.61
N ASP A 73 8.42 -5.16 1.45
CA ASP A 73 8.31 -6.54 0.98
C ASP A 73 6.84 -6.97 0.97
N PHE A 74 6.59 -8.20 0.54
CA PHE A 74 5.22 -8.70 0.45
C PHE A 74 4.55 -8.69 1.83
N ASP A 75 5.24 -9.23 2.84
CA ASP A 75 4.71 -9.26 4.19
C ASP A 75 4.60 -7.86 4.77
N GLU A 76 5.62 -7.03 4.50
CA GLU A 76 5.63 -5.68 5.00
C GLU A 76 4.48 -4.88 4.41
N PHE A 77 4.20 -5.11 3.13
CA PHE A 77 3.11 -4.42 2.46
C PHE A 77 1.80 -4.76 3.14
N LEU A 78 1.62 -6.04 3.48
CA LEU A 78 0.40 -6.48 4.14
C LEU A 78 0.18 -5.72 5.45
N VAL A 79 1.25 -5.57 6.22
CA VAL A 79 1.15 -4.85 7.49
C VAL A 79 0.79 -3.39 7.28
N MET A 80 1.44 -2.78 6.30
CA MET A 80 1.19 -1.37 6.00
C MET A 80 -0.24 -1.20 5.49
N MET A 81 -0.69 -2.17 4.72
CA MET A 81 -2.03 -2.12 4.15
C MET A 81 -3.08 -2.07 5.25
N VAL A 82 -2.96 -2.98 6.22
CA VAL A 82 -3.91 -3.02 7.33
C VAL A 82 -3.81 -1.74 8.16
N ARG A 83 -2.57 -1.30 8.40
CA ARG A 83 -2.34 -0.11 9.19
C ARG A 83 -3.00 1.09 8.55
N CYS A 84 -2.90 1.21 7.23
CA CYS A 84 -3.50 2.32 6.50
C CYS A 84 -5.02 2.29 6.69
N MET A 85 -5.60 1.11 6.59
CA MET A 85 -7.05 0.96 6.75
C MET A 85 -7.50 1.49 8.11
N LYS A 86 -6.73 1.15 9.16
CA LYS A 86 -7.07 1.60 10.51
C LYS A 86 -7.00 3.12 10.60
N ASP A 87 -6.00 3.71 9.96
CA ASP A 87 -5.84 5.15 9.97
C ASP A 87 -5.21 5.63 8.66
N ASP A 88 -5.62 6.82 8.22
CA ASP A 88 -5.09 7.38 6.99
C ASP A 88 -4.10 8.49 7.29
N SER A 89 -2.93 8.10 7.79
CA SER A 89 -1.90 9.05 8.14
C SER A 89 -1.22 9.59 6.86
N ARG B 1 -8.15 20.37 -1.33
CA ARG B 1 -9.15 20.29 -0.22
C ARG B 1 -10.28 19.35 -0.65
N ARG B 2 -10.58 19.35 -1.94
CA ARG B 2 -11.64 18.50 -2.48
C ARG B 2 -11.09 17.14 -2.90
N VAL B 3 -9.77 16.97 -2.75
CA VAL B 3 -9.12 15.72 -3.12
C VAL B 3 -8.54 15.04 -1.88
N ARG B 4 -8.74 13.74 -1.77
CA ARG B 4 -8.24 12.99 -0.63
C ARG B 4 -7.67 11.65 -1.09
N ILE B 5 -6.64 11.17 -0.41
CA ILE B 5 -6.03 9.89 -0.77
C ILE B 5 -6.86 8.73 -0.21
N SER B 6 -6.93 8.66 1.12
CA SER B 6 -7.70 7.62 1.80
C SER B 6 -7.44 6.23 1.20
N ALA B 7 -7.91 5.20 1.90
CA ALA B 7 -7.72 3.84 1.41
C ALA B 7 -8.62 3.59 0.19
N ASP B 8 -9.86 4.08 0.26
CA ASP B 8 -10.81 3.89 -0.83
C ASP B 8 -10.41 4.65 -2.08
N ALA B 9 -10.09 5.94 -1.93
CA ALA B 9 -9.69 6.74 -3.09
C ALA B 9 -8.41 6.19 -3.70
N MET B 10 -7.48 5.76 -2.85
CA MET B 10 -6.22 5.22 -3.33
C MET B 10 -6.48 3.99 -4.22
N MET B 11 -7.33 3.08 -3.75
CA MET B 11 -7.63 1.89 -4.54
C MET B 11 -8.32 2.26 -5.84
N GLN B 12 -9.23 3.22 -5.77
CA GLN B 12 -9.96 3.65 -6.96
C GLN B 12 -9.01 4.27 -7.98
N ALA B 13 -8.08 5.09 -7.50
CA ALA B 13 -7.12 5.73 -8.39
C ALA B 13 -6.24 4.68 -9.08
N LEU B 14 -5.84 3.67 -8.31
CA LEU B 14 -4.99 2.61 -8.85
C LEU B 14 -5.69 1.87 -9.99
N LEU B 15 -6.88 1.35 -9.71
CA LEU B 15 -7.64 0.63 -10.73
C LEU B 15 -8.15 1.59 -11.81
N GLY B 16 -8.58 2.77 -11.38
CA GLY B 16 -9.10 3.76 -12.30
C GLY B 16 -10.54 3.43 -12.72
N ALA B 17 -11.07 4.20 -13.67
CA ALA B 17 -12.43 3.97 -14.15
C ALA B 17 -13.38 3.79 -12.97
N ARG B 18 -14.14 2.71 -12.98
CA ARG B 18 -15.09 2.42 -11.91
C ARG B 18 -14.93 0.99 -11.42
N HIS B 19 -15.22 0.78 -10.14
CA HIS B 19 -15.12 -0.55 -9.56
C HIS B 19 -16.35 -0.84 -8.70
N LYS B 20 -16.80 -2.09 -8.73
CA LYS B 20 -17.97 -2.49 -7.95
C LYS B 20 -17.56 -3.07 -6.60
N GLU B 21 -17.42 -2.20 -5.62
CA GLU B 21 -17.03 -2.63 -4.29
C GLU B 21 -17.63 -1.70 -3.24
N SER B 22 -18.61 -2.21 -2.49
CA SER B 22 -19.26 -1.42 -1.46
C SER B 22 -18.54 -1.59 -0.11
N LEU B 23 -17.47 -2.37 -0.13
CA LEU B 23 -16.69 -2.62 1.09
C LEU B 23 -17.57 -3.26 2.16
N ASP B 24 -17.13 -4.40 2.68
CA ASP B 24 -17.88 -5.11 3.70
C ASP B 24 -17.70 -4.45 5.07
N LEU B 25 -18.80 -4.31 5.80
CA LEU B 25 -18.75 -3.71 7.13
C LEU B 25 -17.84 -2.49 7.15
N ARG B 26 -18.30 -1.40 6.56
CA ARG B 26 -17.50 -0.17 6.52
C ARG B 26 -17.19 0.32 7.93
N ALA B 27 -18.18 0.24 8.82
CA ALA B 27 -17.99 0.68 10.19
C ALA B 27 -17.54 2.13 10.24
N MET A 1 2.55 -10.83 21.17
CA MET A 1 3.23 -9.77 20.36
C MET A 1 2.59 -9.69 18.99
N ASP A 2 2.30 -8.48 18.55
CA ASP A 2 1.68 -8.27 17.23
C ASP A 2 0.42 -9.12 17.10
N ASP A 3 -0.32 -9.24 18.20
CA ASP A 3 -1.55 -10.02 18.21
C ASP A 3 -2.58 -9.42 17.25
N ILE A 4 -2.64 -8.09 17.22
CA ILE A 4 -3.59 -7.39 16.36
C ILE A 4 -3.33 -7.74 14.89
N TYR A 5 -2.08 -7.70 14.48
CA TYR A 5 -1.71 -8.01 13.11
C TYR A 5 -2.01 -9.48 12.79
N LYS A 6 -1.71 -10.36 13.74
CA LYS A 6 -1.97 -11.78 13.54
C LYS A 6 -3.46 -12.01 13.39
N ALA A 7 -4.23 -11.40 14.27
CA ALA A 7 -5.68 -11.53 14.22
C ALA A 7 -6.20 -10.92 12.92
N ALA A 8 -5.64 -9.79 12.51
CA ALA A 8 -6.10 -9.14 11.29
C ALA A 8 -5.88 -10.07 10.10
N VAL A 9 -4.72 -10.70 10.08
CA VAL A 9 -4.37 -11.62 9.01
C VAL A 9 -5.34 -12.81 8.98
N GLU A 10 -5.58 -13.41 10.15
CA GLU A 10 -6.48 -14.55 10.24
C GLU A 10 -7.90 -14.14 9.88
N GLN A 11 -8.31 -12.95 10.33
CA GLN A 11 -9.65 -12.46 10.04
C GLN A 11 -9.85 -12.26 8.54
N LEU A 12 -8.80 -11.81 7.84
CA LEU A 12 -8.89 -11.59 6.41
C LEU A 12 -9.26 -12.87 5.69
N THR A 13 -10.21 -12.78 4.77
CA THR A 13 -10.65 -13.94 4.02
C THR A 13 -9.66 -14.24 2.90
N GLU A 14 -9.81 -15.43 2.32
CA GLU A 14 -8.92 -15.84 1.25
C GLU A 14 -9.07 -14.90 0.06
N GLU A 15 -10.29 -14.43 -0.14
CA GLU A 15 -10.58 -13.52 -1.24
C GLU A 15 -9.87 -12.18 -1.03
N GLN A 16 -9.90 -11.69 0.21
CA GLN A 16 -9.24 -10.43 0.51
C GLN A 16 -7.74 -10.58 0.31
N LYS A 17 -7.20 -11.71 0.74
CA LYS A 17 -5.77 -11.97 0.58
C LYS A 17 -5.39 -12.00 -0.88
N ASN A 18 -6.24 -12.61 -1.70
CA ASN A 18 -5.94 -12.70 -3.12
C ASN A 18 -5.88 -11.30 -3.74
N GLU A 19 -6.82 -10.45 -3.36
CA GLU A 19 -6.86 -9.08 -3.90
C GLU A 19 -5.61 -8.31 -3.48
N PHE A 20 -5.17 -8.51 -2.25
CA PHE A 20 -3.98 -7.82 -1.74
C PHE A 20 -2.76 -8.15 -2.58
N LYS A 21 -2.62 -9.43 -2.90
CA LYS A 21 -1.50 -9.89 -3.71
C LYS A 21 -1.55 -9.26 -5.09
N ALA A 22 -2.75 -9.12 -5.64
CA ALA A 22 -2.91 -8.54 -6.97
C ALA A 22 -2.37 -7.12 -6.98
N ALA A 23 -2.68 -6.35 -5.95
CA ALA A 23 -2.20 -4.98 -5.86
C ALA A 23 -0.67 -4.96 -5.78
N PHE A 24 -0.12 -5.87 -4.99
CA PHE A 24 1.33 -5.96 -4.82
C PHE A 24 1.99 -6.29 -6.16
N ASP A 25 1.41 -7.24 -6.89
CA ASP A 25 1.98 -7.64 -8.17
C ASP A 25 2.00 -6.45 -9.12
N ILE A 26 0.95 -5.65 -9.11
CA ILE A 26 0.88 -4.48 -9.96
C ILE A 26 1.86 -3.41 -9.47
N PHE A 27 1.91 -3.24 -8.16
CA PHE A 27 2.79 -2.24 -7.55
C PHE A 27 4.23 -2.42 -8.02
N VAL A 28 4.67 -3.67 -8.16
CA VAL A 28 6.03 -3.94 -8.60
C VAL A 28 6.18 -3.78 -10.11
N LEU A 29 5.20 -3.10 -10.74
CA LEU A 29 5.22 -2.88 -12.18
C LEU A 29 6.52 -2.20 -12.62
N GLY A 30 7.32 -1.75 -11.65
CA GLY A 30 8.58 -1.09 -11.97
C GLY A 30 9.72 -1.68 -11.15
N ALA A 31 9.50 -2.86 -10.59
CA ALA A 31 10.53 -3.52 -9.78
C ALA A 31 10.74 -4.97 -10.21
N GLU A 32 11.94 -5.28 -10.68
CA GLU A 32 12.27 -6.63 -11.11
C GLU A 32 12.49 -7.54 -9.91
N ASP A 33 12.86 -6.94 -8.80
CA ASP A 33 13.12 -7.70 -7.57
C ASP A 33 11.84 -7.87 -6.78
N GLY A 34 10.78 -7.17 -7.18
CA GLY A 34 9.50 -7.25 -6.49
C GLY A 34 9.48 -6.32 -5.29
N CYS A 35 10.45 -5.41 -5.24
CA CYS A 35 10.53 -4.46 -4.13
C CYS A 35 10.09 -3.08 -4.57
N ILE A 36 9.40 -2.36 -3.68
CA ILE A 36 8.94 -1.01 -4.01
C ILE A 36 9.81 0.02 -3.33
N SER A 37 10.47 0.83 -4.14
CA SER A 37 11.36 1.88 -3.64
C SER A 37 10.78 3.24 -3.98
N THR A 38 11.60 4.27 -3.85
CA THR A 38 11.14 5.61 -4.15
C THR A 38 10.78 5.73 -5.63
N LYS A 39 11.51 4.99 -6.48
CA LYS A 39 11.26 5.02 -7.91
C LYS A 39 9.85 4.52 -8.26
N GLU A 40 9.44 3.42 -7.64
CA GLU A 40 8.12 2.85 -7.90
C GLU A 40 7.03 3.76 -7.33
N LEU A 41 7.27 4.28 -6.13
CA LEU A 41 6.33 5.18 -5.49
C LEU A 41 6.16 6.43 -6.33
N GLY A 42 7.23 6.80 -7.02
CA GLY A 42 7.20 7.98 -7.87
C GLY A 42 6.12 7.85 -8.95
N LYS A 43 5.95 6.65 -9.49
CA LYS A 43 4.94 6.44 -10.52
C LYS A 43 3.55 6.52 -9.90
N VAL A 44 3.42 5.91 -8.73
CA VAL A 44 2.14 5.91 -8.02
C VAL A 44 1.73 7.33 -7.67
N MET A 45 2.69 8.11 -7.20
CA MET A 45 2.40 9.49 -6.82
C MET A 45 1.91 10.29 -8.02
N ARG A 46 2.52 10.06 -9.17
CA ARG A 46 2.12 10.77 -10.39
C ARG A 46 0.67 10.45 -10.74
N MET A 47 0.29 9.20 -10.55
CA MET A 47 -1.08 8.77 -10.85
C MET A 47 -2.06 9.53 -9.97
N LEU A 48 -1.66 9.76 -8.72
CA LEU A 48 -2.50 10.48 -7.77
C LEU A 48 -2.46 11.98 -8.03
N GLY A 49 -1.66 12.40 -9.02
CA GLY A 49 -1.57 13.82 -9.35
C GLY A 49 -0.58 14.54 -8.44
N GLN A 50 0.29 13.77 -7.78
CA GLN A 50 1.27 14.33 -6.88
C GLN A 50 2.68 14.16 -7.45
N ASN A 51 3.53 15.14 -7.20
CA ASN A 51 4.90 15.10 -7.69
C ASN A 51 5.88 15.43 -6.57
N PRO A 52 6.06 14.53 -5.64
CA PRO A 52 7.00 14.72 -4.50
C PRO A 52 8.46 14.53 -4.94
N THR A 53 9.35 14.44 -3.97
CA THR A 53 10.78 14.29 -4.26
C THR A 53 11.34 13.03 -3.59
N PRO A 54 12.44 12.48 -4.09
CA PRO A 54 13.06 11.26 -3.48
C PRO A 54 13.29 11.41 -1.97
N GLU A 55 13.65 12.62 -1.55
CA GLU A 55 13.92 12.89 -0.14
C GLU A 55 12.72 12.60 0.77
N GLU A 56 11.56 13.17 0.45
CA GLU A 56 10.39 12.96 1.29
C GLU A 56 9.88 11.54 1.11
N LEU A 57 10.08 11.00 -0.08
CA LEU A 57 9.66 9.62 -0.35
C LEU A 57 10.45 8.66 0.52
N GLN A 58 11.74 8.94 0.68
CA GLN A 58 12.59 8.07 1.49
C GLN A 58 12.13 8.08 2.95
N GLU A 59 11.78 9.25 3.45
CA GLU A 59 11.33 9.38 4.83
C GLU A 59 10.03 8.60 5.02
N MET A 60 9.13 8.67 4.03
CA MET A 60 7.85 7.97 4.11
C MET A 60 8.08 6.47 4.23
N ILE A 61 9.01 5.95 3.43
CA ILE A 61 9.32 4.53 3.47
C ILE A 61 9.99 4.16 4.79
N ASP A 62 10.88 5.04 5.25
CA ASP A 62 11.60 4.81 6.50
C ASP A 62 10.64 4.62 7.66
N GLU A 63 9.54 5.36 7.64
CA GLU A 63 8.56 5.30 8.71
C GLU A 63 8.05 3.86 8.88
N VAL A 64 7.79 3.18 7.76
CA VAL A 64 7.29 1.80 7.83
C VAL A 64 8.43 0.79 7.79
N ASP A 65 9.53 1.18 7.16
CA ASP A 65 10.68 0.28 7.03
C ASP A 65 11.35 0.07 8.38
N GLU A 66 11.42 -1.18 8.81
CA GLU A 66 12.05 -1.51 10.08
C GLU A 66 13.56 -1.59 9.94
N ASP A 67 14.03 -2.21 8.86
CA ASP A 67 15.47 -2.34 8.64
C ASP A 67 16.02 -1.20 7.81
N GLY A 68 15.18 -0.24 7.46
CA GLY A 68 15.63 0.89 6.68
C GLY A 68 16.04 0.43 5.29
N SER A 69 15.44 -0.66 4.83
CA SER A 69 15.76 -1.22 3.53
C SER A 69 15.56 -0.15 2.45
N GLY A 70 14.73 0.84 2.73
CA GLY A 70 14.49 1.91 1.76
C GLY A 70 13.40 1.52 0.79
N THR A 71 12.83 0.35 0.98
CA THR A 71 11.76 -0.14 0.12
C THR A 71 10.79 -1.00 0.91
N VAL A 72 9.61 -1.21 0.33
CA VAL A 72 8.58 -1.99 0.98
C VAL A 72 8.59 -3.42 0.44
N ASP A 73 8.63 -4.38 1.35
CA ASP A 73 8.63 -5.79 0.97
C ASP A 73 7.22 -6.35 0.98
N PHE A 74 7.07 -7.61 0.57
CA PHE A 74 5.76 -8.24 0.54
C PHE A 74 5.12 -8.23 1.92
N ASP A 75 5.89 -8.64 2.92
CA ASP A 75 5.39 -8.67 4.30
C ASP A 75 5.03 -7.27 4.75
N GLU A 76 5.91 -6.32 4.44
CA GLU A 76 5.66 -4.94 4.82
C GLU A 76 4.41 -4.42 4.13
N PHE A 77 4.23 -4.82 2.87
CA PHE A 77 3.06 -4.40 2.11
C PHE A 77 1.78 -4.84 2.81
N LEU A 78 1.71 -6.10 3.22
CA LEU A 78 0.53 -6.59 3.91
C LEU A 78 0.31 -5.84 5.22
N VAL A 79 1.38 -5.66 5.98
CA VAL A 79 1.28 -4.97 7.26
C VAL A 79 0.97 -3.49 7.09
N MET A 80 1.61 -2.86 6.11
CA MET A 80 1.40 -1.44 5.87
C MET A 80 -0.04 -1.19 5.48
N MET A 81 -0.55 -2.06 4.62
CA MET A 81 -1.93 -1.92 4.16
C MET A 81 -2.92 -2.16 5.29
N VAL A 82 -2.66 -3.20 6.08
CA VAL A 82 -3.54 -3.52 7.19
C VAL A 82 -3.55 -2.40 8.23
N ARG A 83 -2.38 -1.86 8.53
CA ARG A 83 -2.27 -0.79 9.52
C ARG A 83 -3.09 0.42 9.08
N CYS A 84 -2.95 0.79 7.81
CA CYS A 84 -3.68 1.92 7.25
C CYS A 84 -5.17 1.62 7.18
N MET A 85 -5.50 0.38 6.84
CA MET A 85 -6.90 -0.01 6.72
C MET A 85 -7.62 0.22 8.05
N LYS A 86 -6.95 -0.10 9.16
CA LYS A 86 -7.54 0.10 10.48
C LYS A 86 -7.17 1.47 11.05
N ASP A 87 -6.28 2.19 10.37
CA ASP A 87 -5.88 3.51 10.85
C ASP A 87 -5.44 3.44 12.31
N ASP A 88 -4.63 2.44 12.63
CA ASP A 88 -4.14 2.26 13.99
C ASP A 88 -2.66 2.54 14.06
N SER A 89 -2.29 3.80 13.92
CA SER A 89 -0.88 4.20 13.96
C SER A 89 -0.35 4.07 15.39
N ARG B 1 1.75 18.83 6.37
CA ARG B 1 2.58 17.60 6.23
C ARG B 1 1.70 16.41 5.88
N ARG B 2 0.45 16.45 6.32
CA ARG B 2 -0.48 15.36 6.03
C ARG B 2 -1.41 15.73 4.88
N VAL B 3 -1.20 15.08 3.74
CA VAL B 3 -2.03 15.34 2.56
C VAL B 3 -3.46 14.87 2.80
N ARG B 4 -3.60 13.81 3.57
CA ARG B 4 -4.92 13.27 3.88
C ARG B 4 -5.61 12.78 2.61
N ILE B 5 -4.90 11.96 1.84
CA ILE B 5 -5.45 11.42 0.60
C ILE B 5 -6.70 10.61 0.90
N SER B 6 -7.68 10.69 0.00
CA SER B 6 -8.94 9.97 0.19
C SER B 6 -8.69 8.46 0.10
N ALA B 7 -9.27 7.72 1.03
CA ALA B 7 -9.11 6.27 1.06
C ALA B 7 -9.64 5.62 -0.22
N ASP B 8 -10.79 6.12 -0.70
CA ASP B 8 -11.39 5.56 -1.90
C ASP B 8 -10.48 5.78 -3.11
N ALA B 9 -9.84 6.93 -3.18
CA ALA B 9 -8.94 7.23 -4.29
C ALA B 9 -7.78 6.25 -4.33
N MET B 10 -7.24 5.93 -3.16
CA MET B 10 -6.12 5.00 -3.09
C MET B 10 -6.51 3.63 -3.62
N MET B 11 -7.68 3.13 -3.19
CA MET B 11 -8.15 1.83 -3.66
C MET B 11 -8.43 1.85 -5.15
N GLN B 12 -9.01 2.95 -5.63
CA GLN B 12 -9.30 3.09 -7.04
C GLN B 12 -8.03 3.02 -7.88
N ALA B 13 -6.99 3.74 -7.45
CA ALA B 13 -5.72 3.74 -8.18
C ALA B 13 -5.12 2.33 -8.22
N LEU B 14 -5.22 1.62 -7.09
CA LEU B 14 -4.68 0.27 -7.01
C LEU B 14 -5.37 -0.66 -8.01
N LEU B 15 -6.68 -0.51 -8.16
CA LEU B 15 -7.44 -1.36 -9.07
C LEU B 15 -7.78 -0.62 -10.37
N GLY B 16 -6.76 -0.14 -11.07
CA GLY B 16 -6.97 0.57 -12.32
C GLY B 16 -7.93 1.75 -12.14
N ALA B 17 -8.94 1.83 -13.02
CA ALA B 17 -9.93 2.90 -12.95
C ALA B 17 -11.33 2.31 -12.87
N ARG B 18 -11.44 1.01 -13.13
CA ARG B 18 -12.74 0.34 -13.09
C ARG B 18 -13.23 0.20 -11.65
N HIS B 19 -14.53 0.32 -11.47
CA HIS B 19 -15.12 0.21 -10.14
C HIS B 19 -16.57 -0.25 -10.23
N LYS B 20 -16.90 -0.95 -11.31
CA LYS B 20 -18.26 -1.44 -11.51
C LYS B 20 -18.65 -2.41 -10.40
N GLU B 21 -17.72 -3.27 -10.01
CA GLU B 21 -18.00 -4.24 -8.96
C GLU B 21 -16.73 -4.58 -8.19
N SER B 22 -16.40 -3.76 -7.20
CA SER B 22 -15.22 -3.99 -6.37
C SER B 22 -15.42 -3.35 -5.01
N LEU B 23 -14.72 -3.89 -4.01
CA LEU B 23 -14.81 -3.36 -2.64
C LEU B 23 -16.22 -2.86 -2.34
N ASP B 24 -16.47 -1.59 -2.63
CA ASP B 24 -17.78 -1.00 -2.40
C ASP B 24 -18.20 -1.16 -0.95
N LEU B 25 -17.29 -0.85 -0.03
CA LEU B 25 -17.59 -0.96 1.39
C LEU B 25 -18.07 0.38 1.94
N ARG B 26 -19.30 0.75 1.60
CA ARG B 26 -19.87 2.00 2.06
C ARG B 26 -20.94 1.75 3.12
N ALA B 27 -21.44 0.52 3.17
CA ALA B 27 -22.46 0.16 4.15
C ALA B 27 -22.65 -1.36 4.18
N MET A 1 -1.29 -4.65 17.81
CA MET A 1 -0.46 -5.88 17.98
C MET A 1 -0.22 -6.52 16.61
N ASP A 2 0.99 -7.03 16.41
CA ASP A 2 1.33 -7.67 15.14
C ASP A 2 0.46 -8.90 14.91
N ASP A 3 -0.06 -9.45 15.99
CA ASP A 3 -0.91 -10.63 15.90
C ASP A 3 -2.17 -10.33 15.09
N ILE A 4 -2.72 -9.14 15.28
CA ILE A 4 -3.94 -8.73 14.57
C ILE A 4 -3.70 -8.74 13.06
N TYR A 5 -2.57 -8.18 12.65
CA TYR A 5 -2.24 -8.13 11.23
C TYR A 5 -2.04 -9.53 10.68
N LYS A 6 -1.36 -10.37 11.45
CA LYS A 6 -1.12 -11.74 11.04
C LYS A 6 -2.43 -12.50 10.90
N ALA A 7 -3.33 -12.30 11.88
CA ALA A 7 -4.62 -12.96 11.86
C ALA A 7 -5.42 -12.48 10.66
N ALA A 8 -5.32 -11.19 10.37
CA ALA A 8 -6.05 -10.63 9.24
C ALA A 8 -5.59 -11.25 7.94
N VAL A 9 -4.28 -11.43 7.82
CA VAL A 9 -3.70 -12.01 6.61
C VAL A 9 -4.18 -13.45 6.43
N GLU A 10 -4.12 -14.23 7.49
CA GLU A 10 -4.55 -15.62 7.45
C GLU A 10 -6.07 -15.71 7.28
N GLN A 11 -6.78 -14.79 7.92
CA GLN A 11 -8.23 -14.77 7.85
C GLN A 11 -8.70 -14.53 6.42
N LEU A 12 -7.99 -13.67 5.71
CA LEU A 12 -8.33 -13.36 4.32
C LEU A 12 -8.37 -14.63 3.49
N THR A 13 -9.26 -14.62 2.49
CA THR A 13 -9.42 -15.76 1.61
C THR A 13 -8.25 -15.86 0.65
N GLU A 14 -8.13 -17.01 0.01
CA GLU A 14 -7.05 -17.23 -0.94
C GLU A 14 -7.18 -16.27 -2.11
N GLU A 15 -8.41 -16.03 -2.52
CA GLU A 15 -8.66 -15.13 -3.64
C GLU A 15 -8.22 -13.71 -3.29
N GLN A 16 -8.52 -13.28 -2.06
CA GLN A 16 -8.14 -11.95 -1.64
C GLN A 16 -6.62 -11.78 -1.65
N LYS A 17 -5.93 -12.80 -1.15
CA LYS A 17 -4.47 -12.78 -1.13
C LYS A 17 -3.92 -12.84 -2.53
N ASN A 18 -4.58 -13.61 -3.39
CA ASN A 18 -4.12 -13.73 -4.74
C ASN A 18 -4.12 -12.38 -5.43
N GLU A 19 -5.19 -11.62 -5.25
CA GLU A 19 -5.29 -10.31 -5.86
C GLU A 19 -4.20 -9.38 -5.32
N PHE A 20 -3.92 -9.49 -4.02
CA PHE A 20 -2.91 -8.65 -3.40
C PHE A 20 -1.54 -8.91 -4.03
N LYS A 21 -1.24 -10.18 -4.25
CA LYS A 21 0.03 -10.56 -4.85
C LYS A 21 0.12 -10.01 -6.26
N ALA A 22 -0.99 -10.04 -6.99
CA ALA A 22 -1.01 -9.54 -8.36
C ALA A 22 -0.63 -8.06 -8.40
N ALA A 23 -1.18 -7.30 -7.47
CA ALA A 23 -0.87 -5.87 -7.41
C ALA A 23 0.60 -5.68 -7.09
N PHE A 24 1.12 -6.49 -6.17
CA PHE A 24 2.51 -6.40 -5.79
C PHE A 24 3.42 -6.69 -6.98
N ASP A 25 3.07 -7.73 -7.75
CA ASP A 25 3.86 -8.12 -8.92
C ASP A 25 3.92 -6.97 -9.92
N ILE A 26 2.80 -6.29 -10.12
CA ILE A 26 2.75 -5.16 -11.04
C ILE A 26 3.52 -3.97 -10.47
N PHE A 27 3.38 -3.74 -9.18
CA PHE A 27 4.06 -2.62 -8.52
C PHE A 27 5.56 -2.71 -8.76
N VAL A 28 6.10 -3.91 -8.73
CA VAL A 28 7.54 -4.09 -8.94
C VAL A 28 7.89 -4.07 -10.42
N LEU A 29 7.02 -3.43 -11.21
CA LEU A 29 7.24 -3.34 -12.65
C LEU A 29 8.69 -2.96 -12.95
N GLY A 30 9.25 -2.05 -12.16
CA GLY A 30 10.61 -1.59 -12.37
C GLY A 30 11.54 -2.01 -11.22
N ALA A 31 11.23 -3.14 -10.57
CA ALA A 31 12.06 -3.60 -9.46
C ALA A 31 12.41 -5.07 -9.64
N GLU A 32 13.58 -5.33 -10.20
CA GLU A 32 14.02 -6.69 -10.43
C GLU A 32 14.42 -7.34 -9.10
N ASP A 33 14.58 -6.49 -8.08
CA ASP A 33 14.96 -6.97 -6.76
C ASP A 33 13.79 -7.68 -6.09
N GLY A 34 12.57 -7.43 -6.59
CA GLY A 34 11.39 -8.05 -6.01
C GLY A 34 10.90 -7.27 -4.79
N CYS A 35 11.40 -6.04 -4.66
CA CYS A 35 11.01 -5.19 -3.54
C CYS A 35 10.55 -3.82 -4.06
N ILE A 36 9.95 -3.03 -3.18
CA ILE A 36 9.46 -1.71 -3.53
C ILE A 36 10.14 -0.62 -2.71
N SER A 37 10.60 0.41 -3.39
CA SER A 37 11.27 1.53 -2.75
C SER A 37 10.73 2.85 -3.25
N THR A 38 11.45 3.93 -2.98
CA THR A 38 11.02 5.25 -3.41
C THR A 38 10.99 5.35 -4.94
N LYS A 39 11.92 4.65 -5.59
CA LYS A 39 11.97 4.69 -7.05
C LYS A 39 10.68 4.14 -7.65
N GLU A 40 10.28 2.95 -7.23
CA GLU A 40 9.06 2.36 -7.76
C GLU A 40 7.85 3.23 -7.38
N LEU A 41 7.88 3.74 -6.16
CA LEU A 41 6.79 4.59 -5.70
C LEU A 41 6.66 5.83 -6.56
N GLY A 42 7.81 6.40 -6.93
CA GLY A 42 7.80 7.59 -7.75
C GLY A 42 7.14 7.33 -9.10
N LYS A 43 7.41 6.17 -9.69
CA LYS A 43 6.84 5.83 -10.98
C LYS A 43 5.33 5.72 -10.87
N VAL A 44 4.87 5.13 -9.79
CA VAL A 44 3.45 4.97 -9.56
C VAL A 44 2.79 6.32 -9.33
N MET A 45 3.47 7.19 -8.58
CA MET A 45 2.92 8.50 -8.27
C MET A 45 2.62 9.28 -9.55
N ARG A 46 3.40 9.03 -10.59
CA ARG A 46 3.20 9.72 -11.85
C ARG A 46 1.78 9.47 -12.35
N MET A 47 1.29 8.26 -12.15
CA MET A 47 -0.06 7.90 -12.56
C MET A 47 -1.10 8.65 -11.72
N LEU A 48 -0.75 8.91 -10.47
CA LEU A 48 -1.64 9.61 -9.55
C LEU A 48 -1.58 11.11 -9.78
N GLY A 49 -0.61 11.56 -10.57
CA GLY A 49 -0.47 12.99 -10.86
C GLY A 49 0.25 13.71 -9.72
N GLN A 50 1.13 12.99 -9.04
CA GLN A 50 1.88 13.58 -7.93
C GLN A 50 3.38 13.43 -8.14
N ASN A 51 4.15 14.43 -7.72
CA ASN A 51 5.59 14.40 -7.88
C ASN A 51 6.28 15.12 -6.71
N PRO A 52 6.25 14.54 -5.54
CA PRO A 52 6.86 15.14 -4.33
C PRO A 52 8.37 14.99 -4.32
N THR A 53 8.99 15.26 -3.18
CA THR A 53 10.43 15.15 -3.08
C THR A 53 10.86 13.78 -2.53
N PRO A 54 12.06 13.34 -2.81
CA PRO A 54 12.56 12.02 -2.30
C PRO A 54 12.47 11.92 -0.78
N GLU A 55 12.67 13.04 -0.09
CA GLU A 55 12.64 13.05 1.36
C GLU A 55 11.27 12.66 1.88
N GLU A 56 10.25 13.15 1.19
CA GLU A 56 8.88 12.86 1.58
C GLU A 56 8.59 11.39 1.39
N LEU A 57 9.09 10.87 0.28
CA LEU A 57 8.89 9.46 -0.04
C LEU A 57 9.58 8.58 0.99
N GLN A 58 10.77 8.99 1.40
CA GLN A 58 11.53 8.22 2.38
C GLN A 58 10.81 8.20 3.71
N GLU A 59 10.27 9.36 4.11
CA GLU A 59 9.55 9.49 5.37
C GLU A 59 8.27 8.65 5.35
N MET A 60 7.59 8.65 4.20
CA MET A 60 6.36 7.89 4.05
C MET A 60 6.60 6.42 4.34
N ILE A 61 7.66 5.87 3.76
CA ILE A 61 7.99 4.48 3.98
C ILE A 61 8.38 4.24 5.43
N ASP A 62 9.11 5.19 6.00
CA ASP A 62 9.57 5.09 7.39
C ASP A 62 8.38 4.96 8.35
N GLU A 63 7.30 5.68 8.08
CA GLU A 63 6.13 5.62 8.94
C GLU A 63 5.57 4.21 9.03
N VAL A 64 5.48 3.53 7.89
CA VAL A 64 4.96 2.17 7.87
C VAL A 64 6.07 1.16 8.13
N ASP A 65 7.27 1.51 7.71
CA ASP A 65 8.42 0.61 7.89
C ASP A 65 9.02 0.76 9.28
N GLU A 66 8.83 -0.27 10.10
CA GLU A 66 9.34 -0.26 11.46
C GLU A 66 10.87 -0.27 11.48
N ASP A 67 11.46 -1.07 10.59
CA ASP A 67 12.92 -1.18 10.54
C ASP A 67 13.52 0.05 9.85
N GLY A 68 12.69 0.83 9.19
CA GLY A 68 13.17 2.04 8.53
C GLY A 68 14.10 1.67 7.39
N SER A 69 13.97 0.45 6.89
CA SER A 69 14.82 -0.01 5.81
C SER A 69 14.64 0.87 4.57
N GLY A 70 13.52 1.57 4.51
CA GLY A 70 13.23 2.45 3.38
C GLY A 70 12.64 1.68 2.22
N THR A 71 12.42 0.38 2.43
CA THR A 71 11.85 -0.48 1.40
C THR A 71 10.66 -1.24 1.95
N VAL A 72 9.77 -1.68 1.05
CA VAL A 72 8.58 -2.41 1.45
C VAL A 72 8.63 -3.82 0.88
N ASP A 73 8.48 -4.81 1.77
CA ASP A 73 8.51 -6.21 1.36
C ASP A 73 7.09 -6.76 1.27
N PHE A 74 6.97 -8.06 1.02
CA PHE A 74 5.66 -8.68 0.92
C PHE A 74 4.87 -8.52 2.21
N ASP A 75 5.50 -8.80 3.34
CA ASP A 75 4.85 -8.67 4.63
C ASP A 75 4.46 -7.23 4.90
N GLU A 76 5.38 -6.32 4.60
CA GLU A 76 5.12 -4.89 4.80
C GLU A 76 4.04 -4.43 3.84
N PHE A 77 4.08 -4.94 2.62
CA PHE A 77 3.09 -4.58 1.61
C PHE A 77 1.69 -4.93 2.09
N LEU A 78 1.51 -6.15 2.58
CA LEU A 78 0.21 -6.57 3.07
C LEU A 78 -0.20 -5.74 4.28
N VAL A 79 0.76 -5.49 5.16
CA VAL A 79 0.51 -4.71 6.37
C VAL A 79 0.15 -3.27 6.02
N MET A 80 0.81 -2.72 5.02
CA MET A 80 0.56 -1.35 4.61
C MET A 80 -0.87 -1.20 4.14
N MET A 81 -1.33 -2.19 3.38
CA MET A 81 -2.68 -2.16 2.87
C MET A 81 -3.69 -2.20 4.01
N VAL A 82 -3.49 -3.13 4.94
CA VAL A 82 -4.37 -3.26 6.07
C VAL A 82 -4.25 -2.06 7.00
N ARG A 83 -3.02 -1.60 7.22
CA ARG A 83 -2.78 -0.47 8.09
C ARG A 83 -3.52 0.76 7.59
N CYS A 84 -3.45 1.02 6.29
CA CYS A 84 -4.11 2.18 5.72
C CYS A 84 -5.63 2.05 5.88
N MET A 85 -6.13 0.83 5.67
CA MET A 85 -7.56 0.58 5.78
C MET A 85 -8.02 0.73 7.24
N LYS A 86 -7.21 0.20 8.16
CA LYS A 86 -7.55 0.26 9.58
C LYS A 86 -7.60 1.72 10.05
N ASP A 87 -6.64 2.52 9.59
CA ASP A 87 -6.59 3.92 9.97
C ASP A 87 -6.35 4.06 11.47
N ASP A 88 -6.43 5.30 11.97
CA ASP A 88 -6.23 5.56 13.38
C ASP A 88 -7.48 6.19 13.99
N SER A 89 -8.51 5.37 14.16
CA SER A 89 -9.77 5.84 14.73
C SER A 89 -10.50 6.76 13.75
N ARG B 1 -1.30 23.01 0.29
CA ARG B 1 -0.10 22.15 0.19
C ARG B 1 -0.24 20.93 1.09
N ARG B 2 -1.48 20.48 1.25
CA ARG B 2 -1.76 19.32 2.08
C ARG B 2 -1.09 18.08 1.50
N VAL B 3 -1.10 17.97 0.18
CA VAL B 3 -0.49 16.82 -0.49
C VAL B 3 -0.87 15.53 0.23
N ARG B 4 -2.13 15.12 0.05
CA ARG B 4 -2.61 13.89 0.68
C ARG B 4 -3.36 13.03 -0.32
N ILE B 5 -3.35 11.72 -0.11
CA ILE B 5 -4.03 10.80 -1.01
C ILE B 5 -4.74 9.71 -0.22
N SER B 6 -6.01 9.49 -0.53
CA SER B 6 -6.79 8.47 0.16
C SER B 6 -6.44 7.08 -0.36
N ALA B 7 -6.40 6.11 0.54
CA ALA B 7 -6.09 4.73 0.16
C ALA B 7 -7.11 4.20 -0.82
N ASP B 8 -8.34 4.70 -0.72
CA ASP B 8 -9.42 4.26 -1.61
C ASP B 8 -9.05 4.53 -3.06
N ALA B 9 -8.40 5.66 -3.31
CA ALA B 9 -8.00 6.01 -4.67
C ALA B 9 -7.05 4.97 -5.24
N MET B 10 -6.12 4.50 -4.40
CA MET B 10 -5.17 3.49 -4.85
C MET B 10 -5.87 2.20 -5.26
N MET B 11 -6.83 1.78 -4.46
CA MET B 11 -7.58 0.56 -4.76
C MET B 11 -8.38 0.72 -6.04
N GLN B 12 -9.02 1.88 -6.19
CA GLN B 12 -9.82 2.15 -7.38
C GLN B 12 -8.93 2.24 -8.61
N ALA B 13 -7.79 2.90 -8.45
CA ALA B 13 -6.84 3.06 -9.55
C ALA B 13 -6.32 1.70 -10.02
N LEU B 14 -6.06 0.82 -9.06
CA LEU B 14 -5.56 -0.51 -9.38
C LEU B 14 -6.57 -1.26 -10.23
N LEU B 15 -6.19 -1.53 -11.48
CA LEU B 15 -7.07 -2.25 -12.40
C LEU B 15 -8.52 -1.80 -12.22
N GLY B 16 -9.33 -2.66 -11.63
CA GLY B 16 -10.74 -2.35 -11.39
C GLY B 16 -11.23 -2.98 -10.11
N ALA B 17 -10.33 -3.11 -9.13
CA ALA B 17 -10.70 -3.71 -7.85
C ALA B 17 -11.80 -2.91 -7.18
N ARG B 18 -12.74 -3.62 -6.55
CA ARG B 18 -13.86 -2.97 -5.88
C ARG B 18 -14.01 -3.50 -4.46
N HIS B 19 -14.21 -2.59 -3.51
CA HIS B 19 -14.37 -2.98 -2.10
C HIS B 19 -15.81 -2.73 -1.65
N LYS B 20 -16.43 -3.77 -1.11
CA LYS B 20 -17.81 -3.66 -0.63
C LYS B 20 -17.91 -2.60 0.46
N GLU B 21 -16.80 -2.35 1.15
CA GLU B 21 -16.79 -1.35 2.21
C GLU B 21 -17.22 0.00 1.67
N SER B 22 -18.35 0.50 2.17
CA SER B 22 -18.86 1.80 1.74
C SER B 22 -18.63 2.85 2.82
N LEU B 23 -17.37 3.00 3.22
CA LEU B 23 -17.02 3.98 4.24
C LEU B 23 -17.57 5.36 3.90
N ASP B 24 -18.14 5.47 2.70
CA ASP B 24 -18.71 6.74 2.26
C ASP B 24 -19.82 7.18 3.21
N LEU B 25 -20.61 6.23 3.68
CA LEU B 25 -21.70 6.53 4.58
C LEU B 25 -21.33 6.15 6.02
N ARG B 26 -21.16 7.17 6.85
CA ARG B 26 -20.79 6.94 8.25
C ARG B 26 -19.76 5.82 8.36
N ALA B 27 -20.19 4.69 8.91
CA ALA B 27 -19.29 3.55 9.06
C ALA B 27 -18.29 3.81 10.17
N MET A 1 5.16 -7.21 18.64
CA MET A 1 4.65 -5.88 18.23
C MET A 1 3.79 -6.02 16.98
N ASP A 2 4.11 -7.01 16.15
CA ASP A 2 3.37 -7.26 14.92
C ASP A 2 2.35 -8.37 15.10
N ASP A 3 2.17 -8.81 16.34
CA ASP A 3 1.23 -9.88 16.65
C ASP A 3 -0.19 -9.50 16.24
N ILE A 4 -0.55 -8.25 16.49
CA ILE A 4 -1.89 -7.76 16.16
C ILE A 4 -2.10 -7.78 14.65
N TYR A 5 -1.10 -7.32 13.91
CA TYR A 5 -1.16 -7.29 12.45
C TYR A 5 -1.19 -8.71 11.90
N LYS A 6 -0.42 -9.60 12.52
CA LYS A 6 -0.39 -10.98 12.07
C LYS A 6 -1.79 -11.56 12.09
N ALA A 7 -2.47 -11.38 13.22
CA ALA A 7 -3.82 -11.86 13.36
C ALA A 7 -4.74 -11.19 12.36
N ALA A 8 -4.55 -9.88 12.15
CA ALA A 8 -5.40 -9.17 11.20
C ALA A 8 -5.18 -9.72 9.80
N VAL A 9 -3.91 -9.93 9.45
CA VAL A 9 -3.55 -10.46 8.15
C VAL A 9 -4.02 -11.91 7.99
N GLU A 10 -3.75 -12.73 9.00
CA GLU A 10 -4.13 -14.13 8.97
C GLU A 10 -5.64 -14.26 8.87
N GLN A 11 -6.34 -13.32 9.49
CA GLN A 11 -7.81 -13.33 9.48
C GLN A 11 -8.36 -13.25 8.05
N LEU A 12 -7.69 -12.49 7.18
CA LEU A 12 -8.15 -12.37 5.80
C LEU A 12 -8.42 -13.74 5.19
N THR A 13 -9.02 -13.75 4.02
CA THR A 13 -9.33 -14.98 3.33
C THR A 13 -8.29 -15.28 2.25
N GLU A 14 -8.28 -16.53 1.79
CA GLU A 14 -7.33 -16.95 0.76
C GLU A 14 -7.56 -16.17 -0.53
N GLU A 15 -8.82 -15.96 -0.84
CA GLU A 15 -9.18 -15.23 -2.05
C GLU A 15 -8.75 -13.77 -1.94
N GLN A 16 -9.01 -13.16 -0.79
CA GLN A 16 -8.63 -11.78 -0.59
C GLN A 16 -7.11 -11.65 -0.70
N LYS A 17 -6.40 -12.60 -0.10
CA LYS A 17 -4.94 -12.61 -0.16
C LYS A 17 -4.45 -12.79 -1.58
N ASN A 18 -5.14 -13.63 -2.34
CA ASN A 18 -4.71 -13.88 -3.69
C ASN A 18 -4.73 -12.59 -4.51
N GLU A 19 -5.78 -11.80 -4.35
CA GLU A 19 -5.89 -10.55 -5.08
C GLU A 19 -4.80 -9.58 -4.62
N PHE A 20 -4.52 -9.58 -3.33
CA PHE A 20 -3.52 -8.68 -2.77
C PHE A 20 -2.14 -8.99 -3.35
N LYS A 21 -1.84 -10.28 -3.49
CA LYS A 21 -0.56 -10.71 -4.04
C LYS A 21 -0.41 -10.22 -5.47
N ALA A 22 -1.51 -10.28 -6.23
CA ALA A 22 -1.48 -9.83 -7.63
C ALA A 22 -1.11 -8.36 -7.71
N ALA A 23 -1.66 -7.56 -6.80
CA ALA A 23 -1.38 -6.13 -6.78
C ALA A 23 0.10 -5.88 -6.52
N PHE A 24 0.68 -6.69 -5.64
CA PHE A 24 2.09 -6.56 -5.31
C PHE A 24 2.94 -6.73 -6.57
N ASP A 25 2.63 -7.76 -7.35
CA ASP A 25 3.37 -8.02 -8.58
C ASP A 25 3.29 -6.81 -9.52
N ILE A 26 2.11 -6.25 -9.66
CA ILE A 26 1.92 -5.09 -10.52
C ILE A 26 2.67 -3.89 -9.95
N PHE A 27 2.59 -3.72 -8.64
CA PHE A 27 3.27 -2.60 -7.98
C PHE A 27 4.74 -2.55 -8.36
N VAL A 28 5.36 -3.72 -8.44
CA VAL A 28 6.79 -3.78 -8.78
C VAL A 28 6.99 -3.73 -10.29
N LEU A 29 6.02 -3.15 -11.00
CA LEU A 29 6.09 -3.02 -12.46
C LEU A 29 7.49 -2.62 -12.91
N GLY A 30 8.11 -1.68 -12.20
CA GLY A 30 9.45 -1.20 -12.56
C GLY A 30 10.53 -1.73 -11.62
N ALA A 31 10.21 -2.77 -10.84
CA ALA A 31 11.18 -3.32 -9.90
C ALA A 31 11.51 -4.77 -10.25
N GLU A 32 12.67 -4.98 -10.86
CA GLU A 32 13.10 -6.33 -11.22
C GLU A 32 13.48 -7.12 -9.98
N ASP A 33 13.77 -6.40 -8.91
CA ASP A 33 14.15 -7.03 -7.66
C ASP A 33 12.95 -7.74 -7.03
N GLY A 34 11.74 -7.35 -7.45
CA GLY A 34 10.53 -7.95 -6.92
C GLY A 34 10.14 -7.31 -5.59
N CYS A 35 10.80 -6.19 -5.28
CA CYS A 35 10.53 -5.47 -4.04
C CYS A 35 10.05 -4.05 -4.34
N ILE A 36 9.17 -3.54 -3.48
CA ILE A 36 8.64 -2.19 -3.66
C ILE A 36 9.47 -1.20 -2.84
N SER A 37 9.92 -0.16 -3.50
CA SER A 37 10.73 0.86 -2.84
C SER A 37 10.29 2.25 -3.28
N THR A 38 11.11 3.25 -3.01
CA THR A 38 10.79 4.61 -3.38
C THR A 38 10.69 4.74 -4.89
N LYS A 39 11.45 3.92 -5.61
CA LYS A 39 11.44 3.98 -7.07
C LYS A 39 10.05 3.63 -7.61
N GLU A 40 9.47 2.55 -7.09
CA GLU A 40 8.15 2.13 -7.53
C GLU A 40 7.09 3.12 -7.09
N LEU A 41 7.25 3.61 -5.86
CA LEU A 41 6.32 4.58 -5.31
C LEU A 41 6.44 5.90 -6.07
N GLY A 42 7.66 6.23 -6.48
CA GLY A 42 7.91 7.45 -7.22
C GLY A 42 7.13 7.47 -8.54
N LYS A 43 7.09 6.34 -9.23
CA LYS A 43 6.37 6.26 -10.49
C LYS A 43 4.87 6.42 -10.25
N VAL A 44 4.40 5.79 -9.20
CA VAL A 44 2.99 5.87 -8.84
C VAL A 44 2.58 7.30 -8.54
N MET A 45 3.41 7.97 -7.76
CA MET A 45 3.12 9.35 -7.38
C MET A 45 3.05 10.24 -8.61
N ARG A 46 3.97 10.01 -9.54
CA ARG A 46 4.02 10.81 -10.76
C ARG A 46 2.74 10.63 -11.58
N MET A 47 2.26 9.39 -11.65
CA MET A 47 1.04 9.10 -12.39
C MET A 47 -0.14 9.84 -11.78
N LEU A 48 -0.15 9.91 -10.47
CA LEU A 48 -1.21 10.59 -9.74
C LEU A 48 -1.22 12.09 -10.07
N GLY A 49 -0.11 12.57 -10.61
CA GLY A 49 0.00 13.99 -10.97
C GLY A 49 0.62 14.80 -9.84
N GLN A 50 1.24 14.09 -8.89
CA GLN A 50 1.87 14.74 -7.75
C GLN A 50 3.39 14.72 -7.92
N ASN A 51 4.03 15.78 -7.44
CA ASN A 51 5.49 15.87 -7.54
C ASN A 51 6.08 16.34 -6.21
N PRO A 52 5.96 15.54 -5.19
CA PRO A 52 6.50 15.85 -3.84
C PRO A 52 8.01 15.64 -3.76
N THR A 53 8.55 15.73 -2.55
CA THR A 53 9.99 15.57 -2.35
C THR A 53 10.33 14.11 -2.02
N PRO A 54 11.54 13.68 -2.32
CA PRO A 54 11.99 12.27 -2.03
C PRO A 54 11.95 11.92 -0.56
N GLU A 55 12.11 12.92 0.29
CA GLU A 55 12.08 12.72 1.72
C GLU A 55 10.72 12.18 2.15
N GLU A 56 9.68 12.68 1.51
CA GLU A 56 8.32 12.26 1.84
C GLU A 56 8.11 10.81 1.49
N LEU A 57 8.66 10.41 0.35
CA LEU A 57 8.54 9.04 -0.08
C LEU A 57 9.17 8.10 0.93
N GLN A 58 10.32 8.50 1.45
CA GLN A 58 11.00 7.67 2.44
C GLN A 58 10.18 7.62 3.73
N GLU A 59 9.63 8.77 4.12
CA GLU A 59 8.84 8.84 5.35
C GLU A 59 7.61 7.94 5.26
N MET A 60 6.99 7.91 4.10
CA MET A 60 5.80 7.09 3.92
C MET A 60 6.16 5.62 4.15
N ILE A 61 7.27 5.20 3.55
CA ILE A 61 7.74 3.82 3.70
C ILE A 61 8.21 3.57 5.12
N ASP A 62 8.89 4.55 5.70
CA ASP A 62 9.42 4.43 7.06
C ASP A 62 8.32 4.09 8.06
N GLU A 63 7.12 4.64 7.83
CA GLU A 63 6.01 4.37 8.72
C GLU A 63 5.74 2.87 8.80
N VAL A 64 6.06 2.16 7.72
CA VAL A 64 5.87 0.72 7.69
C VAL A 64 7.20 -0.02 7.78
N ASP A 65 8.26 0.60 7.26
CA ASP A 65 9.59 0.00 7.28
C ASP A 65 10.27 0.20 8.63
N GLU A 66 10.07 -0.76 9.52
CA GLU A 66 10.67 -0.69 10.84
C GLU A 66 12.19 -0.73 10.74
N ASP A 67 12.70 -1.53 9.80
CA ASP A 67 14.13 -1.66 9.62
C ASP A 67 14.71 -0.43 8.94
N GLY A 68 13.84 0.42 8.42
CA GLY A 68 14.30 1.65 7.77
C GLY A 68 14.99 1.33 6.45
N SER A 69 14.81 0.11 5.97
CA SER A 69 15.44 -0.33 4.74
C SER A 69 14.95 0.53 3.57
N GLY A 70 13.79 1.16 3.73
CA GLY A 70 13.25 1.98 2.66
C GLY A 70 12.56 1.14 1.59
N THR A 71 12.35 -0.13 1.91
CA THR A 71 11.71 -1.05 0.98
C THR A 71 10.55 -1.77 1.64
N VAL A 72 9.59 -2.19 0.83
CA VAL A 72 8.42 -2.92 1.32
C VAL A 72 8.32 -4.29 0.67
N ASP A 73 8.26 -5.33 1.51
CA ASP A 73 8.17 -6.71 1.03
C ASP A 73 6.74 -7.21 1.14
N PHE A 74 6.54 -8.50 0.89
CA PHE A 74 5.21 -9.09 0.97
C PHE A 74 4.62 -8.93 2.37
N ASP A 75 5.43 -9.18 3.40
CA ASP A 75 4.98 -9.06 4.78
C ASP A 75 4.61 -7.61 5.11
N GLU A 76 5.54 -6.69 4.80
CA GLU A 76 5.30 -5.29 5.05
C GLU A 76 4.16 -4.77 4.17
N PHE A 77 4.12 -5.26 2.93
CA PHE A 77 3.07 -4.86 2.00
C PHE A 77 1.69 -5.15 2.56
N LEU A 78 1.50 -6.36 3.07
CA LEU A 78 0.21 -6.73 3.63
C LEU A 78 -0.11 -5.84 4.84
N VAL A 79 0.90 -5.57 5.65
CA VAL A 79 0.71 -4.74 6.84
C VAL A 79 0.36 -3.32 6.46
N MET A 80 1.01 -2.81 5.42
CA MET A 80 0.78 -1.44 4.98
C MET A 80 -0.66 -1.29 4.52
N MET A 81 -1.14 -2.30 3.83
CA MET A 81 -2.50 -2.26 3.32
C MET A 81 -3.50 -2.27 4.48
N VAL A 82 -3.25 -3.14 5.44
CA VAL A 82 -4.13 -3.23 6.61
C VAL A 82 -4.10 -1.94 7.42
N ARG A 83 -2.89 -1.41 7.60
CA ARG A 83 -2.73 -0.17 8.37
C ARG A 83 -3.51 0.96 7.72
N CYS A 84 -3.40 1.05 6.39
CA CYS A 84 -4.11 2.09 5.65
C CYS A 84 -5.62 1.94 5.80
N MET A 85 -6.09 0.70 5.78
CA MET A 85 -7.51 0.42 5.91
C MET A 85 -8.04 0.94 7.24
N LYS A 86 -7.28 0.73 8.31
CA LYS A 86 -7.71 1.19 9.63
C LYS A 86 -7.21 2.62 9.88
N ASP A 87 -6.43 3.14 8.94
CA ASP A 87 -5.91 4.49 9.07
C ASP A 87 -5.32 4.72 10.47
N ASP A 88 -6.06 5.40 11.32
CA ASP A 88 -5.62 5.69 12.67
C ASP A 88 -5.48 4.42 13.46
N SER A 89 -4.45 3.65 13.11
CA SER A 89 -4.18 2.39 13.79
C SER A 89 -4.43 2.51 15.29
N ARG B 1 -7.66 15.36 7.52
CA ARG B 1 -8.24 14.38 6.56
C ARG B 1 -7.19 14.00 5.52
N ARG B 2 -5.97 14.49 5.71
CA ARG B 2 -4.87 14.20 4.79
C ARG B 2 -5.18 14.76 3.40
N VAL B 3 -6.19 14.18 2.74
CA VAL B 3 -6.58 14.63 1.41
C VAL B 3 -5.52 14.24 0.38
N ARG B 4 -4.59 13.39 0.80
CA ARG B 4 -3.52 12.95 -0.10
C ARG B 4 -4.06 11.91 -1.08
N ILE B 5 -3.83 10.63 -0.79
CA ILE B 5 -4.31 9.56 -1.66
C ILE B 5 -5.49 8.85 -1.01
N SER B 6 -6.66 8.99 -1.64
CA SER B 6 -7.88 8.36 -1.14
C SER B 6 -7.85 6.85 -1.38
N ALA B 7 -8.46 6.10 -0.48
CA ALA B 7 -8.49 4.66 -0.60
C ALA B 7 -9.18 4.25 -1.91
N ASP B 8 -10.24 4.95 -2.26
CA ASP B 8 -10.97 4.65 -3.49
C ASP B 8 -10.06 4.78 -4.71
N ALA B 9 -9.33 5.89 -4.78
CA ALA B 9 -8.42 6.13 -5.89
C ALA B 9 -7.31 5.08 -5.93
N MET B 10 -6.79 4.72 -4.76
CA MET B 10 -5.72 3.74 -4.66
C MET B 10 -6.18 2.39 -5.23
N MET B 11 -7.37 1.97 -4.82
CA MET B 11 -7.92 0.71 -5.29
C MET B 11 -8.15 0.76 -6.79
N GLN B 12 -8.65 1.90 -7.28
CA GLN B 12 -8.91 2.06 -8.70
C GLN B 12 -7.61 2.01 -9.51
N ALA B 13 -6.55 2.63 -8.96
CA ALA B 13 -5.27 2.66 -9.64
C ALA B 13 -4.73 1.25 -9.88
N LEU B 14 -4.89 0.38 -8.89
CA LEU B 14 -4.41 -0.99 -9.00
C LEU B 14 -5.51 -1.97 -8.61
N LEU B 15 -5.14 -3.13 -8.07
CA LEU B 15 -6.13 -4.12 -7.66
C LEU B 15 -7.12 -4.39 -8.81
N GLY B 16 -8.20 -3.61 -8.86
CA GLY B 16 -9.19 -3.79 -9.91
C GLY B 16 -9.57 -2.45 -10.52
N ALA B 17 -9.49 -2.37 -11.84
CA ALA B 17 -9.83 -1.14 -12.55
C ALA B 17 -11.29 -0.77 -12.32
N ARG B 18 -12.15 -1.79 -12.33
CA ARG B 18 -13.58 -1.57 -12.12
C ARG B 18 -14.00 -1.94 -10.69
N HIS B 19 -14.59 -0.98 -10.00
CA HIS B 19 -15.07 -1.22 -8.64
C HIS B 19 -16.09 -0.16 -8.25
N LYS B 20 -16.86 -0.44 -7.20
CA LYS B 20 -17.87 0.51 -6.73
C LYS B 20 -17.49 1.04 -5.35
N GLU B 21 -17.96 2.24 -5.02
CA GLU B 21 -17.66 2.83 -3.72
C GLU B 21 -17.71 1.79 -2.62
N SER B 22 -16.63 1.73 -1.85
CA SER B 22 -16.54 0.76 -0.75
C SER B 22 -16.80 1.44 0.59
N LEU B 23 -16.06 2.51 0.86
CA LEU B 23 -16.22 3.23 2.12
C LEU B 23 -17.32 4.30 2.02
N ASP B 24 -18.56 3.87 2.24
CA ASP B 24 -19.69 4.79 2.19
C ASP B 24 -19.89 5.46 3.54
N LEU B 25 -19.17 4.98 4.54
CA LEU B 25 -19.25 5.53 5.88
C LEU B 25 -18.46 6.83 5.98
N ARG B 26 -18.82 7.65 6.97
CA ARG B 26 -18.16 8.92 7.18
C ARG B 26 -16.68 8.70 7.48
N ALA B 27 -16.38 7.65 8.24
CA ALA B 27 -15.00 7.32 8.60
C ALA B 27 -14.05 7.62 7.44
N MET A 1 4.13 -4.53 15.50
CA MET A 1 4.63 -5.84 15.01
C MET A 1 4.12 -6.94 15.94
N ASP A 2 2.97 -6.70 16.56
CA ASP A 2 2.38 -7.67 17.46
C ASP A 2 1.73 -8.82 16.69
N ASP A 3 1.35 -9.87 17.41
CA ASP A 3 0.74 -11.04 16.79
C ASP A 3 -0.61 -10.69 16.16
N ILE A 4 -1.13 -9.53 16.50
CA ILE A 4 -2.40 -9.08 15.95
C ILE A 4 -2.29 -8.88 14.45
N TYR A 5 -1.15 -8.33 14.02
CA TYR A 5 -0.92 -8.08 12.60
C TYR A 5 -0.98 -9.36 11.78
N LYS A 6 -0.36 -10.42 12.30
CA LYS A 6 -0.38 -11.69 11.59
C LYS A 6 -1.81 -12.20 11.48
N ALA A 7 -2.54 -12.12 12.58
CA ALA A 7 -3.94 -12.55 12.58
C ALA A 7 -4.78 -11.66 11.69
N ALA A 8 -4.49 -10.36 11.70
CA ALA A 8 -5.25 -9.44 10.88
C ALA A 8 -5.06 -9.78 9.41
N VAL A 9 -3.82 -10.06 9.03
CA VAL A 9 -3.50 -10.42 7.66
C VAL A 9 -4.22 -11.68 7.22
N GLU A 10 -4.16 -12.71 8.07
CA GLU A 10 -4.83 -13.97 7.77
C GLU A 10 -6.34 -13.77 7.75
N GLN A 11 -6.82 -12.88 8.60
CA GLN A 11 -8.25 -12.62 8.69
C GLN A 11 -8.77 -12.09 7.36
N LEU A 12 -7.97 -11.28 6.67
CA LEU A 12 -8.36 -10.72 5.38
C LEU A 12 -9.10 -11.76 4.53
N THR A 13 -10.04 -11.29 3.72
CA THR A 13 -10.82 -12.17 2.87
C THR A 13 -10.00 -12.63 1.68
N GLU A 14 -10.54 -13.61 0.96
CA GLU A 14 -9.85 -14.15 -0.21
C GLU A 14 -9.67 -13.06 -1.26
N GLU A 15 -10.59 -12.11 -1.28
CA GLU A 15 -10.52 -11.00 -2.23
C GLU A 15 -9.39 -10.05 -1.88
N GLN A 16 -9.32 -9.67 -0.62
CA GLN A 16 -8.27 -8.77 -0.16
C GLN A 16 -6.90 -9.42 -0.37
N LYS A 17 -6.84 -10.73 -0.21
CA LYS A 17 -5.59 -11.45 -0.41
C LYS A 17 -5.29 -11.63 -1.88
N ASN A 18 -6.32 -11.95 -2.67
CA ASN A 18 -6.11 -12.17 -4.08
C ASN A 18 -5.67 -10.88 -4.78
N GLU A 19 -6.29 -9.76 -4.40
CA GLU A 19 -5.93 -8.48 -5.01
C GLU A 19 -4.55 -8.04 -4.56
N PHE A 20 -4.25 -8.29 -3.29
CA PHE A 20 -2.94 -7.92 -2.74
C PHE A 20 -1.82 -8.54 -3.58
N LYS A 21 -1.90 -9.83 -3.82
CA LYS A 21 -0.87 -10.51 -4.62
C LYS A 21 -0.78 -9.89 -6.01
N ALA A 22 -1.93 -9.71 -6.66
CA ALA A 22 -1.93 -9.12 -8.00
C ALA A 22 -1.40 -7.68 -7.94
N ALA A 23 -1.82 -6.95 -6.92
CA ALA A 23 -1.40 -5.57 -6.74
C ALA A 23 0.11 -5.49 -6.54
N PHE A 24 0.66 -6.43 -5.78
CA PHE A 24 2.09 -6.43 -5.51
C PHE A 24 2.86 -6.57 -6.83
N ASP A 25 2.39 -7.45 -7.71
CA ASP A 25 3.06 -7.65 -8.99
C ASP A 25 3.09 -6.36 -9.79
N ILE A 26 1.97 -5.65 -9.81
CA ILE A 26 1.88 -4.40 -10.53
C ILE A 26 2.76 -3.35 -9.84
N PHE A 27 2.73 -3.34 -8.51
CA PHE A 27 3.51 -2.38 -7.73
C PHE A 27 4.99 -2.50 -8.09
N VAL A 28 5.48 -3.72 -8.24
CA VAL A 28 6.88 -3.94 -8.56
C VAL A 28 7.11 -3.95 -10.07
N LEU A 29 6.26 -3.23 -10.80
CA LEU A 29 6.37 -3.17 -12.25
C LEU A 29 7.83 -3.00 -12.69
N GLY A 30 8.58 -2.15 -11.98
CA GLY A 30 9.97 -1.90 -12.32
C GLY A 30 10.93 -2.54 -11.32
N ALA A 31 10.41 -3.47 -10.52
CA ALA A 31 11.24 -4.14 -9.53
C ALA A 31 11.16 -5.66 -9.71
N GLU A 32 12.00 -6.17 -10.59
CA GLU A 32 12.04 -7.60 -10.86
C GLU A 32 12.51 -8.36 -9.63
N ASP A 33 13.21 -7.64 -8.77
CA ASP A 33 13.71 -8.23 -7.54
C ASP A 33 12.57 -8.51 -6.57
N GLY A 34 11.42 -7.89 -6.81
CA GLY A 34 10.26 -8.09 -5.96
C GLY A 34 10.32 -7.17 -4.75
N CYS A 35 11.14 -6.12 -4.85
CA CYS A 35 11.27 -5.16 -3.76
C CYS A 35 10.85 -3.77 -4.22
N ILE A 36 10.21 -3.03 -3.32
CA ILE A 36 9.74 -1.69 -3.64
C ILE A 36 10.49 -0.65 -2.81
N SER A 37 11.11 0.29 -3.48
CA SER A 37 11.87 1.34 -2.81
C SER A 37 11.53 2.70 -3.40
N THR A 38 12.31 3.71 -3.06
CA THR A 38 12.06 5.04 -3.58
C THR A 38 12.26 5.07 -5.09
N LYS A 39 13.10 4.18 -5.60
CA LYS A 39 13.37 4.12 -7.03
C LYS A 39 12.09 3.78 -7.81
N GLU A 40 11.30 2.86 -7.28
CA GLU A 40 10.06 2.46 -7.93
C GLU A 40 8.93 3.42 -7.56
N LEU A 41 8.92 3.86 -6.30
CA LEU A 41 7.89 4.77 -5.83
C LEU A 41 7.92 6.05 -6.66
N GLY A 42 9.07 6.36 -7.25
CA GLY A 42 9.21 7.55 -8.06
C GLY A 42 8.22 7.53 -9.23
N LYS A 43 7.95 6.34 -9.75
CA LYS A 43 7.02 6.19 -10.86
C LYS A 43 5.58 6.10 -10.35
N VAL A 44 5.41 5.45 -9.21
CA VAL A 44 4.08 5.29 -8.63
C VAL A 44 3.48 6.64 -8.27
N MET A 45 4.28 7.50 -7.66
CA MET A 45 3.80 8.80 -7.26
C MET A 45 3.45 9.63 -8.50
N ARG A 46 4.19 9.40 -9.58
CA ARG A 46 3.94 10.12 -10.82
C ARG A 46 2.54 9.84 -11.33
N MET A 47 2.14 8.57 -11.30
CA MET A 47 0.81 8.20 -11.75
C MET A 47 -0.24 8.87 -10.89
N LEU A 48 0.02 8.92 -9.59
CA LEU A 48 -0.91 9.55 -8.66
C LEU A 48 -0.96 11.06 -8.86
N GLY A 49 -0.05 11.58 -9.70
CA GLY A 49 -0.01 13.01 -9.96
C GLY A 49 0.65 13.77 -8.82
N GLN A 50 1.49 13.06 -8.08
CA GLN A 50 2.20 13.67 -6.95
C GLN A 50 3.70 13.66 -7.20
N ASN A 51 4.33 14.81 -6.95
CA ASN A 51 5.76 14.95 -7.14
C ASN A 51 6.40 15.56 -5.90
N PRO A 52 6.42 14.83 -4.81
CA PRO A 52 7.01 15.31 -3.53
C PRO A 52 8.52 15.31 -3.58
N THR A 53 9.15 15.54 -2.44
CA THR A 53 10.61 15.58 -2.36
C THR A 53 11.19 14.21 -1.95
N PRO A 54 12.43 13.90 -2.27
CA PRO A 54 13.07 12.60 -1.89
C PRO A 54 12.96 12.29 -0.40
N GLU A 55 13.11 13.33 0.43
CA GLU A 55 13.06 13.14 1.87
C GLU A 55 11.70 12.62 2.32
N GLU A 56 10.67 13.13 1.66
CA GLU A 56 9.31 12.72 1.98
C GLU A 56 9.11 11.26 1.64
N LEU A 57 9.65 10.87 0.50
CA LEU A 57 9.52 9.49 0.06
C LEU A 57 10.19 8.55 1.04
N GLN A 58 11.35 8.98 1.54
CA GLN A 58 12.10 8.17 2.49
C GLN A 58 11.32 8.04 3.79
N GLU A 59 10.74 9.15 4.24
CA GLU A 59 9.95 9.17 5.47
C GLU A 59 8.69 8.31 5.33
N MET A 60 8.08 8.34 4.15
CA MET A 60 6.87 7.56 3.91
C MET A 60 7.15 6.08 4.11
N ILE A 61 8.26 5.60 3.58
CA ILE A 61 8.61 4.20 3.74
C ILE A 61 9.02 3.93 5.18
N ASP A 62 9.80 4.83 5.75
CA ASP A 62 10.27 4.65 7.11
C ASP A 62 9.08 4.49 8.06
N GLU A 63 8.01 5.22 7.79
CA GLU A 63 6.81 5.17 8.62
C GLU A 63 6.16 3.78 8.63
N VAL A 64 6.10 3.12 7.47
CA VAL A 64 5.47 1.79 7.40
C VAL A 64 6.52 0.68 7.46
N ASP A 65 7.79 1.05 7.30
CA ASP A 65 8.88 0.08 7.34
C ASP A 65 9.17 -0.36 8.78
N GLU A 66 9.17 -1.66 9.00
CA GLU A 66 9.43 -2.21 10.33
C GLU A 66 10.92 -2.21 10.63
N ASP A 67 11.75 -2.31 9.59
CA ASP A 67 13.19 -2.32 9.78
C ASP A 67 13.83 -0.99 9.41
N GLY A 68 13.04 -0.12 8.77
CA GLY A 68 13.56 1.19 8.38
C GLY A 68 14.59 1.05 7.27
N SER A 69 14.63 -0.12 6.65
CA SER A 69 15.57 -0.36 5.57
C SER A 69 15.33 0.57 4.40
N GLY A 70 14.12 1.13 4.33
CA GLY A 70 13.79 2.05 3.25
C GLY A 70 13.15 1.30 2.09
N THR A 71 12.87 0.01 2.31
CA THR A 71 12.26 -0.81 1.27
C THR A 71 11.04 -1.55 1.82
N VAL A 72 10.12 -1.92 0.93
CA VAL A 72 8.91 -2.63 1.32
C VAL A 72 8.82 -3.96 0.58
N ASP A 73 8.72 -5.05 1.34
CA ASP A 73 8.62 -6.38 0.76
C ASP A 73 7.20 -6.92 0.92
N PHE A 74 7.02 -8.21 0.68
CA PHE A 74 5.69 -8.81 0.79
C PHE A 74 5.13 -8.69 2.20
N ASP A 75 5.94 -9.02 3.20
CA ASP A 75 5.50 -8.95 4.59
C ASP A 75 5.20 -7.51 5.00
N GLU A 76 6.09 -6.61 4.62
CA GLU A 76 5.92 -5.21 4.94
C GLU A 76 4.72 -4.64 4.18
N PHE A 77 4.58 -5.05 2.92
CA PHE A 77 3.47 -4.58 2.11
C PHE A 77 2.15 -4.95 2.75
N LEU A 78 2.03 -6.21 3.17
CA LEU A 78 0.80 -6.65 3.80
C LEU A 78 0.55 -5.88 5.10
N VAL A 79 1.61 -5.67 5.86
CA VAL A 79 1.51 -4.94 7.12
C VAL A 79 1.14 -3.47 6.88
N MET A 80 1.72 -2.88 5.85
CA MET A 80 1.46 -1.49 5.53
C MET A 80 0.00 -1.31 5.14
N MET A 81 -0.51 -2.28 4.40
CA MET A 81 -1.90 -2.22 3.97
C MET A 81 -2.83 -2.32 5.17
N VAL A 82 -2.57 -3.30 6.04
CA VAL A 82 -3.39 -3.50 7.21
C VAL A 82 -3.24 -2.33 8.20
N ARG A 83 -2.01 -1.85 8.35
CA ARG A 83 -1.75 -0.75 9.26
C ARG A 83 -2.55 0.48 8.86
N CYS A 84 -2.58 0.76 7.57
CA CYS A 84 -3.31 1.91 7.07
C CYS A 84 -4.79 1.78 7.43
N MET A 85 -5.37 0.63 7.15
CA MET A 85 -6.79 0.41 7.46
C MET A 85 -7.03 0.48 8.96
N LYS A 86 -6.16 -0.17 9.73
CA LYS A 86 -6.28 -0.18 11.18
C LYS A 86 -6.10 1.22 11.75
N ASP A 87 -5.15 1.96 11.20
CA ASP A 87 -4.88 3.31 11.66
C ASP A 87 -6.18 4.12 11.75
N ASP A 88 -6.33 4.84 12.84
CA ASP A 88 -7.52 5.65 13.07
C ASP A 88 -7.15 7.12 13.21
N SER A 89 -6.76 7.73 12.10
CA SER A 89 -6.38 9.14 12.11
C SER A 89 -7.57 10.01 12.48
N ARG B 1 -11.25 14.19 -3.03
CA ARG B 1 -10.61 13.04 -2.33
C ARG B 1 -9.17 12.89 -2.82
N ARG B 2 -8.91 13.45 -4.00
CA ARG B 2 -7.57 13.37 -4.60
C ARG B 2 -6.54 14.05 -3.70
N VAL B 3 -7.03 14.92 -2.82
CA VAL B 3 -6.15 15.63 -1.90
C VAL B 3 -5.43 14.63 -0.98
N ARG B 4 -6.19 13.65 -0.48
CA ARG B 4 -5.64 12.63 0.39
C ARG B 4 -5.60 11.27 -0.31
N ILE B 5 -4.44 10.63 -0.27
CA ILE B 5 -4.27 9.33 -0.91
C ILE B 5 -5.14 8.28 -0.21
N SER B 6 -5.33 8.45 1.09
CA SER B 6 -6.15 7.52 1.88
C SER B 6 -5.89 6.09 1.42
N ALA B 7 -6.97 5.30 1.33
CA ALA B 7 -6.86 3.91 0.91
C ALA B 7 -7.77 3.64 -0.27
N ASP B 8 -9.01 4.10 -0.18
CA ASP B 8 -9.98 3.89 -1.25
C ASP B 8 -9.50 4.54 -2.54
N ALA B 9 -8.87 5.71 -2.42
CA ALA B 9 -8.37 6.43 -3.59
C ALA B 9 -7.31 5.59 -4.33
N MET B 10 -6.41 4.97 -3.58
CA MET B 10 -5.35 4.16 -4.21
C MET B 10 -5.96 2.93 -4.86
N MET B 11 -7.00 2.38 -4.23
CA MET B 11 -7.66 1.20 -4.77
C MET B 11 -8.25 1.48 -6.14
N GLN B 12 -8.86 2.66 -6.29
CA GLN B 12 -9.44 3.03 -7.57
C GLN B 12 -8.36 3.14 -8.64
N ALA B 13 -7.23 3.72 -8.28
CA ALA B 13 -6.14 3.88 -9.23
C ALA B 13 -5.65 2.52 -9.73
N LEU B 14 -5.46 1.60 -8.80
CA LEU B 14 -4.98 0.27 -9.16
C LEU B 14 -6.08 -0.53 -9.86
N LEU B 15 -7.31 -0.39 -9.38
CA LEU B 15 -8.45 -1.10 -9.95
C LEU B 15 -9.44 -0.13 -10.59
N GLY B 16 -10.38 0.36 -9.80
CA GLY B 16 -11.38 1.31 -10.31
C GLY B 16 -12.46 0.57 -11.08
N ALA B 17 -13.62 0.39 -10.46
CA ALA B 17 -14.72 -0.31 -11.11
C ALA B 17 -16.05 0.02 -10.41
N ARG B 18 -17.01 -0.87 -10.55
CA ARG B 18 -18.31 -0.68 -9.92
C ARG B 18 -18.20 -0.81 -8.41
N HIS B 19 -17.01 -1.19 -7.93
CA HIS B 19 -16.80 -1.34 -6.49
C HIS B 19 -16.95 0.01 -5.80
N LYS B 20 -16.93 1.09 -6.59
CA LYS B 20 -17.05 2.45 -6.05
C LYS B 20 -18.30 2.57 -5.19
N GLU B 21 -19.18 1.59 -5.29
CA GLU B 21 -20.42 1.63 -4.52
C GLU B 21 -20.12 1.67 -3.02
N SER B 22 -19.17 0.85 -2.59
CA SER B 22 -18.78 0.82 -1.18
C SER B 22 -17.54 -0.06 -0.98
N LEU B 23 -16.97 0.01 0.23
CA LEU B 23 -15.81 -0.79 0.56
C LEU B 23 -15.40 -0.55 2.01
N ASP B 24 -14.86 0.63 2.29
CA ASP B 24 -14.43 0.97 3.64
C ASP B 24 -15.43 1.89 4.33
N LEU B 25 -16.64 1.96 3.76
CA LEU B 25 -17.69 2.80 4.34
C LEU B 25 -18.13 2.27 5.70
N ARG B 26 -18.36 0.96 5.78
CA ARG B 26 -18.77 0.34 7.03
C ARG B 26 -17.81 -0.77 7.42
N ALA B 27 -17.06 -0.53 8.48
CA ALA B 27 -16.08 -1.51 8.97
C ALA B 27 -15.58 -1.12 10.35
N MET A 1 -3.28 -6.25 22.88
CA MET A 1 -3.97 -5.42 21.85
C MET A 1 -3.46 -5.79 20.46
N ASP A 2 -2.15 -5.95 20.35
CA ASP A 2 -1.53 -6.31 19.07
C ASP A 2 -1.97 -7.70 18.62
N ASP A 3 -2.55 -8.44 19.55
CA ASP A 3 -3.03 -9.78 19.25
C ASP A 3 -4.09 -9.74 18.15
N ILE A 4 -4.94 -8.73 18.21
CA ILE A 4 -6.00 -8.57 17.22
C ILE A 4 -5.41 -8.39 15.83
N TYR A 5 -4.34 -7.60 15.76
CA TYR A 5 -3.66 -7.32 14.49
C TYR A 5 -3.19 -8.62 13.85
N LYS A 6 -2.56 -9.48 14.64
CA LYS A 6 -2.07 -10.75 14.12
C LYS A 6 -3.24 -11.57 13.59
N ALA A 7 -4.31 -11.62 14.37
CA ALA A 7 -5.50 -12.36 13.98
C ALA A 7 -6.12 -11.76 12.72
N ALA A 8 -6.03 -10.44 12.59
CA ALA A 8 -6.62 -9.78 11.44
C ALA A 8 -5.97 -10.28 10.15
N VAL A 9 -4.66 -10.42 10.18
CA VAL A 9 -3.93 -10.90 9.02
C VAL A 9 -4.32 -12.34 8.69
N GLU A 10 -4.30 -13.20 9.70
CA GLU A 10 -4.64 -14.61 9.52
C GLU A 10 -6.11 -14.75 9.13
N GLN A 11 -6.93 -13.84 9.63
CA GLN A 11 -8.36 -13.88 9.34
C GLN A 11 -8.61 -13.75 7.84
N LEU A 12 -7.66 -13.13 7.14
CA LEU A 12 -7.81 -12.95 5.70
C LEU A 12 -8.01 -14.31 5.02
N THR A 13 -8.97 -14.36 4.10
CA THR A 13 -9.25 -15.58 3.37
C THR A 13 -8.25 -15.78 2.26
N GLU A 14 -8.24 -16.97 1.69
CA GLU A 14 -7.32 -17.29 0.62
C GLU A 14 -7.56 -16.36 -0.56
N GLU A 15 -8.83 -16.10 -0.82
CA GLU A 15 -9.20 -15.23 -1.93
C GLU A 15 -8.73 -13.80 -1.67
N GLN A 16 -8.85 -13.35 -0.41
CA GLN A 16 -8.43 -12.00 -0.06
C GLN A 16 -6.93 -11.84 -0.30
N LYS A 17 -6.17 -12.86 0.07
CA LYS A 17 -4.73 -12.82 -0.12
C LYS A 17 -4.41 -12.84 -1.59
N ASN A 18 -5.18 -13.60 -2.36
CA ASN A 18 -4.93 -13.68 -3.78
C ASN A 18 -5.08 -12.30 -4.43
N GLU A 19 -6.10 -11.57 -4.00
CA GLU A 19 -6.35 -10.24 -4.54
C GLU A 19 -5.18 -9.30 -4.20
N PHE A 20 -4.64 -9.46 -3.00
CA PHE A 20 -3.53 -8.64 -2.55
C PHE A 20 -2.32 -8.84 -3.46
N LYS A 21 -2.07 -10.08 -3.83
CA LYS A 21 -0.95 -10.41 -4.72
C LYS A 21 -1.11 -9.70 -6.06
N ALA A 22 -2.34 -9.70 -6.57
CA ALA A 22 -2.59 -9.07 -7.86
C ALA A 22 -2.22 -7.60 -7.81
N ALA A 23 -2.60 -6.93 -6.74
CA ALA A 23 -2.28 -5.51 -6.58
C ALA A 23 -0.77 -5.32 -6.51
N PHE A 24 -0.11 -6.21 -5.79
CA PHE A 24 1.34 -6.13 -5.65
C PHE A 24 2.03 -6.31 -7.00
N ASP A 25 1.53 -7.26 -7.78
CA ASP A 25 2.11 -7.53 -9.10
C ASP A 25 2.03 -6.29 -9.98
N ILE A 26 0.91 -5.58 -9.90
CA ILE A 26 0.73 -4.37 -10.67
C ILE A 26 1.57 -3.24 -10.08
N PHE A 27 1.62 -3.19 -8.75
CA PHE A 27 2.37 -2.15 -8.06
C PHE A 27 3.82 -2.13 -8.54
N VAL A 28 4.39 -3.30 -8.79
CA VAL A 28 5.78 -3.39 -9.23
C VAL A 28 5.91 -3.08 -10.71
N LEU A 29 4.90 -2.39 -11.26
CA LEU A 29 4.92 -2.01 -12.67
C LEU A 29 6.29 -1.50 -13.09
N GLY A 30 6.93 -0.72 -12.21
CA GLY A 30 8.24 -0.16 -12.51
C GLY A 30 9.33 -0.73 -11.61
N ALA A 31 9.13 -1.95 -11.10
CA ALA A 31 10.11 -2.57 -10.22
C ALA A 31 10.38 -4.01 -10.64
N GLU A 32 11.46 -4.20 -11.40
CA GLU A 32 11.82 -5.53 -11.84
C GLU A 32 12.35 -6.37 -10.68
N ASP A 33 12.72 -5.68 -9.61
CA ASP A 33 13.24 -6.36 -8.44
C ASP A 33 12.12 -7.04 -7.65
N GLY A 34 10.87 -6.65 -7.94
CA GLY A 34 9.74 -7.25 -7.24
C GLY A 34 9.50 -6.57 -5.90
N CYS A 35 10.05 -5.36 -5.76
CA CYS A 35 9.89 -4.61 -4.52
C CYS A 35 9.63 -3.14 -4.82
N ILE A 36 9.02 -2.43 -3.87
CA ILE A 36 8.70 -1.02 -4.06
C ILE A 36 9.76 -0.16 -3.36
N SER A 37 10.29 0.80 -4.09
CA SER A 37 11.30 1.70 -3.56
C SER A 37 11.02 3.12 -4.00
N THR A 38 11.85 4.05 -3.57
CA THR A 38 11.68 5.45 -3.94
C THR A 38 11.72 5.60 -5.45
N LYS A 39 12.41 4.68 -6.12
CA LYS A 39 12.50 4.73 -7.57
C LYS A 39 11.13 4.51 -8.21
N GLU A 40 10.49 3.38 -7.90
CA GLU A 40 9.18 3.09 -8.46
C GLU A 40 8.12 4.07 -7.94
N LEU A 41 8.22 4.42 -6.66
CA LEU A 41 7.27 5.34 -6.05
C LEU A 41 7.26 6.66 -6.80
N GLY A 42 8.42 7.04 -7.34
CA GLY A 42 8.52 8.30 -8.06
C GLY A 42 7.59 8.32 -9.26
N LYS A 43 7.49 7.19 -9.96
CA LYS A 43 6.62 7.11 -11.14
C LYS A 43 5.16 7.11 -10.72
N VAL A 44 4.87 6.39 -9.65
CA VAL A 44 3.51 6.30 -9.14
C VAL A 44 3.05 7.66 -8.64
N MET A 45 3.92 8.34 -7.91
CA MET A 45 3.58 9.65 -7.38
C MET A 45 3.30 10.64 -8.49
N ARG A 46 4.09 10.55 -9.55
CA ARG A 46 3.92 11.45 -10.69
C ARG A 46 2.52 11.28 -11.29
N MET A 47 2.07 10.04 -11.39
CA MET A 47 0.75 9.76 -11.94
C MET A 47 -0.33 10.39 -11.06
N LEU A 48 -0.11 10.35 -9.75
CA LEU A 48 -1.06 10.91 -8.80
C LEU A 48 -1.15 12.43 -8.97
N GLY A 49 -0.11 13.03 -9.53
CA GLY A 49 -0.08 14.47 -9.74
C GLY A 49 0.80 15.16 -8.71
N GLN A 50 1.72 14.40 -8.11
CA GLN A 50 2.63 14.94 -7.10
C GLN A 50 4.08 14.73 -7.53
N ASN A 51 4.94 15.69 -7.20
CA ASN A 51 6.35 15.61 -7.54
C ASN A 51 7.21 15.89 -6.33
N PRO A 52 7.23 14.98 -5.39
CA PRO A 52 8.03 15.11 -4.14
C PRO A 52 9.51 14.86 -4.40
N THR A 53 10.27 14.68 -3.34
CA THR A 53 11.71 14.43 -3.45
C THR A 53 12.09 13.07 -2.84
N PRO A 54 13.15 12.45 -3.32
CA PRO A 54 13.60 11.13 -2.76
C PRO A 54 13.67 11.14 -1.23
N GLU A 55 14.13 12.25 -0.66
CA GLU A 55 14.24 12.36 0.79
C GLU A 55 12.87 12.22 1.46
N GLU A 56 11.88 12.87 0.88
CA GLU A 56 10.51 12.82 1.41
C GLU A 56 9.96 11.42 1.33
N LEU A 57 10.24 10.77 0.21
CA LEU A 57 9.76 9.42 -0.01
C LEU A 57 10.43 8.46 0.95
N GLN A 58 11.71 8.69 1.19
CA GLN A 58 12.45 7.83 2.10
C GLN A 58 11.90 7.93 3.51
N GLU A 59 11.56 9.14 3.92
CA GLU A 59 11.03 9.37 5.26
C GLU A 59 9.71 8.62 5.45
N MET A 60 8.84 8.68 4.43
CA MET A 60 7.55 8.00 4.50
C MET A 60 7.75 6.49 4.61
N ILE A 61 8.67 5.97 3.81
CA ILE A 61 8.94 4.55 3.83
C ILE A 61 9.54 4.13 5.17
N ASP A 62 10.41 4.99 5.71
CA ASP A 62 11.06 4.69 6.98
C ASP A 62 10.01 4.49 8.08
N GLU A 63 8.97 5.31 8.07
CA GLU A 63 7.91 5.17 9.06
C GLU A 63 7.18 3.84 8.88
N VAL A 64 6.93 3.48 7.62
CA VAL A 64 6.24 2.22 7.33
C VAL A 64 7.18 1.03 7.49
N ASP A 65 8.46 1.24 7.19
CA ASP A 65 9.45 0.17 7.32
C ASP A 65 9.98 0.07 8.74
N GLU A 66 9.79 -1.09 9.35
CA GLU A 66 10.25 -1.32 10.71
C GLU A 66 11.76 -1.60 10.72
N ASP A 67 12.28 -2.02 9.56
CA ASP A 67 13.70 -2.32 9.45
C ASP A 67 14.47 -1.15 8.84
N GLY A 68 13.73 -0.16 8.35
CA GLY A 68 14.37 1.01 7.76
C GLY A 68 15.09 0.63 6.48
N SER A 69 14.68 -0.48 5.90
CA SER A 69 15.30 -0.95 4.66
C SER A 69 15.16 0.09 3.56
N GLY A 70 14.05 0.83 3.56
CA GLY A 70 13.83 1.86 2.55
C GLY A 70 12.97 1.32 1.41
N THR A 71 12.58 0.05 1.51
CA THR A 71 11.76 -0.57 0.48
C THR A 71 10.65 -1.40 1.12
N VAL A 72 9.61 -1.70 0.34
CA VAL A 72 8.49 -2.50 0.82
C VAL A 72 8.47 -3.86 0.14
N ASP A 73 8.59 -4.92 0.94
CA ASP A 73 8.58 -6.28 0.42
C ASP A 73 7.19 -6.90 0.56
N PHE A 74 7.09 -8.20 0.26
CA PHE A 74 5.81 -8.90 0.37
C PHE A 74 5.21 -8.78 1.78
N ASP A 75 6.00 -9.11 2.79
CA ASP A 75 5.54 -9.06 4.17
C ASP A 75 5.15 -7.64 4.58
N GLU A 76 6.00 -6.68 4.22
CA GLU A 76 5.76 -5.27 4.52
C GLU A 76 4.58 -4.77 3.69
N PHE A 77 4.43 -5.34 2.51
CA PHE A 77 3.31 -4.97 1.63
C PHE A 77 1.98 -5.38 2.25
N LEU A 78 1.91 -6.61 2.75
CA LEU A 78 0.67 -7.10 3.35
C LEU A 78 0.23 -6.26 4.54
N VAL A 79 1.16 -5.99 5.44
CA VAL A 79 0.85 -5.19 6.62
C VAL A 79 0.54 -3.75 6.24
N MET A 80 1.16 -3.28 5.17
CA MET A 80 0.94 -1.92 4.73
C MET A 80 -0.52 -1.74 4.33
N MET A 81 -1.04 -2.73 3.63
CA MET A 81 -2.43 -2.69 3.19
C MET A 81 -3.37 -2.75 4.39
N VAL A 82 -3.12 -3.67 5.31
CA VAL A 82 -3.96 -3.82 6.49
C VAL A 82 -3.90 -2.58 7.36
N ARG A 83 -2.69 -2.09 7.62
CA ARG A 83 -2.54 -0.91 8.45
C ARG A 83 -3.19 0.30 7.81
N CYS A 84 -3.03 0.43 6.49
CA CYS A 84 -3.62 1.55 5.77
C CYS A 84 -5.15 1.47 5.81
N MET A 85 -5.68 0.26 5.66
CA MET A 85 -7.11 0.06 5.68
C MET A 85 -7.72 0.50 7.01
N LYS A 86 -7.12 0.06 8.11
CA LYS A 86 -7.60 0.42 9.43
C LYS A 86 -7.10 1.81 9.83
N ASP A 87 -6.02 2.23 9.21
CA ASP A 87 -5.43 3.53 9.50
C ASP A 87 -4.74 3.51 10.87
N ASP A 88 -3.57 4.12 10.94
CA ASP A 88 -2.81 4.16 12.19
C ASP A 88 -3.22 5.37 13.01
N SER A 89 -4.41 5.31 13.57
CA SER A 89 -4.93 6.40 14.38
C SER A 89 -3.84 6.92 15.31
N ARG B 1 -9.22 18.15 -3.41
CA ARG B 1 -10.25 17.95 -2.35
C ARG B 1 -9.64 17.13 -1.21
N ARG B 2 -8.44 16.63 -1.43
CA ARG B 2 -7.75 15.83 -0.42
C ARG B 2 -6.26 16.17 -0.39
N VAL B 3 -5.69 16.17 0.81
CA VAL B 3 -4.28 16.49 0.97
C VAL B 3 -3.45 15.22 1.08
N ARG B 4 -3.87 14.32 1.97
CA ARG B 4 -3.16 13.06 2.16
C ARG B 4 -3.72 11.99 1.25
N ILE B 5 -2.83 11.11 0.76
CA ILE B 5 -3.24 10.03 -0.13
C ILE B 5 -4.02 8.98 0.65
N SER B 6 -5.18 8.60 0.12
CA SER B 6 -6.02 7.59 0.78
C SER B 6 -5.83 6.23 0.14
N ALA B 7 -5.87 5.18 0.94
CA ALA B 7 -5.71 3.82 0.44
C ALA B 7 -6.81 3.49 -0.57
N ASP B 8 -8.02 3.94 -0.26
CA ASP B 8 -9.16 3.69 -1.14
C ASP B 8 -8.91 4.31 -2.51
N ALA B 9 -8.40 5.53 -2.53
CA ALA B 9 -8.11 6.21 -3.78
C ALA B 9 -7.05 5.44 -4.58
N MET B 10 -6.05 4.93 -3.86
CA MET B 10 -4.97 4.19 -4.51
C MET B 10 -5.53 2.93 -5.19
N MET B 11 -6.40 2.22 -4.50
CA MET B 11 -7.03 1.02 -5.05
C MET B 11 -7.89 1.36 -6.25
N GLN B 12 -8.59 2.49 -6.18
CA GLN B 12 -9.46 2.90 -7.27
C GLN B 12 -8.65 3.09 -8.55
N ALA B 13 -7.50 3.72 -8.42
CA ALA B 13 -6.63 3.96 -9.58
C ALA B 13 -6.17 2.63 -10.18
N LEU B 14 -5.84 1.68 -9.31
CA LEU B 14 -5.39 0.38 -9.76
C LEU B 14 -6.54 -0.38 -10.42
N LEU B 15 -6.26 -0.95 -11.60
CA LEU B 15 -7.27 -1.71 -12.32
C LEU B 15 -8.50 -0.84 -12.58
N GLY B 16 -8.35 0.47 -12.41
CA GLY B 16 -9.47 1.39 -12.63
C GLY B 16 -10.56 1.17 -11.61
N ALA B 17 -11.80 1.43 -12.01
CA ALA B 17 -12.95 1.26 -11.12
C ALA B 17 -13.76 0.04 -11.54
N ARG B 18 -13.93 -0.90 -10.61
CA ARG B 18 -14.69 -2.11 -10.89
C ARG B 18 -15.08 -2.81 -9.59
N HIS B 19 -14.20 -2.74 -8.60
CA HIS B 19 -14.44 -3.37 -7.31
C HIS B 19 -15.55 -2.67 -6.56
N LYS B 20 -16.13 -1.65 -7.20
CA LYS B 20 -17.20 -0.87 -6.59
C LYS B 20 -18.11 -1.77 -5.76
N GLU B 21 -18.14 -1.52 -4.46
CA GLU B 21 -18.97 -2.32 -3.56
C GLU B 21 -18.97 -1.72 -2.16
N SER B 22 -17.78 -1.54 -1.60
CA SER B 22 -17.65 -0.97 -0.26
C SER B 22 -16.36 -0.16 -0.14
N LEU B 23 -16.28 0.93 -0.90
CA LEU B 23 -15.08 1.76 -0.88
C LEU B 23 -14.86 2.32 0.52
N ASP B 24 -15.95 2.73 1.16
CA ASP B 24 -15.87 3.29 2.51
C ASP B 24 -16.34 2.27 3.55
N LEU B 25 -15.39 1.74 4.32
CA LEU B 25 -15.71 0.76 5.35
C LEU B 25 -15.14 1.20 6.69
N ARG B 26 -16.01 1.31 7.69
CA ARG B 26 -15.58 1.73 9.02
C ARG B 26 -15.53 0.52 9.95
N ALA B 27 -14.32 0.12 10.33
CA ALA B 27 -14.14 -1.02 11.21
C ALA B 27 -13.19 -0.67 12.36
N MET A 1 -0.69 -5.03 23.14
CA MET A 1 -1.30 -4.10 22.15
C MET A 1 -1.10 -4.65 20.75
N ASP A 2 -1.80 -4.06 19.79
CA ASP A 2 -1.70 -4.49 18.40
C ASP A 2 -2.00 -5.97 18.27
N ASP A 3 -2.74 -6.50 19.24
CA ASP A 3 -3.10 -7.92 19.23
C ASP A 3 -4.05 -8.22 18.07
N ILE A 4 -5.08 -7.39 17.93
CA ILE A 4 -6.06 -7.58 16.86
C ILE A 4 -5.45 -7.24 15.50
N TYR A 5 -4.60 -6.22 15.48
CA TYR A 5 -3.97 -5.80 14.24
C TYR A 5 -3.16 -6.95 13.65
N LYS A 6 -2.35 -7.59 14.49
CA LYS A 6 -1.53 -8.70 14.03
C LYS A 6 -2.43 -9.83 13.52
N ALA A 7 -3.46 -10.14 14.31
CA ALA A 7 -4.40 -11.19 13.95
C ALA A 7 -5.10 -10.85 12.65
N ALA A 8 -5.42 -9.57 12.46
CA ALA A 8 -6.11 -9.14 11.25
C ALA A 8 -5.28 -9.46 10.03
N VAL A 9 -3.98 -9.25 10.13
CA VAL A 9 -3.08 -9.53 9.03
C VAL A 9 -3.12 -11.03 8.68
N GLU A 10 -3.06 -11.87 9.71
CA GLU A 10 -3.12 -13.31 9.49
C GLU A 10 -4.54 -13.76 9.15
N GLN A 11 -5.52 -13.06 9.72
CA GLN A 11 -6.92 -13.40 9.50
C GLN A 11 -7.29 -13.24 8.02
N LEU A 12 -6.62 -12.31 7.33
CA LEU A 12 -6.90 -12.05 5.92
C LEU A 12 -7.35 -13.32 5.20
N THR A 13 -8.41 -13.21 4.42
CA THR A 13 -8.94 -14.35 3.70
C THR A 13 -8.09 -14.63 2.47
N GLU A 14 -8.30 -15.81 1.90
CA GLU A 14 -7.55 -16.20 0.72
C GLU A 14 -7.82 -15.24 -0.42
N GLU A 15 -9.06 -14.80 -0.53
CA GLU A 15 -9.46 -13.88 -1.58
C GLU A 15 -8.73 -12.55 -1.43
N GLN A 16 -8.66 -12.05 -0.20
CA GLN A 16 -7.99 -10.78 0.06
C GLN A 16 -6.52 -10.89 -0.28
N LYS A 17 -5.92 -12.01 0.08
CA LYS A 17 -4.51 -12.23 -0.21
C LYS A 17 -4.28 -12.28 -1.71
N ASN A 18 -5.19 -12.90 -2.43
CA ASN A 18 -5.04 -12.99 -3.87
C ASN A 18 -5.05 -11.60 -4.51
N GLU A 19 -6.03 -10.80 -4.12
CA GLU A 19 -6.14 -9.45 -4.65
C GLU A 19 -4.95 -8.61 -4.24
N PHE A 20 -4.50 -8.81 -3.01
CA PHE A 20 -3.37 -8.04 -2.48
C PHE A 20 -2.11 -8.36 -3.27
N LYS A 21 -1.91 -9.63 -3.58
CA LYS A 21 -0.76 -10.05 -4.36
C LYS A 21 -0.83 -9.47 -5.76
N ALA A 22 -2.03 -9.41 -6.33
CA ALA A 22 -2.20 -8.88 -7.68
C ALA A 22 -1.71 -7.44 -7.75
N ALA A 23 -2.08 -6.65 -6.75
CA ALA A 23 -1.65 -5.26 -6.70
C ALA A 23 -0.14 -5.18 -6.54
N PHE A 24 0.41 -6.08 -5.74
CA PHE A 24 1.84 -6.10 -5.49
C PHE A 24 2.59 -6.25 -6.81
N ASP A 25 2.14 -7.18 -7.64
CA ASP A 25 2.78 -7.41 -8.93
C ASP A 25 2.71 -6.15 -9.79
N ILE A 26 1.57 -5.46 -9.73
CA ILE A 26 1.39 -4.23 -10.49
C ILE A 26 2.28 -3.12 -9.93
N PHE A 27 2.39 -3.05 -8.61
CA PHE A 27 3.21 -2.02 -7.97
C PHE A 27 4.66 -2.09 -8.45
N VAL A 28 5.17 -3.30 -8.62
CA VAL A 28 6.55 -3.48 -9.06
C VAL A 28 6.68 -3.29 -10.57
N LEU A 29 5.68 -2.63 -11.16
CA LEU A 29 5.68 -2.39 -12.60
C LEU A 29 6.96 -1.67 -13.02
N GLY A 30 7.75 -1.25 -12.04
CA GLY A 30 8.99 -0.54 -12.30
C GLY A 30 10.20 -1.29 -11.74
N ALA A 31 9.95 -2.50 -11.24
CA ALA A 31 11.02 -3.31 -10.67
C ALA A 31 10.97 -4.72 -11.25
N GLU A 32 12.10 -5.17 -11.77
CA GLU A 32 12.18 -6.51 -12.35
C GLU A 32 12.48 -7.55 -11.26
N ASP A 33 13.04 -7.08 -10.16
CA ASP A 33 13.37 -7.96 -9.05
C ASP A 33 12.12 -8.36 -8.28
N GLY A 34 11.05 -7.59 -8.46
CA GLY A 34 9.79 -7.87 -7.77
C GLY A 34 9.69 -7.09 -6.47
N CYS A 35 10.66 -6.22 -6.24
CA CYS A 35 10.68 -5.41 -5.03
C CYS A 35 10.27 -3.97 -5.34
N ILE A 36 9.66 -3.30 -4.37
CA ILE A 36 9.23 -1.92 -4.57
C ILE A 36 10.22 -0.97 -3.89
N SER A 37 10.80 -0.08 -4.69
CA SER A 37 11.76 0.89 -4.18
C SER A 37 11.23 2.30 -4.35
N THR A 38 12.10 3.29 -4.17
CA THR A 38 11.69 4.67 -4.33
C THR A 38 11.22 4.96 -5.75
N LYS A 39 11.78 4.24 -6.71
CA LYS A 39 11.40 4.43 -8.10
C LYS A 39 9.92 4.11 -8.30
N GLU A 40 9.49 2.97 -7.78
CA GLU A 40 8.09 2.57 -7.90
C GLU A 40 7.20 3.56 -7.15
N LEU A 41 7.66 3.99 -5.99
CA LEU A 41 6.91 4.95 -5.19
C LEU A 41 6.85 6.28 -5.91
N GLY A 42 7.91 6.61 -6.63
CA GLY A 42 7.96 7.85 -7.37
C GLY A 42 6.85 7.92 -8.40
N LYS A 43 6.58 6.78 -9.05
CA LYS A 43 5.52 6.73 -10.05
C LYS A 43 4.17 6.96 -9.40
N VAL A 44 3.99 6.37 -8.23
CA VAL A 44 2.74 6.54 -7.51
C VAL A 44 2.50 8.00 -7.18
N MET A 45 3.54 8.68 -6.70
CA MET A 45 3.43 10.08 -6.34
C MET A 45 3.05 10.91 -7.56
N ARG A 46 3.64 10.58 -8.70
CA ARG A 46 3.36 11.31 -9.93
C ARG A 46 1.88 11.20 -10.29
N MET A 47 1.32 10.01 -10.11
CA MET A 47 -0.08 9.79 -10.39
C MET A 47 -0.96 10.62 -9.46
N LEU A 48 -0.52 10.75 -8.21
CA LEU A 48 -1.26 11.51 -7.21
C LEU A 48 -1.09 13.01 -7.46
N GLY A 49 -0.25 13.35 -8.42
CA GLY A 49 -0.01 14.76 -8.74
C GLY A 49 1.01 15.39 -7.81
N GLN A 50 1.83 14.53 -7.18
CA GLN A 50 2.85 15.00 -6.25
C GLN A 50 4.23 14.64 -6.76
N ASN A 51 5.18 15.55 -6.58
CA ASN A 51 6.55 15.32 -7.02
C ASN A 51 7.54 15.69 -5.93
N PRO A 52 7.64 14.87 -4.91
CA PRO A 52 8.56 15.11 -3.77
C PRO A 52 10.01 14.76 -4.11
N THR A 53 10.86 14.74 -3.10
CA THR A 53 12.26 14.43 -3.30
C THR A 53 12.56 12.97 -2.94
N PRO A 54 13.59 12.41 -3.53
CA PRO A 54 13.98 11.00 -3.24
C PRO A 54 14.41 10.79 -1.79
N GLU A 55 14.91 11.86 -1.17
CA GLU A 55 15.41 11.80 0.20
C GLU A 55 14.28 11.48 1.18
N GLU A 56 13.19 12.24 1.07
CA GLU A 56 12.04 12.05 1.95
C GLU A 56 11.35 10.72 1.63
N LEU A 57 11.40 10.34 0.36
CA LEU A 57 10.79 9.08 -0.06
C LEU A 57 11.50 7.91 0.59
N GLN A 58 12.82 8.02 0.69
CA GLN A 58 13.61 6.95 1.30
C GLN A 58 13.27 6.84 2.78
N GLU A 59 13.10 7.98 3.43
CA GLU A 59 12.77 8.00 4.85
C GLU A 59 11.44 7.30 5.10
N MET A 60 10.48 7.53 4.20
CA MET A 60 9.17 6.91 4.34
C MET A 60 9.29 5.39 4.28
N ILE A 61 10.13 4.90 3.38
CA ILE A 61 10.34 3.46 3.25
C ILE A 61 10.90 2.90 4.54
N ASP A 62 11.86 3.60 5.12
CA ASP A 62 12.49 3.17 6.35
C ASP A 62 11.46 3.08 7.49
N GLU A 63 10.56 4.05 7.54
CA GLU A 63 9.55 4.08 8.60
C GLU A 63 8.68 2.82 8.54
N VAL A 64 8.25 2.44 7.35
CA VAL A 64 7.41 1.26 7.20
C VAL A 64 8.27 -0.01 7.14
N ASP A 65 9.48 0.13 6.62
CA ASP A 65 10.38 -1.01 6.51
C ASP A 65 11.08 -1.28 7.83
N GLU A 66 10.70 -2.37 8.46
CA GLU A 66 11.28 -2.76 9.74
C GLU A 66 12.76 -3.08 9.58
N ASP A 67 13.10 -3.76 8.48
CA ASP A 67 14.50 -4.13 8.23
C ASP A 67 15.27 -2.96 7.64
N GLY A 68 14.55 -1.95 7.19
CA GLY A 68 15.19 -0.76 6.64
C GLY A 68 15.95 -1.11 5.37
N SER A 69 15.54 -2.19 4.71
CA SER A 69 16.21 -2.62 3.49
C SER A 69 16.16 -1.52 2.43
N GLY A 70 15.23 -0.60 2.57
CA GLY A 70 15.11 0.50 1.62
C GLY A 70 14.01 0.21 0.60
N THR A 71 13.47 -1.00 0.65
CA THR A 71 12.40 -1.39 -0.27
C THR A 71 11.30 -2.13 0.47
N VAL A 72 10.12 -2.22 -0.15
CA VAL A 72 9.00 -2.91 0.48
C VAL A 72 8.82 -4.28 -0.16
N ASP A 73 8.76 -5.31 0.69
CA ASP A 73 8.60 -6.68 0.22
C ASP A 73 7.17 -7.16 0.46
N PHE A 74 6.94 -8.46 0.28
CA PHE A 74 5.61 -9.02 0.49
C PHE A 74 5.13 -8.81 1.92
N ASP A 75 5.99 -9.09 2.89
CA ASP A 75 5.63 -8.95 4.29
C ASP A 75 5.26 -7.50 4.62
N GLU A 76 6.15 -6.59 4.30
CA GLU A 76 5.90 -5.17 4.56
C GLU A 76 4.73 -4.68 3.72
N PHE A 77 4.65 -5.17 2.48
CA PHE A 77 3.56 -4.80 1.59
C PHE A 77 2.21 -5.14 2.21
N LEU A 78 2.10 -6.34 2.74
CA LEU A 78 0.84 -6.76 3.36
C LEU A 78 0.47 -5.83 4.50
N VAL A 79 1.46 -5.46 5.29
CA VAL A 79 1.22 -4.55 6.41
C VAL A 79 0.82 -3.16 5.91
N MET A 80 1.44 -2.72 4.83
CA MET A 80 1.15 -1.42 4.26
C MET A 80 -0.31 -1.33 3.84
N MET A 81 -0.79 -2.41 3.26
CA MET A 81 -2.17 -2.44 2.80
C MET A 81 -3.13 -2.40 3.98
N VAL A 82 -2.87 -3.24 4.97
CA VAL A 82 -3.72 -3.29 6.16
C VAL A 82 -3.67 -1.97 6.92
N ARG A 83 -2.46 -1.43 7.08
CA ARG A 83 -2.30 -0.17 7.79
C ARG A 83 -3.05 0.96 7.10
N CYS A 84 -2.94 1.00 5.78
CA CYS A 84 -3.62 2.04 5.00
C CYS A 84 -5.14 1.93 5.20
N MET A 85 -5.65 0.71 5.19
CA MET A 85 -7.07 0.50 5.37
C MET A 85 -7.52 0.98 6.76
N LYS A 86 -6.75 0.62 7.78
CA LYS A 86 -7.05 1.02 9.14
C LYS A 86 -6.99 2.54 9.29
N ASP A 87 -6.00 3.15 8.65
CA ASP A 87 -5.83 4.59 8.71
C ASP A 87 -7.16 5.29 8.43
N ASP A 88 -7.16 6.61 8.58
CA ASP A 88 -8.36 7.39 8.35
C ASP A 88 -8.64 7.48 6.86
N SER A 89 -9.07 6.35 6.30
CA SER A 89 -9.39 6.28 4.88
C SER A 89 -10.24 5.05 4.57
N ARG B 1 -5.93 22.70 5.49
CA ARG B 1 -6.08 21.41 4.77
C ARG B 1 -4.71 20.74 4.61
N ARG B 2 -4.31 19.97 5.62
CA ARG B 2 -3.03 19.29 5.59
C ARG B 2 -3.03 18.20 4.51
N VAL B 3 -4.22 17.67 4.22
CA VAL B 3 -4.35 16.62 3.21
C VAL B 3 -3.57 15.38 3.63
N ARG B 4 -4.30 14.38 4.09
CA ARG B 4 -3.66 13.14 4.54
C ARG B 4 -3.70 12.09 3.43
N ILE B 5 -3.98 12.54 2.21
CA ILE B 5 -4.05 11.63 1.07
C ILE B 5 -5.06 10.52 1.32
N SER B 6 -6.09 10.48 0.49
CA SER B 6 -7.12 9.45 0.64
C SER B 6 -6.69 8.15 -0.01
N ALA B 7 -6.61 7.09 0.80
CA ALA B 7 -6.22 5.79 0.29
C ALA B 7 -7.23 5.28 -0.73
N ASP B 8 -8.51 5.52 -0.42
CA ASP B 8 -9.58 5.08 -1.32
C ASP B 8 -9.48 5.78 -2.66
N ALA B 9 -9.14 7.06 -2.63
CA ALA B 9 -9.02 7.83 -3.87
C ALA B 9 -7.95 7.22 -4.77
N MET B 10 -6.80 6.87 -4.19
CA MET B 10 -5.72 6.27 -4.95
C MET B 10 -6.09 4.85 -5.39
N MET B 11 -6.67 4.10 -4.47
CA MET B 11 -7.07 2.72 -4.74
C MET B 11 -8.12 2.68 -5.84
N GLN B 12 -8.78 3.81 -6.05
CA GLN B 12 -9.82 3.88 -7.08
C GLN B 12 -9.24 3.46 -8.42
N ALA B 13 -8.03 3.91 -8.71
CA ALA B 13 -7.38 3.55 -9.97
C ALA B 13 -7.13 2.04 -10.03
N LEU B 14 -6.73 1.48 -8.89
CA LEU B 14 -6.46 0.04 -8.82
C LEU B 14 -7.71 -0.70 -8.38
N LEU B 15 -8.26 -1.54 -9.26
CA LEU B 15 -9.44 -2.31 -8.95
C LEU B 15 -10.57 -1.38 -8.49
N GLY B 16 -10.60 -1.09 -7.20
CA GLY B 16 -11.62 -0.21 -6.65
C GLY B 16 -11.71 -0.35 -5.14
N ALA B 17 -12.49 0.51 -4.52
CA ALA B 17 -12.65 0.49 -3.06
C ALA B 17 -14.06 0.89 -2.68
N ARG B 18 -14.18 2.09 -2.10
CA ARG B 18 -15.50 2.59 -1.68
C ARG B 18 -15.98 3.66 -2.65
N HIS B 19 -17.02 3.34 -3.41
CA HIS B 19 -17.57 4.30 -4.37
C HIS B 19 -18.63 3.62 -5.23
N LYS B 20 -18.27 3.32 -6.48
CA LYS B 20 -19.19 2.67 -7.40
C LYS B 20 -19.40 1.22 -7.00
N GLU B 21 -18.51 0.72 -6.14
CA GLU B 21 -18.60 -0.65 -5.68
C GLU B 21 -18.30 -0.73 -4.18
N SER B 22 -18.88 -1.73 -3.52
CA SER B 22 -18.68 -1.91 -2.09
C SER B 22 -17.58 -2.94 -1.83
N LEU B 23 -16.95 -2.82 -0.67
CA LEU B 23 -15.88 -3.74 -0.29
C LEU B 23 -16.43 -4.97 0.43
N ASP B 24 -15.70 -6.07 0.36
CA ASP B 24 -16.12 -7.30 1.00
C ASP B 24 -17.51 -7.69 0.55
N LEU B 25 -17.80 -7.48 -0.73
CA LEU B 25 -19.12 -7.82 -1.28
C LEU B 25 -20.23 -7.26 -0.42
N ARG B 26 -20.85 -6.18 -0.88
CA ARG B 26 -21.95 -5.55 -0.14
C ARG B 26 -21.52 -5.24 1.28
N ALA B 27 -21.75 -6.20 2.18
CA ALA B 27 -21.38 -6.02 3.58
C ALA B 27 -19.97 -6.54 3.83
N MET A 1 -2.14 -3.86 20.22
CA MET A 1 -2.68 -5.25 20.07
C MET A 1 -2.14 -5.84 18.78
N ASP A 2 -0.86 -6.18 18.79
CA ASP A 2 -0.22 -6.76 17.61
C ASP A 2 -0.89 -8.08 17.24
N ASP A 3 -1.32 -8.83 18.25
CA ASP A 3 -1.96 -10.12 18.02
C ASP A 3 -3.19 -9.96 17.14
N ILE A 4 -4.03 -8.97 17.46
CA ILE A 4 -5.24 -8.72 16.67
C ILE A 4 -4.87 -8.25 15.28
N TYR A 5 -3.90 -7.36 15.20
CA TYR A 5 -3.46 -6.81 13.93
C TYR A 5 -2.96 -7.92 13.01
N LYS A 6 -2.10 -8.77 13.54
CA LYS A 6 -1.56 -9.87 12.77
C LYS A 6 -2.68 -10.82 12.36
N ALA A 7 -3.59 -11.07 13.29
CA ALA A 7 -4.73 -11.94 13.03
C ALA A 7 -5.61 -11.35 11.94
N ALA A 8 -5.74 -10.03 11.93
CA ALA A 8 -6.58 -9.39 10.93
C ALA A 8 -6.02 -9.67 9.54
N VAL A 9 -4.71 -9.58 9.42
CA VAL A 9 -4.06 -9.84 8.15
C VAL A 9 -4.30 -11.27 7.70
N GLU A 10 -4.11 -12.20 8.63
CA GLU A 10 -4.32 -13.62 8.32
C GLU A 10 -5.80 -13.89 8.10
N GLN A 11 -6.64 -13.11 8.77
CA GLN A 11 -8.09 -13.27 8.65
C GLN A 11 -8.54 -13.03 7.20
N LEU A 12 -7.92 -12.07 6.54
CA LEU A 12 -8.27 -11.74 5.15
C LEU A 12 -8.58 -13.02 4.37
N THR A 13 -9.57 -12.93 3.50
CA THR A 13 -9.97 -14.07 2.69
C THR A 13 -8.94 -14.37 1.61
N GLU A 14 -9.00 -15.56 1.05
CA GLU A 14 -8.07 -15.96 0.02
C GLU A 14 -8.26 -15.09 -1.22
N GLU A 15 -9.49 -14.70 -1.48
CA GLU A 15 -9.78 -13.86 -2.64
C GLU A 15 -9.16 -12.49 -2.49
N GLN A 16 -9.27 -11.90 -1.30
CA GLN A 16 -8.69 -10.58 -1.08
C GLN A 16 -7.17 -10.64 -1.22
N LYS A 17 -6.58 -11.71 -0.69
CA LYS A 17 -5.14 -11.89 -0.78
C LYS A 17 -4.72 -12.05 -2.23
N ASN A 18 -5.50 -12.78 -2.99
CA ASN A 18 -5.15 -13.00 -4.37
C ASN A 18 -5.17 -11.68 -5.15
N GLU A 19 -6.12 -10.83 -4.85
CA GLU A 19 -6.24 -9.54 -5.54
C GLU A 19 -5.02 -8.66 -5.30
N PHE A 20 -4.53 -8.68 -4.07
CA PHE A 20 -3.36 -7.88 -3.70
C PHE A 20 -2.10 -8.46 -4.34
N LYS A 21 -2.03 -9.76 -4.41
CA LYS A 21 -0.88 -10.42 -5.01
C LYS A 21 -0.72 -9.96 -6.45
N ALA A 22 -1.83 -9.93 -7.20
CA ALA A 22 -1.77 -9.49 -8.59
C ALA A 22 -1.30 -8.06 -8.69
N ALA A 23 -1.82 -7.21 -7.80
CA ALA A 23 -1.45 -5.81 -7.78
C ALA A 23 0.05 -5.66 -7.52
N PHE A 24 0.56 -6.47 -6.60
CA PHE A 24 1.99 -6.44 -6.26
C PHE A 24 2.87 -6.73 -7.48
N ASP A 25 2.49 -7.74 -8.25
CA ASP A 25 3.27 -8.14 -9.43
C ASP A 25 3.38 -6.98 -10.42
N ILE A 26 2.29 -6.26 -10.61
CA ILE A 26 2.27 -5.12 -11.53
C ILE A 26 2.78 -3.86 -10.84
N PHE A 27 2.74 -3.85 -9.52
CA PHE A 27 3.24 -2.68 -8.78
C PHE A 27 4.73 -2.50 -9.04
N VAL A 28 5.47 -3.62 -9.05
CA VAL A 28 6.92 -3.56 -9.28
C VAL A 28 7.24 -3.25 -10.75
N LEU A 29 6.27 -2.72 -11.47
CA LEU A 29 6.47 -2.38 -12.88
C LEU A 29 7.82 -1.70 -13.10
N GLY A 30 8.17 -0.77 -12.22
CA GLY A 30 9.43 -0.04 -12.33
C GLY A 30 10.45 -0.55 -11.32
N ALA A 31 10.18 -1.71 -10.73
CA ALA A 31 11.09 -2.29 -9.73
C ALA A 31 11.56 -3.66 -10.18
N GLU A 32 12.74 -3.70 -10.77
CA GLU A 32 13.32 -4.94 -11.25
C GLU A 32 13.80 -5.78 -10.07
N ASP A 33 13.87 -5.15 -8.92
CA ASP A 33 14.32 -5.82 -7.71
C ASP A 33 13.19 -6.67 -7.12
N GLY A 34 11.95 -6.38 -7.52
CA GLY A 34 10.82 -7.12 -7.01
C GLY A 34 10.32 -6.54 -5.68
N CYS A 35 10.92 -5.42 -5.29
CA CYS A 35 10.54 -4.76 -4.05
C CYS A 35 10.21 -3.29 -4.32
N ILE A 36 9.33 -2.72 -3.48
CA ILE A 36 8.94 -1.33 -3.63
C ILE A 36 9.93 -0.42 -2.90
N SER A 37 10.55 0.47 -3.66
CA SER A 37 11.52 1.39 -3.10
C SER A 37 11.20 2.81 -3.52
N THR A 38 12.03 3.75 -3.10
CA THR A 38 11.81 5.14 -3.44
C THR A 38 11.85 5.32 -4.95
N LYS A 39 12.63 4.46 -5.63
CA LYS A 39 12.73 4.54 -7.08
C LYS A 39 11.38 4.29 -7.75
N GLU A 40 10.69 3.22 -7.34
CA GLU A 40 9.39 2.90 -7.92
C GLU A 40 8.33 3.91 -7.48
N LEU A 41 8.39 4.29 -6.22
CA LEU A 41 7.43 5.24 -5.67
C LEU A 41 7.46 6.53 -6.45
N GLY A 42 8.64 6.87 -6.96
CA GLY A 42 8.81 8.08 -7.75
C GLY A 42 7.95 8.04 -9.01
N LYS A 43 7.84 6.88 -9.64
CA LYS A 43 7.06 6.75 -10.86
C LYS A 43 5.58 6.89 -10.56
N VAL A 44 5.16 6.27 -9.46
CA VAL A 44 3.76 6.34 -9.07
C VAL A 44 3.37 7.78 -8.77
N MET A 45 4.24 8.48 -8.07
CA MET A 45 3.96 9.86 -7.70
C MET A 45 3.79 10.73 -8.94
N ARG A 46 4.63 10.49 -9.95
CA ARG A 46 4.55 11.27 -11.18
C ARG A 46 3.20 11.07 -11.86
N MET A 47 2.71 9.84 -11.83
CA MET A 47 1.43 9.54 -12.46
C MET A 47 0.30 10.29 -11.74
N LEU A 48 0.44 10.40 -10.43
CA LEU A 48 -0.56 11.10 -9.62
C LEU A 48 -0.46 12.61 -9.81
N GLY A 49 0.59 13.04 -10.51
CA GLY A 49 0.78 14.47 -10.76
C GLY A 49 1.57 15.12 -9.64
N GLN A 50 2.24 14.31 -8.83
CA GLN A 50 3.03 14.81 -7.71
C GLN A 50 4.51 14.75 -8.05
N ASN A 51 5.27 15.66 -7.48
CA ASN A 51 6.72 15.71 -7.71
C ASN A 51 7.47 15.83 -6.40
N PRO A 52 7.35 14.84 -5.55
CA PRO A 52 8.04 14.84 -4.23
C PRO A 52 9.54 14.58 -4.37
N THR A 53 10.19 14.36 -3.24
CA THR A 53 11.63 14.12 -3.24
C THR A 53 11.95 12.74 -2.65
N PRO A 54 13.07 12.17 -3.04
CA PRO A 54 13.49 10.83 -2.54
C PRO A 54 13.74 10.81 -1.03
N GLU A 55 14.12 11.96 -0.49
CA GLU A 55 14.42 12.07 0.94
C GLU A 55 13.18 11.80 1.78
N GLU A 56 12.09 12.47 1.41
CA GLU A 56 10.83 12.32 2.13
C GLU A 56 10.22 10.94 1.86
N LEU A 57 10.42 10.44 0.65
CA LEU A 57 9.91 9.13 0.28
C LEU A 57 10.58 8.07 1.13
N GLN A 58 11.87 8.23 1.36
CA GLN A 58 12.62 7.27 2.16
C GLN A 58 12.10 7.24 3.59
N GLU A 59 11.84 8.42 4.14
CA GLU A 59 11.33 8.51 5.50
C GLU A 59 9.97 7.82 5.62
N MET A 60 9.14 7.98 4.60
CA MET A 60 7.82 7.37 4.60
C MET A 60 7.94 5.85 4.73
N ILE A 61 8.83 5.26 3.94
CA ILE A 61 9.02 3.81 3.99
C ILE A 61 9.57 3.41 5.36
N ASP A 62 10.49 4.21 5.88
CA ASP A 62 11.11 3.93 7.17
C ASP A 62 10.06 3.88 8.28
N GLU A 63 9.01 4.69 8.13
CA GLU A 63 7.95 4.74 9.12
C GLU A 63 7.30 3.36 9.30
N VAL A 64 7.03 2.68 8.18
CA VAL A 64 6.40 1.36 8.23
C VAL A 64 7.44 0.24 8.26
N ASP A 65 8.61 0.51 7.67
CA ASP A 65 9.66 -0.50 7.63
C ASP A 65 10.38 -0.57 8.98
N GLU A 66 10.17 -1.68 9.67
CA GLU A 66 10.79 -1.87 10.98
C GLU A 66 12.30 -2.00 10.85
N ASP A 67 12.75 -2.69 9.81
CA ASP A 67 14.18 -2.88 9.60
C ASP A 67 14.82 -1.63 9.03
N GLY A 68 13.98 -0.70 8.57
CA GLY A 68 14.50 0.55 8.02
C GLY A 68 15.27 0.30 6.75
N SER A 69 15.07 -0.87 6.15
CA SER A 69 15.77 -1.23 4.93
C SER A 69 15.44 -0.25 3.80
N GLY A 70 14.32 0.45 3.94
CA GLY A 70 13.92 1.42 2.93
C GLY A 70 13.18 0.74 1.78
N THR A 71 12.82 -0.52 1.97
CA THR A 71 12.11 -1.26 0.95
C THR A 71 10.93 -2.02 1.57
N VAL A 72 9.93 -2.35 0.74
CA VAL A 72 8.77 -3.07 1.23
C VAL A 72 8.60 -4.38 0.44
N ASP A 73 8.57 -5.50 1.17
CA ASP A 73 8.42 -6.81 0.57
C ASP A 73 6.96 -7.26 0.63
N PHE A 74 6.72 -8.52 0.29
CA PHE A 74 5.36 -9.04 0.31
C PHE A 74 4.74 -8.95 1.70
N ASP A 75 5.45 -9.40 2.72
CA ASP A 75 4.93 -9.36 4.08
C ASP A 75 4.68 -7.92 4.54
N GLU A 76 5.65 -7.06 4.28
CA GLU A 76 5.52 -5.66 4.65
C GLU A 76 4.42 -5.01 3.83
N PHE A 77 4.33 -5.42 2.57
CA PHE A 77 3.31 -4.89 1.68
C PHE A 77 1.93 -5.14 2.26
N LEU A 78 1.68 -6.36 2.72
CA LEU A 78 0.38 -6.68 3.29
C LEU A 78 0.13 -5.82 4.54
N VAL A 79 1.18 -5.62 5.33
CA VAL A 79 1.07 -4.83 6.55
C VAL A 79 0.69 -3.39 6.22
N MET A 80 1.30 -2.84 5.19
CA MET A 80 1.01 -1.48 4.81
C MET A 80 -0.40 -1.40 4.23
N MET A 81 -0.78 -2.43 3.49
CA MET A 81 -2.09 -2.46 2.84
C MET A 81 -3.22 -2.50 3.87
N VAL A 82 -3.12 -3.41 4.83
CA VAL A 82 -4.16 -3.54 5.85
C VAL A 82 -4.18 -2.30 6.73
N ARG A 83 -3.01 -1.79 7.06
CA ARG A 83 -2.91 -0.61 7.90
C ARG A 83 -3.60 0.57 7.22
N CYS A 84 -3.40 0.71 5.91
CA CYS A 84 -4.01 1.82 5.17
C CYS A 84 -5.53 1.73 5.24
N MET A 85 -6.07 0.53 5.12
CA MET A 85 -7.51 0.35 5.17
C MET A 85 -8.05 0.76 6.54
N LYS A 86 -7.32 0.40 7.59
CA LYS A 86 -7.74 0.73 8.95
C LYS A 86 -7.59 2.23 9.22
N ASP A 87 -6.64 2.85 8.53
CA ASP A 87 -6.40 4.29 8.71
C ASP A 87 -7.65 5.08 8.35
N ASP A 88 -7.80 6.24 8.97
CA ASP A 88 -8.95 7.11 8.72
C ASP A 88 -8.51 8.40 8.07
N SER A 89 -8.16 8.31 6.79
CA SER A 89 -7.72 9.49 6.05
C SER A 89 -7.77 9.22 4.55
N ARG B 1 -12.41 19.19 -2.01
CA ARG B 1 -11.44 18.06 -1.85
C ARG B 1 -10.09 18.59 -1.41
N ARG B 2 -9.76 18.37 -0.14
CA ARG B 2 -8.49 18.83 0.39
C ARG B 2 -7.45 17.71 0.37
N VAL B 3 -7.91 16.47 0.53
CA VAL B 3 -7.01 15.32 0.54
C VAL B 3 -6.51 15.02 -0.87
N ARG B 4 -5.20 15.08 -1.06
CA ARG B 4 -4.60 14.79 -2.36
C ARG B 4 -4.77 13.32 -2.73
N ILE B 5 -4.58 12.45 -1.72
CA ILE B 5 -4.70 11.00 -1.93
C ILE B 5 -5.80 10.43 -1.05
N SER B 6 -6.68 9.63 -1.66
CA SER B 6 -7.78 9.02 -0.94
C SER B 6 -7.73 7.50 -1.08
N ALA B 7 -8.42 6.80 -0.18
CA ALA B 7 -8.45 5.35 -0.22
C ALA B 7 -9.03 4.85 -1.53
N ASP B 8 -10.06 5.53 -2.01
CA ASP B 8 -10.70 5.14 -3.26
C ASP B 8 -9.69 5.21 -4.40
N ALA B 9 -8.93 6.29 -4.45
CA ALA B 9 -7.93 6.45 -5.51
C ALA B 9 -6.89 5.33 -5.44
N MET B 10 -6.43 5.03 -4.22
CA MET B 10 -5.44 3.98 -4.03
C MET B 10 -5.98 2.63 -4.46
N MET B 11 -7.20 2.33 -4.07
CA MET B 11 -7.83 1.06 -4.43
C MET B 11 -8.17 1.04 -5.91
N GLN B 12 -8.54 2.19 -6.45
CA GLN B 12 -8.89 2.29 -7.85
C GLN B 12 -7.73 1.83 -8.73
N ALA B 13 -6.54 2.31 -8.42
CA ALA B 13 -5.36 1.91 -9.18
C ALA B 13 -5.02 0.45 -8.87
N LEU B 14 -5.31 0.03 -7.65
CA LEU B 14 -5.03 -1.33 -7.22
C LEU B 14 -5.89 -2.33 -8.01
N LEU B 15 -6.82 -1.81 -8.80
CA LEU B 15 -7.69 -2.66 -9.60
C LEU B 15 -8.83 -3.21 -8.74
N GLY B 16 -9.32 -2.39 -7.82
CA GLY B 16 -10.40 -2.81 -6.95
C GLY B 16 -11.66 -3.16 -7.76
N ALA B 17 -11.94 -2.36 -8.76
CA ALA B 17 -13.11 -2.61 -9.61
C ALA B 17 -14.37 -2.76 -8.77
N ARG B 18 -15.06 -1.65 -8.53
CA ARG B 18 -16.30 -1.68 -7.75
C ARG B 18 -16.03 -2.28 -6.37
N HIS B 19 -14.94 -1.85 -5.74
CA HIS B 19 -14.59 -2.36 -4.43
C HIS B 19 -15.59 -1.87 -3.38
N LYS B 20 -16.55 -2.73 -3.06
CA LYS B 20 -17.57 -2.37 -2.07
C LYS B 20 -18.12 -0.97 -2.35
N GLU B 21 -18.95 -0.48 -1.43
CA GLU B 21 -19.55 0.84 -1.58
C GLU B 21 -18.86 1.84 -0.65
N SER B 22 -18.16 1.32 0.35
CA SER B 22 -17.47 2.18 1.32
C SER B 22 -16.49 1.36 2.15
N LEU B 23 -15.66 2.05 2.94
CA LEU B 23 -14.69 1.39 3.78
C LEU B 23 -15.31 1.02 5.13
N ASP B 24 -16.54 1.47 5.34
CA ASP B 24 -17.23 1.19 6.60
C ASP B 24 -16.46 1.78 7.78
N LEU B 25 -16.18 0.94 8.77
CA LEU B 25 -15.45 1.40 9.94
C LEU B 25 -14.70 0.22 10.59
N ARG B 26 -15.47 -0.73 11.12
CA ARG B 26 -14.87 -1.90 11.76
C ARG B 26 -14.78 -3.06 10.79
N ALA B 27 -13.72 -3.86 10.92
CA ALA B 27 -13.52 -5.00 10.04
C ALA B 27 -12.43 -5.92 10.59
N MET A 1 2.32 -5.05 19.51
CA MET A 1 2.33 -4.10 18.36
C MET A 1 2.84 -4.83 17.12
N ASP A 2 2.76 -6.15 17.14
CA ASP A 2 3.20 -6.96 16.01
C ASP A 2 2.38 -8.24 15.89
N ASP A 3 2.04 -8.81 17.04
CA ASP A 3 1.25 -10.04 17.07
C ASP A 3 -0.12 -9.83 16.46
N ILE A 4 -0.70 -8.67 16.70
CA ILE A 4 -2.03 -8.36 16.19
C ILE A 4 -2.02 -8.34 14.66
N TYR A 5 -0.98 -7.75 14.09
CA TYR A 5 -0.84 -7.66 12.64
C TYR A 5 -0.70 -9.06 12.04
N LYS A 6 0.08 -9.92 12.70
CA LYS A 6 0.29 -11.27 12.21
C LYS A 6 -1.04 -12.02 12.18
N ALA A 7 -1.78 -11.91 13.28
CA ALA A 7 -3.08 -12.57 13.39
C ALA A 7 -4.04 -12.01 12.36
N ALA A 8 -3.96 -10.70 12.14
CA ALA A 8 -4.85 -10.07 11.18
C ALA A 8 -4.62 -10.64 9.79
N VAL A 9 -3.35 -10.81 9.43
CA VAL A 9 -3.00 -11.34 8.13
C VAL A 9 -3.54 -12.76 7.95
N GLU A 10 -3.32 -13.61 8.95
CA GLU A 10 -3.80 -14.98 8.90
C GLU A 10 -5.32 -15.02 9.01
N GLN A 11 -5.88 -14.10 9.77
CA GLN A 11 -7.31 -14.04 9.97
C GLN A 11 -8.04 -13.78 8.65
N LEU A 12 -7.47 -12.92 7.83
CA LEU A 12 -8.07 -12.58 6.55
C LEU A 12 -8.23 -13.83 5.69
N THR A 13 -9.30 -13.86 4.90
CA THR A 13 -9.58 -14.99 4.04
C THR A 13 -8.59 -15.05 2.90
N GLU A 14 -8.59 -16.17 2.21
CA GLU A 14 -7.69 -16.36 1.09
C GLU A 14 -7.98 -15.34 0.00
N GLU A 15 -9.25 -15.07 -0.20
CA GLU A 15 -9.66 -14.11 -1.22
C GLU A 15 -9.10 -12.72 -0.90
N GLN A 16 -9.23 -12.30 0.35
CA GLN A 16 -8.72 -11.00 0.74
C GLN A 16 -7.22 -10.93 0.52
N LYS A 17 -6.52 -12.00 0.89
CA LYS A 17 -5.08 -12.07 0.71
C LYS A 17 -4.72 -12.06 -0.76
N ASN A 18 -5.51 -12.75 -1.56
CA ASN A 18 -5.25 -12.81 -2.98
C ASN A 18 -5.39 -11.44 -3.62
N GLU A 19 -6.41 -10.69 -3.20
CA GLU A 19 -6.66 -9.37 -3.77
C GLU A 19 -5.48 -8.43 -3.51
N PHE A 20 -4.96 -8.48 -2.29
CA PHE A 20 -3.83 -7.64 -1.93
C PHE A 20 -2.57 -8.10 -2.65
N LYS A 21 -2.40 -9.42 -2.72
CA LYS A 21 -1.24 -9.98 -3.40
C LYS A 21 -1.22 -9.54 -4.86
N ALA A 22 -2.39 -9.53 -5.49
CA ALA A 22 -2.47 -9.11 -6.88
C ALA A 22 -1.99 -7.67 -7.03
N ALA A 23 -2.40 -6.81 -6.10
CA ALA A 23 -1.98 -5.41 -6.15
C ALA A 23 -0.47 -5.31 -6.02
N PHE A 24 0.11 -6.13 -5.16
CA PHE A 24 1.55 -6.13 -4.97
C PHE A 24 2.26 -6.44 -6.28
N ASP A 25 1.76 -7.46 -6.98
CA ASP A 25 2.36 -7.86 -8.25
C ASP A 25 2.32 -6.68 -9.23
N ILE A 26 1.23 -5.94 -9.23
CA ILE A 26 1.10 -4.79 -10.10
C ILE A 26 2.05 -3.68 -9.68
N PHE A 27 2.18 -3.47 -8.37
CA PHE A 27 3.06 -2.42 -7.86
C PHE A 27 4.49 -2.60 -8.38
N VAL A 28 4.94 -3.85 -8.43
CA VAL A 28 6.30 -4.12 -8.91
C VAL A 28 6.38 -4.05 -10.42
N LEU A 29 5.41 -3.36 -11.04
CA LEU A 29 5.38 -3.23 -12.49
C LEU A 29 6.77 -2.87 -13.03
N GLY A 30 7.56 -2.19 -12.22
CA GLY A 30 8.91 -1.79 -12.64
C GLY A 30 9.98 -2.17 -11.62
N ALA A 31 9.80 -3.32 -10.96
CA ALA A 31 10.77 -3.78 -9.96
C ALA A 31 11.27 -5.17 -10.30
N GLU A 32 12.51 -5.26 -10.77
CA GLU A 32 13.10 -6.54 -11.11
C GLU A 32 13.41 -7.35 -9.86
N ASP A 33 13.69 -6.65 -8.78
CA ASP A 33 14.00 -7.31 -7.52
C ASP A 33 12.74 -7.93 -6.92
N GLY A 34 11.57 -7.53 -7.41
CA GLY A 34 10.32 -8.06 -6.91
C GLY A 34 9.90 -7.37 -5.62
N CYS A 35 10.48 -6.20 -5.39
CA CYS A 35 10.15 -5.42 -4.18
C CYS A 35 9.68 -4.02 -4.56
N ILE A 36 9.08 -3.32 -3.60
CA ILE A 36 8.58 -1.97 -3.83
C ILE A 36 9.48 -0.95 -3.15
N SER A 37 9.93 0.03 -3.92
CA SER A 37 10.81 1.07 -3.39
C SER A 37 10.31 2.44 -3.81
N THR A 38 11.16 3.44 -3.66
CA THR A 38 10.78 4.80 -4.02
C THR A 38 10.57 4.91 -5.53
N LYS A 39 11.23 4.02 -6.29
CA LYS A 39 11.11 4.04 -7.74
C LYS A 39 9.69 3.67 -8.18
N GLU A 40 9.17 2.56 -7.66
CA GLU A 40 7.82 2.11 -8.00
C GLU A 40 6.77 3.08 -7.49
N LEU A 41 6.96 3.53 -6.26
CA LEU A 41 6.04 4.48 -5.66
C LEU A 41 6.11 5.81 -6.37
N GLY A 42 7.31 6.19 -6.78
CA GLY A 42 7.51 7.44 -7.47
C GLY A 42 6.68 7.50 -8.76
N LYS A 43 6.63 6.38 -9.48
CA LYS A 43 5.87 6.33 -10.72
C LYS A 43 4.38 6.39 -10.45
N VAL A 44 3.96 5.68 -9.41
CA VAL A 44 2.56 5.65 -9.03
C VAL A 44 2.07 7.04 -8.62
N MET A 45 2.87 7.71 -7.79
CA MET A 45 2.48 9.04 -7.34
C MET A 45 2.41 10.00 -8.51
N ARG A 46 3.35 9.85 -9.44
CA ARG A 46 3.39 10.71 -10.62
C ARG A 46 2.09 10.59 -11.42
N MET A 47 1.61 9.36 -11.58
CA MET A 47 0.38 9.13 -12.32
C MET A 47 -0.78 9.83 -11.64
N LEU A 48 -0.77 9.81 -10.31
CA LEU A 48 -1.83 10.45 -9.53
C LEU A 48 -1.82 11.97 -9.74
N GLY A 49 -0.72 12.49 -10.30
CA GLY A 49 -0.62 13.92 -10.56
C GLY A 49 0.17 14.62 -9.46
N GLN A 50 0.82 13.82 -8.61
CA GLN A 50 1.60 14.37 -7.52
C GLN A 50 3.08 14.41 -7.90
N ASN A 51 3.77 15.43 -7.42
CA ASN A 51 5.19 15.58 -7.68
C ASN A 51 5.96 15.82 -6.39
N PRO A 52 6.04 14.82 -5.56
CA PRO A 52 6.76 14.90 -4.25
C PRO A 52 8.27 14.85 -4.45
N THR A 53 9.00 14.66 -3.36
CA THR A 53 10.44 14.60 -3.44
C THR A 53 10.96 13.26 -2.86
N PRO A 54 12.09 12.77 -3.32
CA PRO A 54 12.68 11.49 -2.80
C PRO A 54 12.72 11.44 -1.28
N GLU A 55 12.93 12.59 -0.66
CA GLU A 55 13.02 12.66 0.80
C GLU A 55 11.71 12.23 1.43
N GLU A 56 10.62 12.67 0.84
CA GLU A 56 9.29 12.34 1.35
C GLU A 56 9.02 10.87 1.22
N LEU A 57 9.34 10.33 0.05
CA LEU A 57 9.13 8.92 -0.20
C LEU A 57 10.02 8.08 0.71
N GLN A 58 11.25 8.53 0.89
CA GLN A 58 12.19 7.81 1.74
C GLN A 58 11.70 7.78 3.19
N GLU A 59 11.20 8.91 3.67
CA GLU A 59 10.70 9.00 5.03
C GLU A 59 9.45 8.15 5.19
N MET A 60 8.59 8.14 4.18
CA MET A 60 7.37 7.34 4.24
C MET A 60 7.69 5.88 4.46
N ILE A 61 8.65 5.36 3.70
CA ILE A 61 9.01 3.97 3.85
C ILE A 61 9.66 3.73 5.21
N ASP A 62 10.50 4.67 5.64
CA ASP A 62 11.18 4.54 6.91
C ASP A 62 10.18 4.43 8.06
N GLU A 63 9.16 5.28 8.05
CA GLU A 63 8.15 5.27 9.10
C GLU A 63 7.39 3.94 9.11
N VAL A 64 7.07 3.45 7.92
CA VAL A 64 6.34 2.19 7.79
C VAL A 64 7.28 0.99 7.98
N ASP A 65 8.52 1.16 7.55
CA ASP A 65 9.52 0.10 7.64
C ASP A 65 10.18 0.12 9.02
N GLU A 66 9.94 -0.93 9.78
CA GLU A 66 10.53 -1.03 11.11
C GLU A 66 12.02 -1.33 11.03
N ASP A 67 12.40 -2.14 10.05
CA ASP A 67 13.81 -2.50 9.88
C ASP A 67 14.60 -1.36 9.26
N GLY A 68 13.90 -0.36 8.75
CA GLY A 68 14.57 0.78 8.14
C GLY A 68 15.29 0.38 6.86
N SER A 69 14.89 -0.76 6.30
CA SER A 69 15.53 -1.25 5.08
C SER A 69 15.36 -0.25 3.94
N GLY A 70 14.33 0.61 4.04
CA GLY A 70 14.11 1.61 3.00
C GLY A 70 13.26 1.03 1.87
N THR A 71 12.83 -0.22 2.03
CA THR A 71 12.01 -0.89 1.03
C THR A 71 10.82 -1.59 1.67
N VAL A 72 9.84 -1.95 0.85
CA VAL A 72 8.65 -2.63 1.36
C VAL A 72 8.52 -4.02 0.71
N ASP A 73 8.47 -5.04 1.55
CA ASP A 73 8.35 -6.41 1.07
C ASP A 73 6.91 -6.90 1.18
N PHE A 74 6.69 -8.17 0.89
CA PHE A 74 5.35 -8.74 0.95
C PHE A 74 4.75 -8.60 2.35
N ASP A 75 5.52 -8.98 3.36
CA ASP A 75 5.07 -8.90 4.74
C ASP A 75 4.79 -7.44 5.12
N GLU A 76 5.72 -6.56 4.74
CA GLU A 76 5.57 -5.14 5.04
C GLU A 76 4.42 -4.57 4.21
N PHE A 77 4.27 -5.06 2.98
CA PHE A 77 3.21 -4.60 2.11
C PHE A 77 1.85 -4.81 2.76
N LEU A 78 1.63 -6.01 3.29
CA LEU A 78 0.35 -6.28 3.95
C LEU A 78 0.16 -5.36 5.16
N VAL A 79 1.24 -5.13 5.91
CA VAL A 79 1.19 -4.25 7.08
C VAL A 79 0.98 -2.81 6.66
N MET A 80 1.51 -2.45 5.51
CA MET A 80 1.38 -1.08 5.01
C MET A 80 -0.08 -0.75 4.74
N MET A 81 -0.81 -1.73 4.22
CA MET A 81 -2.22 -1.53 3.92
C MET A 81 -3.07 -1.69 5.17
N VAL A 82 -2.76 -2.69 5.97
CA VAL A 82 -3.51 -2.94 7.21
C VAL A 82 -3.40 -1.75 8.14
N ARG A 83 -2.22 -1.17 8.22
CA ARG A 83 -2.00 -0.02 9.09
C ARG A 83 -2.94 1.11 8.72
N CYS A 84 -3.06 1.41 7.44
CA CYS A 84 -3.94 2.48 7.00
C CYS A 84 -5.39 2.21 7.40
N MET A 85 -5.85 0.99 7.15
CA MET A 85 -7.23 0.64 7.49
C MET A 85 -7.41 0.56 9.01
N LYS A 86 -6.44 -0.04 9.69
CA LYS A 86 -6.50 -0.17 11.13
C LYS A 86 -6.37 1.19 11.80
N ASP A 87 -5.47 2.01 11.29
CA ASP A 87 -5.26 3.35 11.85
C ASP A 87 -4.76 3.23 13.29
N ASP A 88 -5.09 4.23 14.09
CA ASP A 88 -4.67 4.24 15.49
C ASP A 88 -5.89 4.35 16.40
N SER A 89 -6.65 3.27 16.49
CA SER A 89 -7.84 3.24 17.33
C SER A 89 -8.83 4.33 16.90
N ARG B 1 -5.99 12.62 10.48
CA ARG B 1 -6.21 11.97 9.16
C ARG B 1 -6.60 13.03 8.13
N ARG B 2 -6.11 12.89 6.92
CA ARG B 2 -6.42 13.85 5.86
C ARG B 2 -6.56 13.13 4.52
N VAL B 3 -7.01 13.87 3.50
CA VAL B 3 -7.18 13.29 2.18
C VAL B 3 -5.86 12.78 1.63
N ARG B 4 -4.81 13.59 1.78
CA ARG B 4 -3.48 13.21 1.31
C ARG B 4 -3.58 12.51 -0.04
N ILE B 5 -2.78 11.46 -0.22
CA ILE B 5 -2.78 10.71 -1.46
C ILE B 5 -4.14 10.06 -1.70
N SER B 6 -4.84 9.76 -0.61
CA SER B 6 -6.15 9.13 -0.71
C SER B 6 -6.02 7.68 -1.13
N ALA B 7 -6.00 6.77 -0.15
CA ALA B 7 -5.87 5.35 -0.43
C ALA B 7 -7.05 4.87 -1.28
N ASP B 8 -8.24 5.39 -0.98
CA ASP B 8 -9.44 4.99 -1.71
C ASP B 8 -9.29 5.30 -3.20
N ALA B 9 -8.90 6.52 -3.52
CA ALA B 9 -8.72 6.92 -4.91
C ALA B 9 -7.62 6.10 -5.58
N MET B 10 -6.55 5.87 -4.84
CA MET B 10 -5.43 5.10 -5.37
C MET B 10 -5.84 3.68 -5.74
N MET B 11 -6.64 3.06 -4.87
CA MET B 11 -7.11 1.70 -5.11
C MET B 11 -7.96 1.63 -6.37
N GLN B 12 -8.80 2.64 -6.57
CA GLN B 12 -9.67 2.68 -7.73
C GLN B 12 -8.87 2.66 -9.01
N ALA B 13 -7.79 3.43 -9.04
CA ALA B 13 -6.97 3.47 -10.23
C ALA B 13 -6.34 2.09 -10.50
N LEU B 14 -5.69 1.54 -9.48
CA LEU B 14 -5.03 0.25 -9.62
C LEU B 14 -5.89 -0.76 -10.36
N LEU B 15 -6.94 -1.23 -9.69
CA LEU B 15 -7.82 -2.20 -10.31
C LEU B 15 -9.27 -1.78 -10.12
N GLY B 16 -9.62 -0.63 -10.71
CA GLY B 16 -10.99 -0.14 -10.58
C GLY B 16 -11.44 0.57 -11.86
N ALA B 17 -11.05 1.83 -11.98
CA ALA B 17 -11.42 2.64 -13.14
C ALA B 17 -12.90 2.98 -13.10
N ARG B 18 -13.33 3.63 -12.03
CA ARG B 18 -14.73 4.03 -11.89
C ARG B 18 -15.65 2.82 -12.03
N HIS B 19 -15.26 1.73 -11.39
CA HIS B 19 -16.06 0.50 -11.44
C HIS B 19 -17.42 0.73 -10.77
N LYS B 20 -17.49 1.77 -9.94
CA LYS B 20 -18.73 2.09 -9.25
C LYS B 20 -19.40 0.84 -8.70
N GLU B 21 -18.58 -0.08 -8.18
CA GLU B 21 -19.10 -1.31 -7.62
C GLU B 21 -18.18 -1.82 -6.50
N SER B 22 -18.78 -2.18 -5.38
CA SER B 22 -18.00 -2.68 -4.23
C SER B 22 -17.25 -1.53 -3.56
N LEU B 23 -16.39 -1.88 -2.59
CA LEU B 23 -15.61 -0.88 -1.87
C LEU B 23 -16.46 0.37 -1.59
N ASP B 24 -17.11 0.39 -0.44
CA ASP B 24 -17.95 1.53 -0.07
C ASP B 24 -17.09 2.64 0.55
N LEU B 25 -17.40 3.89 0.19
CA LEU B 25 -16.65 5.02 0.72
C LEU B 25 -16.82 5.10 2.22
N ARG B 26 -18.04 4.90 2.69
CA ARG B 26 -18.31 4.93 4.13
C ARG B 26 -18.29 3.53 4.71
N ALA B 27 -17.21 3.19 5.39
CA ALA B 27 -17.08 1.88 6.00
C ALA B 27 -16.51 1.99 7.41
N MET A 1 -6.41 -2.64 17.16
CA MET A 1 -5.64 -3.19 18.30
C MET A 1 -4.50 -4.07 17.77
N ASP A 2 -3.48 -4.26 18.59
CA ASP A 2 -2.34 -5.07 18.19
C ASP A 2 -2.76 -6.52 17.93
N ASP A 3 -3.53 -7.08 18.85
CA ASP A 3 -3.99 -8.46 18.72
C ASP A 3 -4.85 -8.61 17.47
N ILE A 4 -5.72 -7.64 17.24
CA ILE A 4 -6.58 -7.65 16.07
C ILE A 4 -5.75 -7.51 14.79
N TYR A 5 -4.73 -6.66 14.85
CA TYR A 5 -3.90 -6.39 13.68
C TYR A 5 -3.36 -7.71 13.12
N LYS A 6 -2.74 -8.51 13.98
CA LYS A 6 -2.21 -9.80 13.56
C LYS A 6 -3.34 -10.72 13.09
N ALA A 7 -4.43 -10.73 13.85
CA ALA A 7 -5.58 -11.55 13.50
C ALA A 7 -6.16 -11.10 12.17
N ALA A 8 -6.13 -9.80 11.91
CA ALA A 8 -6.67 -9.25 10.67
C ALA A 8 -5.95 -9.85 9.47
N VAL A 9 -4.64 -9.98 9.58
CA VAL A 9 -3.83 -10.55 8.50
C VAL A 9 -4.22 -12.01 8.26
N GLU A 10 -4.32 -12.78 9.34
CA GLU A 10 -4.67 -14.18 9.26
C GLU A 10 -6.14 -14.35 8.89
N GLN A 11 -6.98 -13.47 9.40
CA GLN A 11 -8.41 -13.54 9.15
C GLN A 11 -8.71 -13.34 7.67
N LEU A 12 -7.97 -12.44 7.04
CA LEU A 12 -8.18 -12.18 5.61
C LEU A 12 -8.34 -13.49 4.84
N THR A 13 -9.36 -13.54 4.00
CA THR A 13 -9.63 -14.73 3.22
C THR A 13 -8.57 -14.92 2.14
N GLU A 14 -8.53 -16.12 1.56
CA GLU A 14 -7.55 -16.41 0.51
C GLU A 14 -7.79 -15.53 -0.70
N GLU A 15 -9.05 -15.28 -1.01
CA GLU A 15 -9.40 -14.45 -2.16
C GLU A 15 -8.85 -13.04 -1.98
N GLN A 16 -9.03 -12.49 -0.79
CA GLN A 16 -8.53 -11.14 -0.50
C GLN A 16 -7.01 -11.12 -0.59
N LYS A 17 -6.37 -12.15 -0.07
CA LYS A 17 -4.91 -12.25 -0.10
C LYS A 17 -4.42 -12.34 -1.53
N ASN A 18 -5.13 -13.08 -2.36
CA ASN A 18 -4.75 -13.24 -3.75
C ASN A 18 -4.80 -11.90 -4.47
N GLU A 19 -5.81 -11.10 -4.15
CA GLU A 19 -5.96 -9.79 -4.78
C GLU A 19 -4.75 -8.89 -4.44
N PHE A 20 -4.35 -8.91 -3.18
CA PHE A 20 -3.21 -8.12 -2.75
C PHE A 20 -1.93 -8.63 -3.40
N LYS A 21 -1.81 -9.95 -3.52
CA LYS A 21 -0.63 -10.55 -4.13
C LYS A 21 -0.48 -10.08 -5.57
N ALA A 22 -1.60 -10.02 -6.29
CA ALA A 22 -1.58 -9.57 -7.68
C ALA A 22 -1.05 -8.14 -7.76
N ALA A 23 -1.49 -7.30 -6.82
CA ALA A 23 -1.04 -5.90 -6.78
C ALA A 23 0.48 -5.84 -6.60
N PHE A 24 1.00 -6.73 -5.76
CA PHE A 24 2.43 -6.76 -5.49
C PHE A 24 3.22 -6.98 -6.78
N ASP A 25 2.76 -7.93 -7.60
CA ASP A 25 3.43 -8.22 -8.86
C ASP A 25 3.41 -6.99 -9.77
N ILE A 26 2.28 -6.30 -9.79
CA ILE A 26 2.14 -5.08 -10.59
C ILE A 26 3.00 -3.97 -10.00
N PHE A 27 3.06 -3.91 -8.68
CA PHE A 27 3.82 -2.85 -8.01
C PHE A 27 5.27 -2.87 -8.47
N VAL A 28 5.83 -4.07 -8.62
CA VAL A 28 7.22 -4.22 -9.05
C VAL A 28 7.33 -4.10 -10.57
N LEU A 29 6.37 -3.44 -11.17
CA LEU A 29 6.37 -3.25 -12.62
C LEU A 29 7.61 -2.48 -13.06
N GLY A 30 8.34 -1.94 -12.09
CA GLY A 30 9.54 -1.18 -12.38
C GLY A 30 10.74 -1.73 -11.63
N ALA A 31 10.59 -2.94 -11.10
CA ALA A 31 11.67 -3.58 -10.36
C ALA A 31 12.00 -4.95 -10.94
N GLU A 32 13.26 -5.13 -11.30
CA GLU A 32 13.70 -6.41 -11.87
C GLU A 32 14.08 -7.39 -10.76
N ASP A 33 14.23 -6.86 -9.55
CA ASP A 33 14.59 -7.70 -8.40
C ASP A 33 13.34 -8.16 -7.66
N GLY A 34 12.19 -7.63 -8.05
CA GLY A 34 10.93 -7.99 -7.43
C GLY A 34 10.73 -7.23 -6.12
N CYS A 35 11.49 -6.15 -5.96
CA CYS A 35 11.39 -5.33 -4.75
C CYS A 35 10.82 -3.95 -5.08
N ILE A 36 10.26 -3.30 -4.07
CA ILE A 36 9.68 -1.97 -4.26
C ILE A 36 10.51 -0.91 -3.56
N SER A 37 10.97 0.07 -4.33
CA SER A 37 11.79 1.15 -3.77
C SER A 37 11.17 2.51 -4.11
N THR A 38 11.96 3.57 -3.92
CA THR A 38 11.48 4.92 -4.20
C THR A 38 11.17 5.07 -5.68
N LYS A 39 11.95 4.38 -6.52
CA LYS A 39 11.75 4.46 -7.97
C LYS A 39 10.38 3.88 -8.34
N GLU A 40 10.02 2.76 -7.71
CA GLU A 40 8.74 2.12 -8.00
C GLU A 40 7.58 2.97 -7.45
N LEU A 41 7.72 3.42 -6.22
CA LEU A 41 6.68 4.23 -5.60
C LEU A 41 6.52 5.55 -6.33
N GLY A 42 7.53 5.90 -7.13
CA GLY A 42 7.49 7.14 -7.89
C GLY A 42 6.30 7.16 -8.86
N LYS A 43 6.00 6.00 -9.43
CA LYS A 43 4.89 5.89 -10.37
C LYS A 43 3.55 6.15 -9.66
N VAL A 44 3.44 5.65 -8.43
CA VAL A 44 2.23 5.84 -7.65
C VAL A 44 1.99 7.33 -7.40
N MET A 45 3.06 8.05 -7.08
CA MET A 45 2.96 9.48 -6.81
C MET A 45 2.43 10.21 -8.03
N ARG A 46 2.90 9.83 -9.21
CA ARG A 46 2.45 10.46 -10.44
C ARG A 46 0.95 10.25 -10.64
N MET A 47 0.49 9.03 -10.34
CA MET A 47 -0.93 8.72 -10.48
C MET A 47 -1.78 9.60 -9.58
N LEU A 48 -1.23 9.96 -8.43
CA LEU A 48 -1.94 10.82 -7.48
C LEU A 48 -1.87 12.27 -7.92
N GLY A 49 -1.12 12.54 -8.99
CA GLY A 49 -0.99 13.89 -9.50
C GLY A 49 -0.02 14.71 -8.65
N GLN A 50 0.84 14.01 -7.91
CA GLN A 50 1.82 14.67 -7.06
C GLN A 50 3.24 14.37 -7.53
N ASN A 51 4.12 15.37 -7.42
CA ASN A 51 5.51 15.21 -7.84
C ASN A 51 6.45 15.76 -6.78
N PRO A 52 6.52 15.12 -5.65
CA PRO A 52 7.40 15.56 -4.53
C PRO A 52 8.85 15.18 -4.75
N THR A 53 9.65 15.31 -3.71
CA THR A 53 11.07 14.99 -3.80
C THR A 53 11.32 13.54 -3.39
N PRO A 54 12.39 12.96 -3.86
CA PRO A 54 12.76 11.55 -3.55
C PRO A 54 12.92 11.32 -2.05
N GLU A 55 13.33 12.36 -1.34
CA GLU A 55 13.54 12.26 0.10
C GLU A 55 12.23 11.88 0.80
N GLU A 56 11.13 12.44 0.30
CA GLU A 56 9.82 12.16 0.88
C GLU A 56 9.46 10.68 0.70
N LEU A 57 9.81 10.15 -0.47
CA LEU A 57 9.53 8.74 -0.76
C LEU A 57 10.25 7.83 0.22
N GLN A 58 11.48 8.19 0.56
CA GLN A 58 12.26 7.41 1.50
C GLN A 58 11.61 7.42 2.88
N GLU A 59 11.12 8.57 3.29
CA GLU A 59 10.49 8.71 4.60
C GLU A 59 9.26 7.81 4.68
N MET A 60 8.49 7.77 3.59
CA MET A 60 7.29 6.94 3.56
C MET A 60 7.65 5.46 3.73
N ILE A 61 8.71 5.04 3.04
CA ILE A 61 9.16 3.65 3.12
C ILE A 61 9.66 3.33 4.53
N ASP A 62 10.44 4.25 5.10
CA ASP A 62 10.99 4.06 6.43
C ASP A 62 9.87 3.95 7.46
N GLU A 63 8.83 4.76 7.29
CA GLU A 63 7.72 4.76 8.23
C GLU A 63 7.04 3.39 8.26
N VAL A 64 6.78 2.83 7.08
CA VAL A 64 6.12 1.53 6.99
C VAL A 64 7.12 0.41 7.22
N ASP A 65 8.37 0.64 6.85
CA ASP A 65 9.40 -0.38 7.01
C ASP A 65 9.76 -0.53 8.49
N GLU A 66 9.63 -1.75 9.00
CA GLU A 66 9.95 -2.02 10.39
C GLU A 66 11.46 -1.93 10.63
N ASP A 67 12.23 -2.43 9.66
CA ASP A 67 13.68 -2.42 9.77
C ASP A 67 14.26 -1.14 9.17
N GLY A 68 13.41 -0.38 8.48
CA GLY A 68 13.85 0.86 7.87
C GLY A 68 14.86 0.60 6.77
N SER A 69 14.80 -0.60 6.20
CA SER A 69 15.74 -0.96 5.13
C SER A 69 15.69 0.04 3.99
N GLY A 70 14.54 0.69 3.82
CA GLY A 70 14.39 1.69 2.77
C GLY A 70 13.64 1.10 1.59
N THR A 71 13.22 -0.16 1.71
CA THR A 71 12.48 -0.82 0.64
C THR A 71 11.30 -1.61 1.21
N VAL A 72 10.35 -1.96 0.34
CA VAL A 72 9.18 -2.72 0.75
C VAL A 72 9.12 -4.04 0.01
N ASP A 73 9.02 -5.14 0.76
CA ASP A 73 8.95 -6.46 0.15
C ASP A 73 7.53 -7.02 0.24
N PHE A 74 7.38 -8.30 -0.08
CA PHE A 74 6.08 -8.95 -0.04
C PHE A 74 5.48 -8.88 1.36
N ASP A 75 6.28 -9.26 2.35
CA ASP A 75 5.82 -9.25 3.74
C ASP A 75 5.46 -7.83 4.18
N GLU A 76 6.38 -6.90 3.96
CA GLU A 76 6.15 -5.50 4.31
C GLU A 76 5.01 -4.92 3.48
N PHE A 77 4.92 -5.36 2.23
CA PHE A 77 3.87 -4.88 1.33
C PHE A 77 2.49 -5.14 1.95
N LEU A 78 2.29 -6.36 2.44
CA LEU A 78 1.02 -6.71 3.07
C LEU A 78 0.79 -5.85 4.32
N VAL A 79 1.86 -5.61 5.06
CA VAL A 79 1.76 -4.79 6.27
C VAL A 79 1.38 -3.36 5.93
N MET A 80 1.98 -2.84 4.87
CA MET A 80 1.70 -1.47 4.44
C MET A 80 0.24 -1.33 4.05
N MET A 81 -0.28 -2.34 3.37
CA MET A 81 -1.68 -2.31 2.92
C MET A 81 -2.62 -2.36 4.12
N VAL A 82 -2.33 -3.26 5.06
CA VAL A 82 -3.15 -3.40 6.25
C VAL A 82 -3.02 -2.17 7.14
N ARG A 83 -1.80 -1.64 7.25
CA ARG A 83 -1.55 -0.48 8.08
C ARG A 83 -2.40 0.70 7.63
N CYS A 84 -2.44 0.91 6.31
CA CYS A 84 -3.23 2.02 5.76
C CYS A 84 -4.72 1.81 6.06
N MET A 85 -5.18 0.57 5.91
CA MET A 85 -6.59 0.27 6.16
C MET A 85 -6.93 0.47 7.63
N LYS A 86 -6.03 0.02 8.50
CA LYS A 86 -6.23 0.15 9.94
C LYS A 86 -5.88 1.55 10.41
N ASP A 87 -5.09 2.26 9.62
CA ASP A 87 -4.69 3.61 9.96
C ASP A 87 -3.78 3.61 11.18
N ASP A 88 -4.13 4.40 12.18
CA ASP A 88 -3.34 4.48 13.41
C ASP A 88 -3.75 3.37 14.37
N SER A 89 -3.39 2.15 14.04
CA SER A 89 -3.71 1.00 14.88
C SER A 89 -5.21 0.90 15.12
N ARG B 1 -13.19 21.25 4.13
CA ARG B 1 -13.26 20.38 2.92
C ARG B 1 -12.35 19.18 3.11
N ARG B 2 -12.86 17.99 2.79
CA ARG B 2 -12.08 16.77 2.94
C ARG B 2 -10.93 16.75 1.94
N VAL B 3 -9.80 16.16 2.35
CA VAL B 3 -8.64 16.08 1.48
C VAL B 3 -7.62 15.09 2.05
N ARG B 4 -7.63 13.88 1.52
CA ARG B 4 -6.70 12.84 1.98
C ARG B 4 -6.51 11.77 0.90
N ILE B 5 -5.31 11.21 0.84
CA ILE B 5 -5.02 10.18 -0.15
C ILE B 5 -5.91 8.97 0.04
N SER B 6 -5.97 8.47 1.28
CA SER B 6 -6.82 7.32 1.59
C SER B 6 -6.49 6.15 0.66
N ALA B 7 -6.69 4.94 1.16
CA ALA B 7 -6.43 3.75 0.37
C ALA B 7 -7.36 3.69 -0.84
N ASP B 8 -8.44 4.45 -0.78
CA ASP B 8 -9.40 4.48 -1.88
C ASP B 8 -8.73 4.94 -3.16
N ALA B 9 -7.87 5.95 -3.05
CA ALA B 9 -7.15 6.47 -4.21
C ALA B 9 -6.23 5.40 -4.79
N MET B 10 -5.57 4.66 -3.91
CA MET B 10 -4.65 3.61 -4.35
C MET B 10 -5.42 2.49 -5.05
N MET B 11 -6.59 2.15 -4.51
CA MET B 11 -7.42 1.10 -5.08
C MET B 11 -7.84 1.47 -6.50
N GLN B 12 -8.23 2.73 -6.69
CA GLN B 12 -8.65 3.19 -8.00
C GLN B 12 -7.47 3.20 -8.98
N ALA B 13 -6.31 3.64 -8.49
CA ALA B 13 -5.12 3.69 -9.33
C ALA B 13 -4.71 2.29 -9.77
N LEU B 14 -4.75 1.35 -8.85
CA LEU B 14 -4.37 -0.03 -9.14
C LEU B 14 -5.61 -0.91 -9.28
N LEU B 15 -5.39 -2.20 -9.50
CA LEU B 15 -6.49 -3.14 -9.65
C LEU B 15 -7.53 -2.60 -10.63
N GLY B 16 -8.79 -2.58 -10.19
CA GLY B 16 -9.86 -2.09 -11.04
C GLY B 16 -9.75 -0.57 -11.23
N ALA B 17 -10.15 -0.10 -12.41
CA ALA B 17 -10.09 1.32 -12.70
C ALA B 17 -11.37 2.03 -12.25
N ARG B 18 -12.41 1.24 -12.00
CA ARG B 18 -13.69 1.79 -11.55
C ARG B 18 -14.48 0.74 -10.80
N HIS B 19 -15.26 1.19 -9.82
CA HIS B 19 -16.09 0.29 -9.02
C HIS B 19 -17.16 1.06 -8.27
N LYS B 20 -18.19 0.34 -7.80
CA LYS B 20 -19.27 0.97 -7.05
C LYS B 20 -19.25 0.51 -5.59
N GLU B 21 -18.50 -0.55 -5.32
CA GLU B 21 -18.40 -1.09 -3.97
C GLU B 21 -17.11 -0.62 -3.30
N SER B 22 -17.09 0.64 -2.89
CA SER B 22 -15.91 1.18 -2.23
C SER B 22 -15.72 0.56 -0.86
N LEU B 23 -14.47 0.29 -0.49
CA LEU B 23 -14.17 -0.32 0.79
C LEU B 23 -13.47 0.69 1.71
N ASP B 24 -14.26 1.41 2.49
CA ASP B 24 -13.71 2.39 3.41
C ASP B 24 -14.61 2.54 4.63
N LEU B 25 -14.24 1.86 5.71
CA LEU B 25 -15.01 1.92 6.94
C LEU B 25 -14.25 2.62 8.04
N ARG B 26 -14.89 3.58 8.70
CA ARG B 26 -14.25 4.33 9.78
C ARG B 26 -15.08 4.25 11.05
N ALA B 27 -16.12 3.43 11.02
CA ALA B 27 -16.99 3.28 12.17
C ALA B 27 -17.30 1.81 12.43
N MET A 1 -1.41 -5.88 20.24
CA MET A 1 -0.92 -5.15 19.03
C MET A 1 0.00 -6.09 18.24
N ASP A 2 0.32 -7.24 18.84
CA ASP A 2 1.20 -8.21 18.19
C ASP A 2 0.39 -9.43 17.73
N ASP A 3 -0.14 -10.17 18.69
CA ASP A 3 -0.93 -11.37 18.36
C ASP A 3 -2.20 -10.99 17.61
N ILE A 4 -2.87 -9.94 18.07
CA ILE A 4 -4.10 -9.49 17.42
C ILE A 4 -3.82 -9.02 16.00
N TYR A 5 -2.70 -8.34 15.82
CA TYR A 5 -2.30 -7.83 14.52
C TYR A 5 -2.07 -8.98 13.54
N LYS A 6 -1.33 -9.98 14.00
CA LYS A 6 -1.02 -11.13 13.17
C LYS A 6 -2.30 -11.83 12.75
N ALA A 7 -3.23 -11.98 13.69
CA ALA A 7 -4.49 -12.61 13.40
C ALA A 7 -5.29 -11.79 12.40
N ALA A 8 -5.22 -10.47 12.53
CA ALA A 8 -5.95 -9.60 11.62
C ALA A 8 -5.43 -9.77 10.20
N VAL A 9 -4.12 -9.89 10.07
CA VAL A 9 -3.50 -10.07 8.77
C VAL A 9 -3.85 -11.41 8.16
N GLU A 10 -3.87 -12.45 8.99
CA GLU A 10 -4.18 -13.79 8.51
C GLU A 10 -5.68 -13.91 8.21
N GLN A 11 -6.48 -13.20 8.99
CA GLN A 11 -7.93 -13.24 8.82
C GLN A 11 -8.34 -12.73 7.44
N LEU A 12 -7.49 -11.91 6.83
CA LEU A 12 -7.77 -11.34 5.51
C LEU A 12 -8.56 -12.33 4.65
N THR A 13 -9.44 -11.78 3.82
CA THR A 13 -10.25 -12.61 2.94
C THR A 13 -9.45 -13.07 1.74
N GLU A 14 -9.94 -14.13 1.11
CA GLU A 14 -9.27 -14.67 -0.06
C GLU A 14 -9.30 -13.68 -1.21
N GLU A 15 -10.44 -13.01 -1.35
CA GLU A 15 -10.61 -12.04 -2.42
C GLU A 15 -9.62 -10.89 -2.26
N GLN A 16 -9.47 -10.40 -1.04
CA GLN A 16 -8.54 -9.32 -0.77
C GLN A 16 -7.11 -9.77 -1.03
N LYS A 17 -6.81 -11.01 -0.65
CA LYS A 17 -5.48 -11.55 -0.84
C LYS A 17 -5.20 -11.76 -2.31
N ASN A 18 -6.21 -12.21 -3.05
CA ASN A 18 -6.04 -12.45 -4.47
C ASN A 18 -5.70 -11.16 -5.23
N GLU A 19 -6.49 -10.12 -4.98
CA GLU A 19 -6.26 -8.84 -5.66
C GLU A 19 -4.95 -8.23 -5.21
N PHE A 20 -4.65 -8.38 -3.93
CA PHE A 20 -3.41 -7.84 -3.38
C PHE A 20 -2.20 -8.44 -4.09
N LYS A 21 -2.15 -9.76 -4.19
CA LYS A 21 -1.04 -10.42 -4.86
C LYS A 21 -0.88 -9.87 -6.28
N ALA A 22 -2.01 -9.69 -6.96
CA ALA A 22 -1.97 -9.16 -8.33
C ALA A 22 -1.36 -7.76 -8.35
N ALA A 23 -1.74 -6.94 -7.37
CA ALA A 23 -1.23 -5.59 -7.27
C ALA A 23 0.28 -5.61 -7.09
N PHE A 24 0.76 -6.56 -6.30
CA PHE A 24 2.19 -6.68 -6.06
C PHE A 24 2.93 -6.96 -7.37
N ASP A 25 2.34 -7.81 -8.20
CA ASP A 25 2.93 -8.17 -9.49
C ASP A 25 3.09 -6.93 -10.37
N ILE A 26 2.10 -6.04 -10.34
CA ILE A 26 2.16 -4.82 -11.13
C ILE A 26 3.08 -3.80 -10.46
N PHE A 27 3.04 -3.74 -9.14
CA PHE A 27 3.89 -2.80 -8.41
C PHE A 27 5.36 -3.05 -8.72
N VAL A 28 5.72 -4.31 -8.89
CA VAL A 28 7.11 -4.66 -9.18
C VAL A 28 7.40 -4.53 -10.67
N LEU A 29 6.60 -3.72 -11.36
CA LEU A 29 6.78 -3.52 -12.79
C LEU A 29 8.25 -3.33 -13.14
N GLY A 30 8.95 -2.54 -12.34
CA GLY A 30 10.36 -2.27 -12.58
C GLY A 30 11.26 -3.13 -11.70
N ALA A 31 10.75 -3.54 -10.54
CA ALA A 31 11.54 -4.35 -9.63
C ALA A 31 11.52 -5.80 -10.06
N GLU A 32 12.58 -6.23 -10.73
CA GLU A 32 12.67 -7.61 -11.19
C GLU A 32 12.75 -8.56 -10.00
N ASP A 33 13.41 -8.10 -8.95
CA ASP A 33 13.58 -8.91 -7.75
C ASP A 33 12.27 -9.02 -6.98
N GLY A 34 11.29 -8.19 -7.35
CA GLY A 34 10.00 -8.22 -6.67
C GLY A 34 10.00 -7.37 -5.41
N CYS A 35 10.95 -6.44 -5.33
CA CYS A 35 11.04 -5.55 -4.17
C CYS A 35 10.67 -4.13 -4.55
N ILE A 36 9.94 -3.45 -3.67
CA ILE A 36 9.51 -2.08 -3.93
C ILE A 36 10.49 -1.09 -3.30
N SER A 37 10.88 -0.09 -4.08
CA SER A 37 11.81 0.92 -3.60
C SER A 37 11.31 2.32 -3.98
N THR A 38 12.15 3.31 -3.70
CA THR A 38 11.78 4.68 -4.01
C THR A 38 11.65 4.87 -5.52
N LYS A 39 12.35 4.03 -6.28
CA LYS A 39 12.29 4.13 -7.73
C LYS A 39 10.86 3.90 -8.22
N GLU A 40 10.23 2.80 -7.77
CA GLU A 40 8.87 2.51 -8.16
C GLU A 40 7.88 3.48 -7.51
N LEU A 41 8.18 3.81 -6.25
CA LEU A 41 7.33 4.70 -5.49
C LEU A 41 7.15 6.02 -6.23
N GLY A 42 8.14 6.39 -7.02
CA GLY A 42 8.07 7.63 -7.77
C GLY A 42 6.87 7.64 -8.72
N LYS A 43 6.61 6.51 -9.36
CA LYS A 43 5.47 6.40 -10.26
C LYS A 43 4.18 6.47 -9.47
N VAL A 44 4.18 5.84 -8.31
CA VAL A 44 3.00 5.82 -7.46
C VAL A 44 2.61 7.24 -7.09
N MET A 45 3.61 8.04 -6.71
CA MET A 45 3.34 9.41 -6.33
C MET A 45 2.75 10.19 -7.50
N ARG A 46 3.26 9.93 -8.71
CA ARG A 46 2.78 10.62 -9.89
C ARG A 46 1.29 10.35 -10.10
N MET A 47 0.88 9.11 -9.90
CA MET A 47 -0.53 8.77 -10.05
C MET A 47 -1.37 9.47 -8.99
N LEU A 48 -0.80 9.60 -7.81
CA LEU A 48 -1.49 10.27 -6.70
C LEU A 48 -1.56 11.78 -6.94
N GLY A 49 -0.90 12.24 -8.00
CA GLY A 49 -0.90 13.66 -8.32
C GLY A 49 0.06 14.43 -7.41
N GLN A 50 1.06 13.72 -6.88
CA GLN A 50 2.03 14.34 -5.98
C GLN A 50 3.44 14.16 -6.55
N ASN A 51 4.25 15.21 -6.42
CA ASN A 51 5.62 15.17 -6.91
C ASN A 51 6.58 15.76 -5.88
N PRO A 52 6.77 15.06 -4.79
CA PRO A 52 7.68 15.49 -3.70
C PRO A 52 9.14 15.24 -4.03
N THR A 53 10.00 15.36 -3.04
CA THR A 53 11.42 15.13 -3.23
C THR A 53 11.83 13.73 -2.80
N PRO A 54 12.88 13.17 -3.39
CA PRO A 54 13.37 11.81 -3.02
C PRO A 54 13.52 11.63 -1.51
N GLU A 55 13.94 12.68 -0.82
CA GLU A 55 14.12 12.62 0.62
C GLU A 55 12.84 12.23 1.32
N GLU A 56 11.73 12.70 0.77
CA GLU A 56 10.42 12.40 1.33
C GLU A 56 10.08 10.94 1.10
N LEU A 57 10.42 10.46 -0.08
CA LEU A 57 10.14 9.06 -0.42
C LEU A 57 10.83 8.12 0.56
N GLN A 58 12.08 8.43 0.87
CA GLN A 58 12.83 7.59 1.80
C GLN A 58 12.20 7.63 3.20
N GLU A 59 11.82 8.82 3.63
CA GLU A 59 11.20 8.98 4.93
C GLU A 59 9.86 8.26 4.99
N MET A 60 9.11 8.32 3.89
CA MET A 60 7.81 7.68 3.84
C MET A 60 7.94 6.19 4.12
N ILE A 61 8.93 5.56 3.51
CA ILE A 61 9.16 4.13 3.72
C ILE A 61 9.66 3.86 5.14
N ASP A 62 10.58 4.72 5.60
CA ASP A 62 11.16 4.56 6.93
C ASP A 62 10.07 4.51 8.01
N GLU A 63 8.95 5.18 7.75
CA GLU A 63 7.84 5.19 8.70
C GLU A 63 7.29 3.79 8.93
N VAL A 64 7.16 3.03 7.84
CA VAL A 64 6.63 1.67 7.94
C VAL A 64 7.75 0.63 8.03
N ASP A 65 8.88 0.93 7.41
CA ASP A 65 10.01 0.01 7.41
C ASP A 65 10.61 -0.09 8.80
N GLU A 66 10.53 -1.28 9.38
CA GLU A 66 11.05 -1.51 10.72
C GLU A 66 12.56 -1.77 10.66
N ASP A 67 13.06 -2.09 9.46
CA ASP A 67 14.48 -2.36 9.31
C ASP A 67 15.24 -1.11 8.86
N GLY A 68 14.48 -0.11 8.43
CA GLY A 68 15.09 1.14 8.00
C GLY A 68 15.85 0.94 6.68
N SER A 69 15.61 -0.20 6.03
CA SER A 69 16.28 -0.50 4.78
C SER A 69 15.90 0.49 3.69
N GLY A 70 14.77 1.17 3.89
CA GLY A 70 14.30 2.15 2.92
C GLY A 70 13.54 1.46 1.78
N THR A 71 13.33 0.16 1.93
CA THR A 71 12.63 -0.62 0.91
C THR A 71 11.50 -1.44 1.54
N VAL A 72 10.55 -1.85 0.70
CA VAL A 72 9.43 -2.67 1.16
C VAL A 72 9.36 -3.98 0.41
N ASP A 73 9.39 -5.08 1.16
CA ASP A 73 9.35 -6.42 0.57
C ASP A 73 7.91 -6.91 0.45
N PHE A 74 7.73 -8.18 0.09
CA PHE A 74 6.40 -8.73 -0.07
C PHE A 74 5.60 -8.65 1.25
N ASP A 75 6.21 -9.07 2.34
CA ASP A 75 5.54 -9.04 3.64
C ASP A 75 5.27 -7.61 4.10
N GLU A 76 6.32 -6.80 4.17
CA GLU A 76 6.19 -5.41 4.59
C GLU A 76 5.12 -4.72 3.77
N PHE A 77 4.93 -5.16 2.54
CA PHE A 77 3.90 -4.57 1.71
C PHE A 77 2.52 -4.96 2.24
N LEU A 78 2.38 -6.24 2.59
CA LEU A 78 1.10 -6.75 3.09
C LEU A 78 0.73 -6.09 4.42
N VAL A 79 1.70 -6.00 5.33
CA VAL A 79 1.46 -5.43 6.63
C VAL A 79 1.15 -3.95 6.50
N MET A 80 1.69 -3.32 5.46
CA MET A 80 1.46 -1.90 5.23
C MET A 80 0.01 -1.67 4.90
N MET A 81 -0.54 -2.56 4.08
CA MET A 81 -1.93 -2.45 3.68
C MET A 81 -2.87 -2.58 4.89
N VAL A 82 -2.57 -3.55 5.74
CA VAL A 82 -3.40 -3.76 6.93
C VAL A 82 -3.26 -2.58 7.89
N ARG A 83 -2.05 -2.09 8.05
CA ARG A 83 -1.81 -0.96 8.95
C ARG A 83 -2.59 0.27 8.52
N CYS A 84 -2.60 0.55 7.22
CA CYS A 84 -3.31 1.73 6.73
C CYS A 84 -4.81 1.56 6.91
N MET A 85 -5.30 0.34 6.69
CA MET A 85 -6.72 0.07 6.86
C MET A 85 -7.14 0.22 8.32
N LYS A 86 -6.30 -0.27 9.23
CA LYS A 86 -6.60 -0.18 10.65
C LYS A 86 -6.39 1.24 11.17
N ASP A 87 -5.23 1.81 10.89
CA ASP A 87 -4.93 3.16 11.35
C ASP A 87 -5.75 4.18 10.58
N ASP A 88 -6.29 5.15 11.30
CA ASP A 88 -7.10 6.20 10.67
C ASP A 88 -6.57 7.57 11.05
N SER A 89 -5.43 7.95 10.46
CA SER A 89 -4.82 9.24 10.73
C SER A 89 -4.69 10.05 9.45
N ARG B 1 -6.01 18.58 -3.99
CA ARG B 1 -5.45 18.92 -2.66
C ARG B 1 -6.53 18.84 -1.59
N ARG B 2 -7.72 19.32 -1.92
CA ARG B 2 -8.83 19.30 -0.98
C ARG B 2 -9.17 17.86 -0.60
N VAL B 3 -9.12 16.97 -1.58
CA VAL B 3 -9.42 15.56 -1.35
C VAL B 3 -8.22 14.85 -0.70
N ARG B 4 -8.47 14.21 0.44
CA ARG B 4 -7.43 13.49 1.15
C ARG B 4 -7.08 12.19 0.45
N ILE B 5 -5.84 11.75 0.60
CA ILE B 5 -5.41 10.52 -0.05
C ILE B 5 -6.30 9.35 0.36
N SER B 6 -6.15 8.89 1.59
CA SER B 6 -6.96 7.79 2.08
C SER B 6 -6.68 6.52 1.27
N ALA B 7 -6.80 5.38 1.94
CA ALA B 7 -6.58 4.08 1.29
C ALA B 7 -7.60 3.87 0.17
N ASP B 8 -8.82 4.33 0.37
CA ASP B 8 -9.86 4.16 -0.63
C ASP B 8 -9.43 4.73 -1.97
N ALA B 9 -8.89 5.94 -1.96
CA ALA B 9 -8.44 6.57 -3.19
C ALA B 9 -7.32 5.76 -3.81
N MET B 10 -6.41 5.26 -2.97
CA MET B 10 -5.28 4.46 -3.47
C MET B 10 -5.79 3.24 -4.23
N MET B 11 -6.81 2.59 -3.69
CA MET B 11 -7.37 1.40 -4.33
C MET B 11 -8.01 1.77 -5.66
N GLN B 12 -8.66 2.93 -5.71
CA GLN B 12 -9.32 3.36 -6.92
C GLN B 12 -8.33 3.51 -8.07
N ALA B 13 -7.18 4.11 -7.77
CA ALA B 13 -6.15 4.31 -8.78
C ALA B 13 -5.63 2.96 -9.29
N LEU B 14 -5.45 2.02 -8.36
CA LEU B 14 -4.95 0.69 -8.72
C LEU B 14 -5.93 -0.03 -9.63
N LEU B 15 -7.20 -0.06 -9.23
CA LEU B 15 -8.23 -0.74 -10.02
C LEU B 15 -9.21 0.27 -10.59
N GLY B 16 -9.87 1.02 -9.71
CA GLY B 16 -10.83 2.02 -10.14
C GLY B 16 -12.17 1.36 -10.47
N ALA B 17 -13.11 2.16 -10.98
CA ALA B 17 -14.43 1.63 -11.33
C ALA B 17 -15.11 1.05 -10.10
N ARG B 18 -16.21 0.33 -10.34
CA ARG B 18 -16.96 -0.29 -9.24
C ARG B 18 -17.05 0.67 -8.05
N HIS B 19 -16.42 0.30 -6.93
CA HIS B 19 -16.45 1.14 -5.74
C HIS B 19 -17.84 1.69 -5.49
N LYS B 20 -18.71 0.85 -4.93
CA LYS B 20 -20.09 1.27 -4.67
C LYS B 20 -20.10 2.55 -3.83
N GLU B 21 -19.53 2.48 -2.63
CA GLU B 21 -19.47 3.63 -1.75
C GLU B 21 -18.11 3.76 -1.10
N SER B 22 -17.77 2.79 -0.24
CA SER B 22 -16.48 2.80 0.43
C SER B 22 -16.19 1.45 1.05
N LEU B 23 -15.34 0.67 0.40
CA LEU B 23 -14.97 -0.65 0.90
C LEU B 23 -16.22 -1.52 1.09
N ASP B 24 -17.31 -1.13 0.43
CA ASP B 24 -18.56 -1.88 0.52
C ASP B 24 -18.95 -2.07 1.99
N LEU B 25 -18.55 -1.13 2.84
CA LEU B 25 -18.86 -1.21 4.25
C LEU B 25 -18.57 -2.61 4.79
N ARG B 26 -17.78 -3.37 4.05
CA ARG B 26 -17.42 -4.72 4.46
C ARG B 26 -16.14 -5.17 3.79
N ALA B 27 -16.09 -5.02 2.47
CA ALA B 27 -14.89 -5.42 1.72
C ALA B 27 -14.59 -6.89 1.95
N MET A 1 4.25 -7.62 18.98
CA MET A 1 3.41 -6.61 19.69
C MET A 1 2.04 -6.53 19.04
N ASP A 2 2.04 -6.28 17.73
CA ASP A 2 0.79 -6.18 16.98
C ASP A 2 0.25 -7.57 16.64
N ASP A 3 -0.25 -8.26 17.64
CA ASP A 3 -0.80 -9.60 17.46
C ASP A 3 -2.01 -9.57 16.53
N ILE A 4 -2.80 -8.50 16.63
CA ILE A 4 -4.00 -8.37 15.82
C ILE A 4 -3.65 -8.39 14.33
N TYR A 5 -2.64 -7.61 13.96
CA TYR A 5 -2.21 -7.55 12.56
C TYR A 5 -1.69 -8.90 12.09
N LYS A 6 -0.94 -9.58 12.95
CA LYS A 6 -0.41 -10.90 12.58
C LYS A 6 -1.55 -11.84 12.24
N ALA A 7 -2.55 -11.88 13.12
CA ALA A 7 -3.70 -12.72 12.91
C ALA A 7 -4.51 -12.26 11.70
N ALA A 8 -4.62 -10.95 11.51
CA ALA A 8 -5.38 -10.44 10.38
C ALA A 8 -4.76 -10.90 9.08
N VAL A 9 -3.44 -10.83 9.02
CA VAL A 9 -2.71 -11.25 7.83
C VAL A 9 -2.88 -12.75 7.57
N GLU A 10 -2.68 -13.55 8.62
CA GLU A 10 -2.82 -15.00 8.51
C GLU A 10 -4.27 -15.38 8.20
N GLN A 11 -5.19 -14.60 8.73
CA GLN A 11 -6.61 -14.86 8.53
C GLN A 11 -6.96 -14.79 7.04
N LEU A 12 -6.20 -14.01 6.28
CA LEU A 12 -6.46 -13.88 4.86
C LEU A 12 -6.52 -15.25 4.20
N THR A 13 -7.51 -15.44 3.34
CA THR A 13 -7.67 -16.70 2.65
C THR A 13 -6.70 -16.82 1.49
N GLU A 14 -6.63 -17.99 0.90
CA GLU A 14 -5.74 -18.22 -0.22
C GLU A 14 -6.10 -17.30 -1.36
N GLU A 15 -7.40 -17.10 -1.55
CA GLU A 15 -7.88 -16.23 -2.61
C GLU A 15 -7.46 -14.78 -2.35
N GLN A 16 -7.60 -14.34 -1.10
CA GLN A 16 -7.22 -12.97 -0.76
C GLN A 16 -5.73 -12.77 -1.01
N LYS A 17 -4.93 -13.75 -0.62
CA LYS A 17 -3.49 -13.67 -0.83
C LYS A 17 -3.17 -13.59 -2.31
N ASN A 18 -3.88 -14.37 -3.11
CA ASN A 18 -3.63 -14.35 -4.53
C ASN A 18 -3.99 -12.99 -5.11
N GLU A 19 -5.08 -12.40 -4.63
CA GLU A 19 -5.53 -11.10 -5.12
C GLU A 19 -4.49 -10.01 -4.82
N PHE A 20 -3.96 -10.02 -3.59
CA PHE A 20 -2.96 -9.03 -3.22
C PHE A 20 -1.67 -9.24 -4.00
N LYS A 21 -1.30 -10.50 -4.15
CA LYS A 21 -0.09 -10.83 -4.89
C LYS A 21 -0.19 -10.34 -6.34
N ALA A 22 -1.36 -10.51 -6.95
CA ALA A 22 -1.53 -10.05 -8.33
C ALA A 22 -1.29 -8.55 -8.41
N ALA A 23 -1.85 -7.81 -7.46
CA ALA A 23 -1.68 -6.36 -7.42
C ALA A 23 -0.22 -6.00 -7.22
N PHE A 24 0.45 -6.78 -6.38
CA PHE A 24 1.85 -6.54 -6.08
C PHE A 24 2.69 -6.64 -7.36
N ASP A 25 2.30 -7.55 -8.26
CA ASP A 25 3.03 -7.75 -9.51
C ASP A 25 3.07 -6.46 -10.34
N ILE A 26 1.98 -5.69 -10.34
CA ILE A 26 1.95 -4.46 -11.10
C ILE A 26 2.61 -3.33 -10.32
N PHE A 27 2.36 -3.28 -9.02
CA PHE A 27 2.95 -2.23 -8.19
C PHE A 27 4.47 -2.19 -8.34
N VAL A 28 5.10 -3.36 -8.44
CA VAL A 28 6.55 -3.41 -8.59
C VAL A 28 6.96 -3.03 -10.00
N LEU A 29 6.07 -2.31 -10.69
CA LEU A 29 6.36 -1.86 -12.04
C LEU A 29 7.75 -1.27 -12.11
N GLY A 30 8.65 -2.00 -12.73
CA GLY A 30 10.03 -1.55 -12.86
C GLY A 30 10.95 -2.18 -11.81
N ALA A 31 10.37 -2.67 -10.72
CA ALA A 31 11.18 -3.29 -9.69
C ALA A 31 11.36 -4.77 -10.01
N GLU A 32 12.44 -5.08 -10.71
CA GLU A 32 12.74 -6.45 -11.09
C GLU A 32 12.94 -7.31 -9.84
N ASP A 33 13.51 -6.69 -8.83
CA ASP A 33 13.78 -7.38 -7.57
C ASP A 33 12.47 -7.74 -6.88
N GLY A 34 11.38 -7.07 -7.28
CA GLY A 34 10.08 -7.34 -6.68
C GLY A 34 9.90 -6.52 -5.42
N CYS A 35 10.76 -5.53 -5.24
CA CYS A 35 10.70 -4.66 -4.06
C CYS A 35 10.44 -3.22 -4.48
N ILE A 36 9.65 -2.52 -3.66
CA ILE A 36 9.32 -1.12 -3.94
C ILE A 36 10.16 -0.19 -3.08
N SER A 37 10.76 0.79 -3.73
CA SER A 37 11.59 1.77 -3.05
C SER A 37 11.11 3.16 -3.40
N THR A 38 11.91 4.16 -3.01
CA THR A 38 11.55 5.54 -3.28
C THR A 38 11.49 5.80 -4.78
N LYS A 39 12.18 4.97 -5.54
CA LYS A 39 12.22 5.11 -6.99
C LYS A 39 10.86 4.76 -7.61
N GLU A 40 10.42 3.52 -7.41
CA GLU A 40 9.14 3.08 -7.96
C GLU A 40 7.99 3.87 -7.34
N LEU A 41 8.08 4.07 -6.04
CA LEU A 41 7.04 4.78 -5.32
C LEU A 41 6.97 6.22 -5.81
N GLY A 42 8.12 6.81 -6.09
CA GLY A 42 8.17 8.18 -6.58
C GLY A 42 7.43 8.31 -7.90
N LYS A 43 7.57 7.30 -8.75
CA LYS A 43 6.91 7.30 -10.05
C LYS A 43 5.40 7.30 -9.86
N VAL A 44 4.95 6.53 -8.88
CA VAL A 44 3.54 6.43 -8.56
C VAL A 44 3.01 7.79 -8.13
N MET A 45 3.76 8.44 -7.26
CA MET A 45 3.38 9.74 -6.76
C MET A 45 3.27 10.75 -7.90
N ARG A 46 4.19 10.64 -8.86
CA ARG A 46 4.19 11.55 -10.00
C ARG A 46 2.87 11.44 -10.76
N MET A 47 2.40 10.22 -10.96
CA MET A 47 1.14 9.99 -11.67
C MET A 47 0.00 10.68 -10.93
N LEU A 48 0.06 10.60 -9.60
CA LEU A 48 -0.98 11.20 -8.76
C LEU A 48 -0.88 12.73 -8.79
N GLY A 49 0.20 13.26 -9.37
CA GLY A 49 0.39 14.70 -9.45
C GLY A 49 1.22 15.20 -8.28
N GLN A 50 1.80 14.27 -7.51
CA GLN A 50 2.63 14.64 -6.37
C GLN A 50 4.09 14.29 -6.64
N ASN A 51 4.98 15.22 -6.34
CA ASN A 51 6.41 15.00 -6.54
C ASN A 51 7.21 15.43 -5.32
N PRO A 52 7.18 14.64 -4.29
CA PRO A 52 7.92 14.94 -3.04
C PRO A 52 9.41 14.94 -3.25
N THR A 53 10.13 14.65 -2.18
CA THR A 53 11.58 14.61 -2.22
C THR A 53 12.09 13.27 -1.68
N PRO A 54 13.28 12.84 -2.05
CA PRO A 54 13.84 11.54 -1.55
C PRO A 54 13.80 11.42 -0.03
N GLU A 55 14.09 12.53 0.66
CA GLU A 55 14.11 12.52 2.11
C GLU A 55 12.74 12.19 2.67
N GLU A 56 11.74 12.83 2.09
CA GLU A 56 10.36 12.63 2.52
C GLU A 56 9.90 11.22 2.21
N LEU A 57 10.26 10.76 1.03
CA LEU A 57 9.89 9.42 0.59
C LEU A 57 10.55 8.37 1.47
N GLN A 58 11.80 8.64 1.85
CA GLN A 58 12.54 7.72 2.69
C GLN A 58 11.87 7.58 4.06
N GLU A 59 11.41 8.70 4.60
CA GLU A 59 10.76 8.71 5.90
C GLU A 59 9.46 7.90 5.85
N MET A 60 8.73 8.02 4.75
CA MET A 60 7.47 7.31 4.60
C MET A 60 7.70 5.81 4.71
N ILE A 61 8.71 5.31 4.00
CA ILE A 61 9.04 3.90 4.02
C ILE A 61 9.48 3.47 5.42
N ASP A 62 10.25 4.34 6.07
CA ASP A 62 10.76 4.05 7.41
C ASP A 62 9.62 3.81 8.39
N GLU A 63 8.55 4.56 8.23
CA GLU A 63 7.40 4.42 9.11
C GLU A 63 6.84 3.00 9.03
N VAL A 64 7.00 2.37 7.86
CA VAL A 64 6.50 1.01 7.66
C VAL A 64 7.64 -0.01 7.49
N ASP A 65 8.89 0.44 7.58
CA ASP A 65 10.01 -0.49 7.41
C ASP A 65 10.51 -0.99 8.75
N GLU A 66 10.15 -2.23 9.07
CA GLU A 66 10.57 -2.84 10.33
C GLU A 66 12.09 -3.02 10.38
N ASP A 67 12.69 -3.44 9.26
CA ASP A 67 14.14 -3.66 9.22
C ASP A 67 14.89 -2.36 8.92
N GLY A 68 14.16 -1.31 8.53
CA GLY A 68 14.81 -0.04 8.25
C GLY A 68 15.59 -0.10 6.95
N SER A 69 15.36 -1.14 6.17
CA SER A 69 16.07 -1.32 4.91
C SER A 69 15.77 -0.18 3.93
N GLY A 70 14.67 0.53 4.14
CA GLY A 70 14.29 1.63 3.26
C GLY A 70 13.53 1.12 2.05
N THR A 71 13.12 -0.16 2.11
CA THR A 71 12.40 -0.77 1.00
C THR A 71 11.18 -1.54 1.52
N VAL A 72 10.23 -1.80 0.64
CA VAL A 72 9.02 -2.53 1.01
C VAL A 72 9.02 -3.92 0.37
N ASP A 73 8.85 -4.93 1.21
CA ASP A 73 8.83 -6.31 0.74
C ASP A 73 7.41 -6.84 0.70
N PHE A 74 7.26 -8.10 0.30
CA PHE A 74 5.94 -8.71 0.21
C PHE A 74 5.23 -8.68 1.56
N ASP A 75 5.94 -9.07 2.61
CA ASP A 75 5.37 -9.08 3.95
C ASP A 75 4.96 -7.67 4.37
N GLU A 76 5.87 -6.72 4.16
CA GLU A 76 5.58 -5.33 4.51
C GLU A 76 4.45 -4.79 3.63
N PHE A 77 4.43 -5.21 2.38
CA PHE A 77 3.39 -4.78 1.44
C PHE A 77 2.02 -5.16 1.97
N LEU A 78 1.87 -6.40 2.43
CA LEU A 78 0.59 -6.85 2.94
C LEU A 78 0.18 -6.02 4.17
N VAL A 79 1.16 -5.72 5.03
CA VAL A 79 0.90 -4.94 6.24
C VAL A 79 0.48 -3.51 5.90
N MET A 80 1.16 -2.92 4.92
CA MET A 80 0.86 -1.56 4.50
C MET A 80 -0.55 -1.49 3.95
N MET A 81 -0.92 -2.53 3.24
CA MET A 81 -2.24 -2.57 2.63
C MET A 81 -3.32 -2.78 3.70
N VAL A 82 -3.05 -3.66 4.65
CA VAL A 82 -4.01 -3.95 5.71
C VAL A 82 -4.29 -2.72 6.56
N ARG A 83 -3.23 -2.02 6.99
CA ARG A 83 -3.42 -0.84 7.81
C ARG A 83 -4.07 0.28 7.00
N CYS A 84 -3.76 0.31 5.70
CA CYS A 84 -4.32 1.31 4.82
C CYS A 84 -5.83 1.19 4.78
N MET A 85 -6.33 -0.02 4.62
CA MET A 85 -7.77 -0.24 4.57
C MET A 85 -8.42 0.22 5.87
N LYS A 86 -7.80 -0.12 7.01
CA LYS A 86 -8.35 0.30 8.30
C LYS A 86 -8.32 1.82 8.44
N ASP A 87 -7.23 2.44 7.98
CA ASP A 87 -7.11 3.90 8.06
C ASP A 87 -7.37 4.40 9.48
N ASP A 88 -6.52 3.99 10.42
CA ASP A 88 -6.67 4.41 11.81
C ASP A 88 -5.69 5.52 12.14
N SER A 89 -5.95 6.70 11.61
CA SER A 89 -5.09 7.86 11.86
C SER A 89 -3.67 7.60 11.34
N ARG B 1 -6.89 19.35 -6.45
CA ARG B 1 -7.47 19.45 -5.07
C ARG B 1 -8.69 18.55 -4.97
N ARG B 2 -9.07 17.97 -6.11
CA ARG B 2 -10.22 17.08 -6.13
C ARG B 2 -9.87 15.71 -5.58
N VAL B 3 -10.31 15.43 -4.36
CA VAL B 3 -10.04 14.14 -3.73
C VAL B 3 -8.54 13.90 -3.59
N ARG B 4 -8.13 13.40 -2.43
CA ARG B 4 -6.72 13.12 -2.18
C ARG B 4 -6.46 11.61 -2.26
N ILE B 5 -5.32 11.18 -1.73
CA ILE B 5 -4.96 9.78 -1.77
C ILE B 5 -6.00 8.93 -1.04
N SER B 6 -6.42 9.39 0.14
CA SER B 6 -7.42 8.66 0.91
C SER B 6 -7.12 7.17 0.89
N ALA B 7 -8.18 6.36 0.81
CA ALA B 7 -8.03 4.91 0.77
C ALA B 7 -8.59 4.33 -0.53
N ASP B 8 -9.49 5.07 -1.16
CA ASP B 8 -10.09 4.61 -2.41
C ASP B 8 -9.05 4.54 -3.52
N ALA B 9 -8.12 5.49 -3.51
CA ALA B 9 -7.08 5.52 -4.53
C ALA B 9 -6.25 4.25 -4.48
N MET B 10 -5.90 3.81 -3.27
CA MET B 10 -5.12 2.59 -3.12
C MET B 10 -5.89 1.39 -3.64
N MET B 11 -7.18 1.33 -3.33
CA MET B 11 -8.00 0.21 -3.77
C MET B 11 -8.10 0.18 -5.28
N GLN B 12 -8.29 1.34 -5.89
CA GLN B 12 -8.39 1.42 -7.34
C GLN B 12 -7.07 1.04 -7.99
N ALA B 13 -5.97 1.51 -7.41
CA ALA B 13 -4.66 1.19 -7.94
C ALA B 13 -4.38 -0.30 -7.89
N LEU B 14 -4.75 -0.94 -6.79
CA LEU B 14 -4.53 -2.38 -6.63
C LEU B 14 -5.53 -3.18 -7.47
N LEU B 15 -6.81 -2.87 -7.30
CA LEU B 15 -7.87 -3.58 -8.04
C LEU B 15 -9.23 -2.97 -7.71
N GLY B 16 -9.68 -3.17 -6.47
CA GLY B 16 -10.98 -2.65 -6.03
C GLY B 16 -12.08 -3.69 -6.25
N ALA B 17 -13.17 -3.55 -5.50
CA ALA B 17 -14.29 -4.48 -5.61
C ALA B 17 -15.52 -3.75 -6.17
N ARG B 18 -15.89 -2.65 -5.55
CA ARG B 18 -17.05 -1.89 -5.99
C ARG B 18 -16.97 -0.43 -5.52
N HIS B 19 -17.42 0.49 -6.36
CA HIS B 19 -17.39 1.90 -6.02
C HIS B 19 -18.70 2.60 -6.42
N LYS B 20 -19.75 2.37 -5.63
CA LYS B 20 -21.04 2.99 -5.91
C LYS B 20 -21.27 4.20 -5.01
N GLU B 21 -20.43 4.34 -3.99
CA GLU B 21 -20.54 5.45 -3.07
C GLU B 21 -19.32 5.54 -2.17
N SER B 22 -19.50 6.08 -0.98
CA SER B 22 -18.39 6.22 -0.04
C SER B 22 -17.99 4.85 0.49
N LEU B 23 -16.84 4.80 1.15
CA LEU B 23 -16.32 3.55 1.72
C LEU B 23 -17.39 2.82 2.54
N ASP B 24 -18.56 3.44 2.68
CA ASP B 24 -19.66 2.84 3.44
C ASP B 24 -19.40 2.95 4.93
N LEU B 25 -18.45 3.82 5.30
CA LEU B 25 -18.12 4.03 6.69
C LEU B 25 -19.31 4.65 7.42
N ARG B 26 -19.95 5.62 6.76
CA ARG B 26 -21.10 6.31 7.34
C ARG B 26 -20.67 7.26 8.45
N ALA B 27 -20.40 8.51 8.09
CA ALA B 27 -19.97 9.51 9.05
C ALA B 27 -18.64 9.11 9.67
N MET A 1 -2.91 -5.34 21.34
CA MET A 1 -1.68 -4.57 20.99
C MET A 1 -0.80 -5.42 20.09
N ASP A 2 -0.89 -6.73 20.25
CA ASP A 2 -0.09 -7.65 19.43
C ASP A 2 -0.96 -8.79 18.90
N ASP A 3 -1.70 -9.44 19.80
CA ASP A 3 -2.56 -10.55 19.41
C ASP A 3 -3.62 -10.08 18.41
N ILE A 4 -4.17 -8.91 18.66
CA ILE A 4 -5.21 -8.37 17.79
C ILE A 4 -4.67 -8.15 16.38
N TYR A 5 -3.50 -7.53 16.29
CA TYR A 5 -2.87 -7.27 15.00
C TYR A 5 -2.57 -8.59 14.29
N LYS A 6 -2.00 -9.54 15.04
CA LYS A 6 -1.65 -10.82 14.46
C LYS A 6 -2.90 -11.51 13.90
N ALA A 7 -4.00 -11.42 14.63
CA ALA A 7 -5.26 -12.01 14.18
C ALA A 7 -5.82 -11.23 13.01
N ALA A 8 -5.62 -9.92 13.02
CA ALA A 8 -6.12 -9.07 11.95
C ALA A 8 -5.50 -9.47 10.63
N VAL A 9 -4.20 -9.77 10.65
CA VAL A 9 -3.51 -10.19 9.44
C VAL A 9 -4.00 -11.55 8.96
N GLU A 10 -4.11 -12.49 9.90
CA GLU A 10 -4.58 -13.84 9.57
C GLU A 10 -6.03 -13.81 9.12
N GLN A 11 -6.75 -12.78 9.57
CA GLN A 11 -8.16 -12.64 9.22
C GLN A 11 -8.31 -12.48 7.71
N LEU A 12 -7.33 -11.85 7.07
CA LEU A 12 -7.39 -11.63 5.63
C LEU A 12 -7.78 -12.91 4.91
N THR A 13 -8.71 -12.78 3.97
CA THR A 13 -9.17 -13.94 3.21
C THR A 13 -8.28 -14.18 2.00
N GLU A 14 -8.37 -15.38 1.43
CA GLU A 14 -7.56 -15.71 0.27
C GLU A 14 -7.90 -14.80 -0.91
N GLU A 15 -9.17 -14.50 -1.06
CA GLU A 15 -9.61 -13.62 -2.14
C GLU A 15 -9.03 -12.23 -1.95
N GLN A 16 -9.09 -11.73 -0.71
CA GLN A 16 -8.58 -10.40 -0.43
C GLN A 16 -7.07 -10.37 -0.66
N LYS A 17 -6.38 -11.42 -0.23
CA LYS A 17 -4.94 -11.51 -0.42
C LYS A 17 -4.59 -11.58 -1.89
N ASN A 18 -5.38 -12.32 -2.65
CA ASN A 18 -5.13 -12.46 -4.07
C ASN A 18 -5.22 -11.10 -4.77
N GLU A 19 -6.19 -10.31 -4.37
CA GLU A 19 -6.37 -8.99 -4.96
C GLU A 19 -5.17 -8.09 -4.63
N PHE A 20 -4.68 -8.20 -3.39
CA PHE A 20 -3.53 -7.42 -2.97
C PHE A 20 -2.29 -7.79 -3.75
N LYS A 21 -2.08 -9.09 -3.92
CA LYS A 21 -0.92 -9.58 -4.66
C LYS A 21 -0.92 -9.03 -6.07
N ALA A 22 -2.10 -8.93 -6.68
CA ALA A 22 -2.22 -8.40 -8.03
C ALA A 22 -1.73 -6.97 -8.07
N ALA A 23 -2.15 -6.18 -7.08
CA ALA A 23 -1.72 -4.77 -7.01
C ALA A 23 -0.22 -4.68 -6.81
N PHE A 24 0.31 -5.58 -5.98
CA PHE A 24 1.74 -5.58 -5.69
C PHE A 24 2.52 -5.84 -6.98
N ASP A 25 2.06 -6.80 -7.78
CA ASP A 25 2.72 -7.13 -9.04
C ASP A 25 2.76 -5.90 -9.95
N ILE A 26 1.68 -5.14 -9.97
CA ILE A 26 1.61 -3.94 -10.78
C ILE A 26 2.51 -2.85 -10.22
N PHE A 27 2.47 -2.69 -8.89
CA PHE A 27 3.30 -1.68 -8.24
C PHE A 27 4.75 -1.78 -8.68
N VAL A 28 5.25 -3.01 -8.74
CA VAL A 28 6.63 -3.24 -9.16
C VAL A 28 6.78 -3.10 -10.67
N LEU A 29 5.91 -2.29 -11.27
CA LEU A 29 5.96 -2.07 -12.71
C LEU A 29 7.38 -1.71 -13.14
N GLY A 30 8.08 -2.69 -13.70
CA GLY A 30 9.45 -2.46 -14.16
C GLY A 30 10.46 -2.98 -13.15
N ALA A 31 10.01 -3.21 -11.92
CA ALA A 31 10.89 -3.72 -10.88
C ALA A 31 10.99 -5.23 -10.96
N GLU A 32 12.02 -5.71 -11.64
CA GLU A 32 12.23 -7.15 -11.80
C GLU A 32 12.54 -7.80 -10.45
N ASP A 33 13.08 -7.00 -9.54
CA ASP A 33 13.44 -7.51 -8.21
C ASP A 33 12.17 -7.82 -7.42
N GLY A 34 11.05 -7.22 -7.82
CA GLY A 34 9.79 -7.45 -7.13
C GLY A 34 9.71 -6.64 -5.86
N CYS A 35 10.63 -5.67 -5.71
CA CYS A 35 10.66 -4.84 -4.52
C CYS A 35 10.29 -3.40 -4.88
N ILE A 36 9.60 -2.71 -3.96
CA ILE A 36 9.19 -1.33 -4.20
C ILE A 36 10.10 -0.37 -3.44
N SER A 37 10.80 0.47 -4.18
CA SER A 37 11.71 1.44 -3.57
C SER A 37 11.31 2.87 -3.97
N THR A 38 12.18 3.82 -3.66
CA THR A 38 11.91 5.21 -4.00
C THR A 38 11.81 5.39 -5.51
N LYS A 39 12.58 4.58 -6.23
CA LYS A 39 12.58 4.67 -7.69
C LYS A 39 11.21 4.27 -8.25
N GLU A 40 10.64 3.18 -7.72
CA GLU A 40 9.33 2.73 -8.17
C GLU A 40 8.24 3.65 -7.67
N LEU A 41 8.36 4.10 -6.43
CA LEU A 41 7.39 4.99 -5.84
C LEU A 41 7.37 6.32 -6.57
N GLY A 42 8.53 6.71 -7.11
CA GLY A 42 8.63 7.97 -7.83
C GLY A 42 7.68 7.98 -9.03
N LYS A 43 7.62 6.87 -9.75
CA LYS A 43 6.74 6.78 -10.90
C LYS A 43 5.28 6.79 -10.47
N VAL A 44 5.00 6.09 -9.38
CA VAL A 44 3.64 6.04 -8.85
C VAL A 44 3.19 7.42 -8.41
N MET A 45 4.09 8.14 -7.74
CA MET A 45 3.77 9.48 -7.27
C MET A 45 3.45 10.40 -8.44
N ARG A 46 4.19 10.24 -9.53
CA ARG A 46 3.97 11.06 -10.70
C ARG A 46 2.56 10.85 -11.23
N MET A 47 2.11 9.60 -11.22
CA MET A 47 0.77 9.28 -11.69
C MET A 47 -0.27 10.01 -10.85
N LEU A 48 -0.02 10.07 -9.55
CA LEU A 48 -0.94 10.74 -8.63
C LEU A 48 -0.90 12.25 -8.83
N GLY A 49 0.13 12.72 -9.54
CA GLY A 49 0.28 14.14 -9.80
C GLY A 49 1.18 14.79 -8.75
N GLN A 50 1.89 13.97 -8.00
CA GLN A 50 2.80 14.47 -6.97
C GLN A 50 4.25 14.21 -7.35
N ASN A 51 5.09 15.21 -7.13
CA ASN A 51 6.51 15.11 -7.45
C ASN A 51 7.37 15.53 -6.26
N PRO A 52 7.46 14.69 -5.26
CA PRO A 52 8.26 14.97 -4.04
C PRO A 52 9.74 14.82 -4.28
N THR A 53 10.52 14.83 -3.20
CA THR A 53 11.95 14.70 -3.29
C THR A 53 12.42 13.36 -2.70
N PRO A 54 13.60 12.91 -3.08
CA PRO A 54 14.16 11.63 -2.55
C PRO A 54 14.11 11.56 -1.01
N GLU A 55 14.42 12.67 -0.34
CA GLU A 55 14.40 12.71 1.09
C GLU A 55 13.00 12.40 1.62
N GLU A 56 12.00 13.01 1.00
CA GLU A 56 10.63 12.81 1.43
C GLU A 56 10.21 11.36 1.21
N LEU A 57 10.64 10.81 0.10
CA LEU A 57 10.31 9.42 -0.23
C LEU A 57 11.00 8.46 0.73
N GLN A 58 12.22 8.80 1.11
CA GLN A 58 12.99 7.95 2.01
C GLN A 58 12.31 7.81 3.36
N GLU A 59 11.82 8.92 3.89
CA GLU A 59 11.15 8.91 5.19
C GLU A 59 9.77 8.27 5.08
N MET A 60 9.17 8.37 3.89
CA MET A 60 7.86 7.78 3.68
C MET A 60 7.90 6.27 3.83
N ILE A 61 8.89 5.64 3.20
CA ILE A 61 9.04 4.19 3.28
C ILE A 61 9.43 3.76 4.69
N ASP A 62 10.33 4.52 5.29
CA ASP A 62 10.79 4.21 6.65
C ASP A 62 9.64 4.27 7.63
N GLU A 63 8.70 5.18 7.40
CA GLU A 63 7.56 5.35 8.28
C GLU A 63 6.89 4.01 8.55
N VAL A 64 7.04 3.07 7.62
CA VAL A 64 6.43 1.75 7.77
C VAL A 64 7.48 0.66 7.79
N ASP A 65 8.59 0.89 7.09
CA ASP A 65 9.66 -0.10 7.02
C ASP A 65 10.37 -0.20 8.37
N GLU A 66 10.23 -1.35 9.01
CA GLU A 66 10.86 -1.57 10.31
C GLU A 66 12.33 -1.95 10.13
N ASP A 67 12.64 -2.61 9.02
CA ASP A 67 14.00 -3.03 8.75
C ASP A 67 14.83 -1.87 8.20
N GLY A 68 14.16 -0.82 7.77
CA GLY A 68 14.84 0.35 7.23
C GLY A 68 15.55 0.00 5.93
N SER A 69 15.15 -1.10 5.31
CA SER A 69 15.76 -1.53 4.05
C SER A 69 15.55 -0.47 2.96
N GLY A 70 14.58 0.40 3.17
CA GLY A 70 14.29 1.45 2.20
C GLY A 70 13.36 0.93 1.10
N THR A 71 12.91 -0.31 1.26
CA THR A 71 12.03 -0.93 0.27
C THR A 71 10.87 -1.64 0.97
N VAL A 72 9.79 -1.88 0.22
CA VAL A 72 8.63 -2.57 0.78
C VAL A 72 8.44 -3.91 0.09
N ASP A 73 8.35 -4.96 0.90
CA ASP A 73 8.15 -6.31 0.37
C ASP A 73 6.69 -6.72 0.47
N PHE A 74 6.41 -7.98 0.16
CA PHE A 74 5.04 -8.48 0.21
C PHE A 74 4.49 -8.44 1.64
N ASP A 75 5.29 -8.91 2.58
CA ASP A 75 4.87 -8.92 3.98
C ASP A 75 4.78 -7.51 4.54
N GLU A 76 5.78 -6.69 4.20
CA GLU A 76 5.80 -5.32 4.68
C GLU A 76 4.61 -4.53 4.14
N PHE A 77 4.27 -4.79 2.88
CA PHE A 77 3.15 -4.11 2.24
C PHE A 77 1.85 -4.45 2.97
N LEU A 78 1.68 -5.72 3.31
CA LEU A 78 0.47 -6.18 3.99
C LEU A 78 0.34 -5.46 5.33
N VAL A 79 1.47 -5.29 6.02
CA VAL A 79 1.46 -4.63 7.31
C VAL A 79 0.95 -3.20 7.21
N MET A 80 1.43 -2.49 6.19
CA MET A 80 1.01 -1.11 5.98
C MET A 80 -0.47 -1.05 5.64
N MET A 81 -0.91 -1.99 4.82
CA MET A 81 -2.31 -2.03 4.41
C MET A 81 -3.23 -2.30 5.58
N VAL A 82 -2.84 -3.24 6.43
CA VAL A 82 -3.64 -3.59 7.60
C VAL A 82 -3.81 -2.38 8.50
N ARG A 83 -2.74 -1.63 8.73
CA ARG A 83 -2.79 -0.46 9.57
C ARG A 83 -3.71 0.60 8.97
N CYS A 84 -3.54 0.84 7.66
CA CYS A 84 -4.37 1.83 6.97
C CYS A 84 -5.83 1.40 6.93
N MET A 85 -6.04 0.10 6.74
CA MET A 85 -7.40 -0.44 6.66
C MET A 85 -8.17 -0.13 7.95
N LYS A 86 -7.48 -0.25 9.08
CA LYS A 86 -8.11 0.03 10.37
C LYS A 86 -7.64 1.37 10.94
N ASP A 87 -6.35 1.48 11.20
CA ASP A 87 -5.79 2.70 11.75
C ASP A 87 -5.70 3.79 10.67
N ASP A 88 -5.71 5.05 11.09
CA ASP A 88 -5.63 6.15 10.14
C ASP A 88 -4.23 6.77 10.19
N SER A 89 -3.25 6.04 9.67
CA SER A 89 -1.88 6.51 9.64
C SER A 89 -1.46 6.88 8.22
N ARG B 1 -11.30 11.76 -3.02
CA ARG B 1 -9.83 11.98 -2.95
C ARG B 1 -9.54 13.16 -2.05
N ARG B 2 -10.13 14.31 -2.38
CA ARG B 2 -9.92 15.52 -1.58
C ARG B 2 -8.45 15.68 -1.23
N VAL B 3 -8.13 15.52 0.05
CA VAL B 3 -6.75 15.65 0.52
C VAL B 3 -6.37 14.44 1.35
N ARG B 4 -5.06 14.18 1.43
CA ARG B 4 -4.57 13.05 2.19
C ARG B 4 -4.85 11.74 1.46
N ILE B 5 -3.82 11.13 0.90
CA ILE B 5 -3.96 9.87 0.18
C ILE B 5 -4.42 8.77 1.14
N SER B 6 -5.25 7.86 0.61
CA SER B 6 -5.77 6.76 1.43
C SER B 6 -5.67 5.44 0.67
N ALA B 7 -5.85 4.35 1.39
CA ALA B 7 -5.78 3.02 0.78
C ALA B 7 -6.81 2.89 -0.33
N ASP B 8 -8.00 3.45 -0.11
CA ASP B 8 -9.06 3.39 -1.11
C ASP B 8 -8.66 4.15 -2.36
N ALA B 9 -8.04 5.32 -2.17
CA ALA B 9 -7.62 6.14 -3.30
C ALA B 9 -6.57 5.39 -4.14
N MET B 10 -5.66 4.70 -3.45
CA MET B 10 -4.62 3.95 -4.14
C MET B 10 -5.22 2.89 -5.05
N MET B 11 -6.20 2.16 -4.54
CA MET B 11 -6.86 1.13 -5.32
C MET B 11 -7.64 1.75 -6.47
N GLN B 12 -8.31 2.86 -6.19
CA GLN B 12 -9.09 3.54 -7.23
C GLN B 12 -8.19 4.04 -8.35
N ALA B 13 -7.05 4.62 -7.98
CA ALA B 13 -6.12 5.15 -8.97
C ALA B 13 -5.63 4.04 -9.89
N LEU B 14 -5.30 2.89 -9.31
CA LEU B 14 -4.82 1.77 -10.11
C LEU B 14 -5.98 0.89 -10.57
N LEU B 15 -6.70 0.34 -9.61
CA LEU B 15 -7.85 -0.50 -9.93
C LEU B 15 -9.16 0.27 -9.75
N GLY B 16 -10.23 -0.45 -9.47
CA GLY B 16 -11.52 0.18 -9.28
C GLY B 16 -12.11 0.66 -10.61
N ALA B 17 -12.31 -0.28 -11.52
CA ALA B 17 -12.86 0.07 -12.84
C ALA B 17 -14.24 0.71 -12.68
N ARG B 18 -15.04 0.16 -11.77
CA ARG B 18 -16.38 0.69 -11.54
C ARG B 18 -16.83 0.39 -10.11
N HIS B 19 -16.44 1.26 -9.18
CA HIS B 19 -16.82 1.08 -7.79
C HIS B 19 -18.34 0.97 -7.65
N LYS B 20 -18.79 -0.13 -7.05
CA LYS B 20 -20.21 -0.36 -6.85
C LYS B 20 -20.52 -0.69 -5.40
N GLU B 21 -19.46 -0.92 -4.62
CA GLU B 21 -19.63 -1.25 -3.21
C GLU B 21 -18.90 -0.24 -2.34
N SER B 22 -19.40 -0.03 -1.12
CA SER B 22 -18.80 0.93 -0.21
C SER B 22 -17.92 0.22 0.81
N LEU B 23 -16.90 -0.48 0.32
CA LEU B 23 -15.99 -1.20 1.20
C LEU B 23 -16.76 -2.15 2.11
N ASP B 24 -16.05 -2.77 3.05
CA ASP B 24 -16.67 -3.71 3.98
C ASP B 24 -17.11 -2.99 5.25
N LEU B 25 -18.41 -2.80 5.40
CA LEU B 25 -18.95 -2.12 6.59
C LEU B 25 -18.25 -0.77 6.78
N ARG B 26 -17.62 -0.28 5.73
CA ARG B 26 -16.93 1.00 5.80
C ARG B 26 -15.78 0.94 6.81
N ALA B 27 -15.22 -0.26 6.97
CA ALA B 27 -14.12 -0.44 7.90
C ALA B 27 -12.78 -0.14 7.23
N MET A 1 -6.29 -4.45 16.97
CA MET A 1 -5.94 -4.00 18.34
C MET A 1 -4.77 -4.82 18.86
N ASP A 2 -4.98 -6.14 18.98
CA ASP A 2 -3.94 -7.03 19.47
C ASP A 2 -3.66 -8.13 18.44
N ASP A 3 -4.08 -9.35 18.76
CA ASP A 3 -3.86 -10.48 17.86
C ASP A 3 -4.66 -10.29 16.58
N ILE A 4 -5.60 -9.34 16.59
CA ILE A 4 -6.42 -9.06 15.43
C ILE A 4 -5.55 -8.58 14.27
N TYR A 5 -4.52 -7.82 14.58
CA TYR A 5 -3.62 -7.28 13.56
C TYR A 5 -3.05 -8.43 12.72
N LYS A 6 -2.53 -9.44 13.38
CA LYS A 6 -1.97 -10.59 12.68
C LYS A 6 -3.08 -11.43 12.03
N ALA A 7 -4.14 -11.67 12.79
CA ALA A 7 -5.26 -12.45 12.28
C ALA A 7 -5.90 -11.76 11.09
N ALA A 8 -5.78 -10.44 11.04
CA ALA A 8 -6.36 -9.68 9.94
C ALA A 8 -5.77 -10.13 8.61
N VAL A 9 -4.47 -10.41 8.62
CA VAL A 9 -3.80 -10.86 7.39
C VAL A 9 -4.31 -12.23 6.96
N GLU A 10 -4.43 -13.14 7.92
CA GLU A 10 -4.91 -14.48 7.63
C GLU A 10 -6.41 -14.49 7.37
N GLN A 11 -7.12 -13.59 8.05
CA GLN A 11 -8.57 -13.51 7.92
C GLN A 11 -8.94 -13.14 6.48
N LEU A 12 -8.15 -12.27 5.86
CA LEU A 12 -8.41 -11.86 4.49
C LEU A 12 -8.88 -13.05 3.65
N THR A 13 -9.81 -12.79 2.75
CA THR A 13 -10.33 -13.85 1.88
C THR A 13 -9.33 -14.21 0.80
N GLU A 14 -9.56 -15.35 0.16
CA GLU A 14 -8.67 -15.80 -0.90
C GLU A 14 -8.66 -14.80 -2.05
N GLU A 15 -9.81 -14.25 -2.35
CA GLU A 15 -9.92 -13.27 -3.42
C GLU A 15 -9.12 -12.02 -3.08
N GLN A 16 -9.22 -11.58 -1.83
CA GLN A 16 -8.50 -10.38 -1.39
C GLN A 16 -7.00 -10.60 -1.52
N LYS A 17 -6.55 -11.80 -1.21
CA LYS A 17 -5.14 -12.13 -1.30
C LYS A 17 -4.70 -12.16 -2.77
N ASN A 18 -5.59 -12.65 -3.62
CA ASN A 18 -5.26 -12.75 -5.04
C ASN A 18 -4.98 -11.37 -5.63
N GLU A 19 -5.87 -10.42 -5.38
CA GLU A 19 -5.71 -9.06 -5.89
C GLU A 19 -4.48 -8.41 -5.29
N PHE A 20 -4.23 -8.68 -4.02
CA PHE A 20 -3.06 -8.12 -3.34
C PHE A 20 -1.78 -8.51 -4.05
N LYS A 21 -1.64 -9.80 -4.34
CA LYS A 21 -0.44 -10.28 -5.02
C LYS A 21 -0.30 -9.60 -6.39
N ALA A 22 -1.41 -9.51 -7.12
CA ALA A 22 -1.38 -8.88 -8.44
C ALA A 22 -0.96 -7.42 -8.32
N ALA A 23 -1.46 -6.74 -7.30
CA ALA A 23 -1.14 -5.34 -7.08
C ALA A 23 0.36 -5.16 -6.86
N PHE A 24 0.96 -6.06 -6.09
CA PHE A 24 2.38 -5.98 -5.81
C PHE A 24 3.18 -6.10 -7.11
N ASP A 25 2.79 -7.02 -7.97
CA ASP A 25 3.47 -7.23 -9.23
C ASP A 25 3.44 -5.95 -10.08
N ILE A 26 2.28 -5.29 -10.09
CA ILE A 26 2.11 -4.06 -10.85
C ILE A 26 2.98 -2.95 -10.27
N PHE A 27 3.03 -2.87 -8.95
CA PHE A 27 3.82 -1.85 -8.29
C PHE A 27 5.29 -1.94 -8.69
N VAL A 28 5.79 -3.18 -8.77
CA VAL A 28 7.18 -3.40 -9.15
C VAL A 28 7.34 -3.46 -10.66
N LEU A 29 6.51 -2.70 -11.37
CA LEU A 29 6.57 -2.68 -12.82
C LEU A 29 7.98 -2.38 -13.31
N GLY A 30 8.66 -1.47 -12.61
CA GLY A 30 10.01 -1.07 -12.98
C GLY A 30 11.04 -1.50 -11.94
N ALA A 31 10.73 -2.57 -11.22
CA ALA A 31 11.65 -3.07 -10.20
C ALA A 31 12.06 -4.50 -10.51
N GLU A 32 13.28 -4.65 -11.03
CA GLU A 32 13.80 -5.97 -11.36
C GLU A 32 14.00 -6.81 -10.11
N ASP A 33 14.44 -6.15 -9.04
CA ASP A 33 14.69 -6.83 -7.78
C ASP A 33 13.38 -7.34 -7.18
N GLY A 34 12.27 -6.78 -7.63
CA GLY A 34 10.96 -7.19 -7.14
C GLY A 34 10.63 -6.48 -5.83
N CYS A 35 11.43 -5.47 -5.50
CA CYS A 35 11.20 -4.72 -4.27
C CYS A 35 10.72 -3.31 -4.59
N ILE A 36 9.93 -2.73 -3.68
CA ILE A 36 9.40 -1.38 -3.89
C ILE A 36 10.26 -0.37 -3.18
N SER A 37 10.82 0.57 -3.95
CA SER A 37 11.68 1.61 -3.40
C SER A 37 11.14 2.99 -3.74
N THR A 38 11.95 4.02 -3.52
CA THR A 38 11.54 5.38 -3.82
C THR A 38 11.25 5.54 -5.30
N LYS A 39 12.09 4.90 -6.13
CA LYS A 39 11.89 4.99 -7.57
C LYS A 39 10.58 4.34 -7.98
N GLU A 40 10.29 3.17 -7.40
CA GLU A 40 9.06 2.46 -7.73
C GLU A 40 7.85 3.23 -7.23
N LEU A 41 7.96 3.79 -6.03
CA LEU A 41 6.88 4.58 -5.47
C LEU A 41 6.68 5.87 -6.24
N GLY A 42 7.78 6.46 -6.70
CA GLY A 42 7.70 7.69 -7.45
C GLY A 42 6.87 7.51 -8.72
N LYS A 43 7.06 6.37 -9.40
CA LYS A 43 6.32 6.10 -10.60
C LYS A 43 4.84 5.92 -10.29
N VAL A 44 4.56 5.23 -9.19
CA VAL A 44 3.18 5.00 -8.78
C VAL A 44 2.50 6.32 -8.44
N MET A 45 3.23 7.18 -7.74
CA MET A 45 2.69 8.47 -7.34
C MET A 45 2.31 9.29 -8.58
N ARG A 46 3.08 9.13 -9.66
CA ARG A 46 2.83 9.86 -10.89
C ARG A 46 1.39 9.64 -11.33
N MET A 47 0.89 8.43 -11.14
CA MET A 47 -0.49 8.10 -11.51
C MET A 47 -1.48 8.93 -10.70
N LEU A 48 -1.16 9.10 -9.42
CA LEU A 48 -2.02 9.88 -8.52
C LEU A 48 -2.02 11.35 -8.93
N GLY A 49 -0.92 11.78 -9.53
CA GLY A 49 -0.79 13.17 -9.96
C GLY A 49 0.11 13.96 -9.02
N GLN A 50 1.02 13.26 -8.36
CA GLN A 50 1.95 13.89 -7.43
C GLN A 50 3.39 13.67 -7.87
N ASN A 51 4.21 14.70 -7.70
CA ASN A 51 5.62 14.61 -8.08
C ASN A 51 6.51 15.13 -6.95
N PRO A 52 6.57 14.41 -5.86
CA PRO A 52 7.39 14.80 -4.68
C PRO A 52 8.88 14.58 -4.89
N THR A 53 9.64 14.65 -3.82
CA THR A 53 11.07 14.47 -3.89
C THR A 53 11.48 13.11 -3.33
N PRO A 54 12.57 12.56 -3.79
CA PRO A 54 13.08 11.24 -3.30
C PRO A 54 13.38 11.25 -1.81
N GLU A 55 13.80 12.41 -1.30
CA GLU A 55 14.13 12.54 0.11
C GLU A 55 12.87 12.31 0.96
N GLU A 56 11.75 12.86 0.50
CA GLU A 56 10.49 12.70 1.22
C GLU A 56 10.04 11.25 1.20
N LEU A 57 10.21 10.61 0.05
CA LEU A 57 9.84 9.20 -0.09
C LEU A 57 10.73 8.33 0.78
N GLN A 58 11.99 8.70 0.88
CA GLN A 58 12.93 7.94 1.69
C GLN A 58 12.48 7.92 3.15
N GLU A 59 12.09 9.09 3.65
CA GLU A 59 11.63 9.19 5.03
C GLU A 59 10.31 8.43 5.22
N MET A 60 9.44 8.50 4.21
CA MET A 60 8.16 7.83 4.27
C MET A 60 8.36 6.33 4.45
N ILE A 61 9.27 5.77 3.68
CA ILE A 61 9.55 4.34 3.76
C ILE A 61 10.12 3.98 5.13
N ASP A 62 11.01 4.82 5.65
CA ASP A 62 11.62 4.57 6.95
C ASP A 62 10.56 4.48 8.04
N GLU A 63 9.57 5.38 7.98
CA GLU A 63 8.51 5.38 8.97
C GLU A 63 7.66 4.11 8.83
N VAL A 64 7.36 3.74 7.60
CA VAL A 64 6.55 2.55 7.35
C VAL A 64 7.39 1.28 7.51
N ASP A 65 8.67 1.37 7.20
CA ASP A 65 9.57 0.23 7.31
C ASP A 65 10.09 0.10 8.73
N GLU A 66 9.66 -0.94 9.42
CA GLU A 66 10.08 -1.18 10.79
C GLU A 66 11.58 -1.47 10.85
N ASP A 67 12.07 -2.21 9.86
CA ASP A 67 13.49 -2.56 9.82
C ASP A 67 14.30 -1.47 9.13
N GLY A 68 13.61 -0.53 8.50
CA GLY A 68 14.28 0.57 7.81
C GLY A 68 15.03 0.05 6.59
N SER A 69 14.63 -1.12 6.11
CA SER A 69 15.28 -1.72 4.94
C SER A 69 15.37 -0.70 3.82
N GLY A 70 14.44 0.25 3.79
CA GLY A 70 14.43 1.28 2.75
C GLY A 70 13.48 0.91 1.63
N THR A 71 12.94 -0.29 1.68
CA THR A 71 12.01 -0.76 0.66
C THR A 71 10.87 -1.57 1.28
N VAL A 72 9.79 -1.74 0.53
CA VAL A 72 8.65 -2.51 1.00
C VAL A 72 8.52 -3.82 0.23
N ASP A 73 8.52 -4.93 0.97
CA ASP A 73 8.41 -6.24 0.35
C ASP A 73 6.97 -6.72 0.39
N PHE A 74 6.76 -7.99 0.03
CA PHE A 74 5.40 -8.55 0.02
C PHE A 74 4.78 -8.49 1.42
N ASP A 75 5.52 -8.98 2.41
CA ASP A 75 5.03 -8.98 3.79
C ASP A 75 4.80 -7.56 4.28
N GLU A 76 5.76 -6.69 4.01
CA GLU A 76 5.65 -5.29 4.42
C GLU A 76 4.51 -4.61 3.69
N PHE A 77 4.31 -4.99 2.43
CA PHE A 77 3.24 -4.41 1.63
C PHE A 77 1.89 -4.66 2.30
N LEU A 78 1.67 -5.88 2.75
CA LEU A 78 0.41 -6.21 3.41
C LEU A 78 0.28 -5.40 4.71
N VAL A 79 1.38 -5.22 5.40
CA VAL A 79 1.37 -4.47 6.66
C VAL A 79 1.01 -3.01 6.40
N MET A 80 1.57 -2.44 5.34
CA MET A 80 1.31 -1.05 5.01
C MET A 80 -0.17 -0.85 4.71
N MET A 81 -0.79 -1.89 4.18
CA MET A 81 -2.21 -1.81 3.82
C MET A 81 -3.07 -1.71 5.08
N VAL A 82 -2.87 -2.66 5.99
CA VAL A 82 -3.60 -2.67 7.25
C VAL A 82 -3.22 -1.46 8.11
N ARG A 83 -1.92 -1.17 8.17
CA ARG A 83 -1.45 -0.04 8.96
C ARG A 83 -2.02 1.27 8.44
N CYS A 84 -2.09 1.39 7.11
CA CYS A 84 -2.63 2.60 6.50
C CYS A 84 -4.05 2.86 6.99
N MET A 85 -4.87 1.81 6.98
CA MET A 85 -6.26 1.94 7.43
C MET A 85 -6.30 2.32 8.91
N LYS A 86 -5.44 1.70 9.72
CA LYS A 86 -5.39 1.98 11.14
C LYS A 86 -4.86 3.39 11.38
N ASP A 87 -3.85 3.79 10.61
CA ASP A 87 -3.25 5.10 10.76
C ASP A 87 -4.29 6.19 10.56
N ASP A 88 -5.19 5.98 9.59
CA ASP A 88 -6.23 6.95 9.31
C ASP A 88 -7.61 6.32 9.48
N SER A 89 -7.99 6.11 10.73
CA SER A 89 -9.29 5.53 11.04
C SER A 89 -10.31 6.62 11.30
N ARG B 1 -9.40 19.11 -1.17
CA ARG B 1 -8.68 18.20 -0.23
C ARG B 1 -7.79 17.26 -1.03
N ARG B 2 -7.00 17.82 -1.94
CA ARG B 2 -6.09 17.03 -2.76
C ARG B 2 -5.03 16.34 -1.91
N VAL B 3 -4.85 16.85 -0.69
CA VAL B 3 -3.87 16.28 0.22
C VAL B 3 -4.33 14.93 0.74
N ARG B 4 -5.63 14.66 0.61
CA ARG B 4 -6.18 13.38 1.08
C ARG B 4 -5.85 12.27 0.09
N ILE B 5 -5.19 11.23 0.59
CA ILE B 5 -4.82 10.08 -0.24
C ILE B 5 -5.31 8.78 0.37
N SER B 6 -4.80 8.47 1.56
CA SER B 6 -5.18 7.24 2.24
C SER B 6 -5.04 6.04 1.30
N ALA B 7 -5.77 4.97 1.61
CA ALA B 7 -5.72 3.77 0.78
C ALA B 7 -6.83 3.81 -0.26
N ASP B 8 -7.81 4.68 -0.05
CA ASP B 8 -8.93 4.79 -0.98
C ASP B 8 -8.45 5.19 -2.37
N ALA B 9 -7.60 6.22 -2.42
CA ALA B 9 -7.07 6.67 -3.71
C ALA B 9 -6.26 5.56 -4.38
N MET B 10 -5.47 4.85 -3.59
CA MET B 10 -4.64 3.78 -4.13
C MET B 10 -5.52 2.62 -4.61
N MET B 11 -6.57 2.33 -3.85
CA MET B 11 -7.48 1.25 -4.22
C MET B 11 -8.19 1.57 -5.53
N GLN B 12 -8.60 2.82 -5.69
CA GLN B 12 -9.29 3.24 -6.91
C GLN B 12 -8.37 3.11 -8.11
N ALA B 13 -7.09 3.44 -7.92
CA ALA B 13 -6.12 3.35 -9.00
C ALA B 13 -5.98 1.90 -9.47
N LEU B 14 -6.02 0.98 -8.52
CA LEU B 14 -5.89 -0.44 -8.85
C LEU B 14 -7.26 -1.05 -9.14
N LEU B 15 -7.44 -1.51 -10.38
CA LEU B 15 -8.70 -2.12 -10.77
C LEU B 15 -8.96 -3.40 -9.97
N GLY B 16 -7.95 -3.85 -9.25
CA GLY B 16 -8.07 -5.05 -8.43
C GLY B 16 -9.17 -4.88 -7.38
N ALA B 17 -9.23 -3.69 -6.80
CA ALA B 17 -10.23 -3.41 -5.77
C ALA B 17 -11.47 -2.79 -6.39
N ARG B 18 -12.59 -2.84 -5.67
CA ARG B 18 -13.83 -2.28 -6.16
C ARG B 18 -14.45 -1.34 -5.11
N HIS B 19 -15.26 -0.39 -5.58
CA HIS B 19 -15.90 0.56 -4.68
C HIS B 19 -17.36 0.74 -5.06
N LYS B 20 -18.26 0.43 -4.11
CA LYS B 20 -19.69 0.57 -4.34
C LYS B 20 -20.24 1.77 -3.56
N GLU B 21 -19.61 2.06 -2.42
CA GLU B 21 -20.05 3.17 -1.59
C GLU B 21 -18.88 3.73 -0.80
N SER B 22 -18.14 2.85 -0.13
CA SER B 22 -16.99 3.27 0.67
C SER B 22 -16.42 2.09 1.45
N LEU B 23 -15.25 2.30 2.05
CA LEU B 23 -14.61 1.24 2.83
C LEU B 23 -15.11 1.25 4.27
N ASP B 24 -16.40 0.98 4.43
CA ASP B 24 -16.99 0.96 5.77
C ASP B 24 -17.85 -0.29 5.95
N LEU B 25 -18.45 -0.41 7.12
CA LEU B 25 -19.30 -1.56 7.43
C LEU B 25 -18.57 -2.85 7.12
N ARG B 26 -17.73 -3.28 8.06
CA ARG B 26 -16.97 -4.52 7.89
C ARG B 26 -16.16 -4.46 6.60
N ALA B 27 -15.47 -3.35 6.39
CA ALA B 27 -14.65 -3.18 5.19
C ALA B 27 -13.90 -4.47 4.87
N MET A 1 -4.09 -2.92 20.26
CA MET A 1 -4.60 -2.78 18.87
C MET A 1 -3.82 -3.73 17.97
N ASP A 2 -2.86 -4.42 18.54
CA ASP A 2 -2.05 -5.36 17.75
C ASP A 2 -2.81 -6.67 17.57
N ASP A 3 -3.65 -7.02 18.53
CA ASP A 3 -4.41 -8.27 18.46
C ASP A 3 -5.32 -8.27 17.25
N ILE A 4 -6.02 -7.17 17.03
CA ILE A 4 -6.92 -7.06 15.88
C ILE A 4 -6.13 -6.88 14.61
N TYR A 5 -4.98 -6.21 14.70
CA TYR A 5 -4.15 -5.97 13.53
C TYR A 5 -3.70 -7.29 12.92
N LYS A 6 -3.16 -8.18 13.75
CA LYS A 6 -2.69 -9.47 13.26
C LYS A 6 -3.85 -10.29 12.73
N ALA A 7 -4.97 -10.25 13.46
CA ALA A 7 -6.17 -10.97 13.07
C ALA A 7 -6.70 -10.42 11.75
N ALA A 8 -6.58 -9.11 11.56
CA ALA A 8 -7.07 -8.49 10.35
C ALA A 8 -6.36 -9.06 9.13
N VAL A 9 -5.05 -9.22 9.26
CA VAL A 9 -4.26 -9.77 8.17
C VAL A 9 -4.68 -11.21 7.88
N GLU A 10 -4.78 -12.01 8.94
CA GLU A 10 -5.17 -13.41 8.80
C GLU A 10 -6.61 -13.53 8.33
N GLN A 11 -7.42 -12.53 8.68
CA GLN A 11 -8.82 -12.52 8.30
C GLN A 11 -8.96 -12.49 6.78
N LEU A 12 -7.96 -11.93 6.10
CA LEU A 12 -8.00 -11.85 4.65
C LEU A 12 -8.21 -13.23 4.03
N THR A 13 -9.12 -13.31 3.07
CA THR A 13 -9.42 -14.55 2.40
C THR A 13 -8.39 -14.84 1.31
N GLU A 14 -8.40 -16.06 0.82
CA GLU A 14 -7.46 -16.46 -0.21
C GLU A 14 -7.66 -15.65 -1.47
N GLU A 15 -8.93 -15.39 -1.78
CA GLU A 15 -9.27 -14.62 -2.98
C GLU A 15 -8.84 -13.17 -2.82
N GLN A 16 -9.04 -12.61 -1.65
CA GLN A 16 -8.66 -11.23 -1.39
C GLN A 16 -7.14 -11.08 -1.51
N LYS A 17 -6.41 -12.06 -0.99
CA LYS A 17 -4.96 -12.03 -1.07
C LYS A 17 -4.51 -12.10 -2.52
N ASN A 18 -5.18 -12.92 -3.31
CA ASN A 18 -4.81 -13.05 -4.70
C ASN A 18 -5.00 -11.73 -5.44
N GLU A 19 -6.10 -11.03 -5.12
CA GLU A 19 -6.38 -9.76 -5.77
C GLU A 19 -5.27 -8.75 -5.47
N PHE A 20 -4.79 -8.76 -4.24
CA PHE A 20 -3.72 -7.84 -3.84
C PHE A 20 -2.39 -8.29 -4.42
N LYS A 21 -2.14 -9.59 -4.39
CA LYS A 21 -0.90 -10.12 -4.91
C LYS A 21 -0.68 -9.66 -6.35
N ALA A 22 -1.74 -9.69 -7.15
CA ALA A 22 -1.64 -9.25 -8.53
C ALA A 22 -1.21 -7.79 -8.60
N ALA A 23 -1.77 -6.98 -7.71
CA ALA A 23 -1.43 -5.57 -7.66
C ALA A 23 0.06 -5.38 -7.33
N PHE A 24 0.55 -6.20 -6.42
CA PHE A 24 1.95 -6.12 -6.02
C PHE A 24 2.86 -6.32 -7.23
N ASP A 25 2.57 -7.35 -8.02
CA ASP A 25 3.35 -7.64 -9.22
C ASP A 25 3.28 -6.48 -10.20
N ILE A 26 2.12 -5.83 -10.25
CA ILE A 26 1.91 -4.69 -11.13
C ILE A 26 2.59 -3.44 -10.57
N PHE A 27 2.54 -3.28 -9.25
CA PHE A 27 3.16 -2.12 -8.61
C PHE A 27 4.66 -2.05 -8.90
N VAL A 28 5.31 -3.20 -8.94
CA VAL A 28 6.75 -3.23 -9.20
C VAL A 28 7.05 -2.89 -10.65
N LEU A 29 6.06 -2.36 -11.37
CA LEU A 29 6.26 -2.00 -12.76
C LEU A 29 7.51 -1.14 -12.92
N GLY A 30 7.74 -0.24 -11.98
CA GLY A 30 8.90 0.64 -12.04
C GLY A 30 10.14 -0.03 -11.45
N ALA A 31 9.97 -1.25 -10.97
CA ALA A 31 11.08 -2.00 -10.39
C ALA A 31 11.18 -3.38 -11.02
N GLU A 32 12.13 -3.55 -11.93
CA GLU A 32 12.32 -4.83 -12.60
C GLU A 32 12.77 -5.90 -11.62
N ASP A 33 13.29 -5.46 -10.49
CA ASP A 33 13.77 -6.37 -9.46
C ASP A 33 12.59 -7.12 -8.82
N GLY A 34 11.39 -6.61 -9.04
CA GLY A 34 10.19 -7.25 -8.50
C GLY A 34 9.93 -6.77 -7.07
N CYS A 35 10.61 -5.70 -6.68
CA CYS A 35 10.44 -5.14 -5.34
C CYS A 35 10.11 -3.65 -5.43
N ILE A 36 9.41 -3.15 -4.40
CA ILE A 36 9.04 -1.75 -4.35
C ILE A 36 10.05 -0.94 -3.56
N SER A 37 10.56 0.13 -4.18
CA SER A 37 11.54 0.98 -3.54
C SER A 37 11.29 2.45 -3.88
N THR A 38 12.24 3.31 -3.55
CA THR A 38 12.09 4.72 -3.83
C THR A 38 11.92 4.96 -5.32
N LYS A 39 12.63 4.15 -6.13
CA LYS A 39 12.52 4.29 -7.57
C LYS A 39 11.09 3.99 -8.04
N GLU A 40 10.51 2.93 -7.49
CA GLU A 40 9.15 2.57 -7.86
C GLU A 40 8.14 3.60 -7.36
N LEU A 41 8.37 4.06 -6.13
CA LEU A 41 7.49 5.05 -5.53
C LEU A 41 7.53 6.35 -6.33
N GLY A 42 8.66 6.60 -6.98
CA GLY A 42 8.81 7.79 -7.78
C GLY A 42 7.77 7.83 -8.91
N LYS A 43 7.52 6.67 -9.52
CA LYS A 43 6.56 6.59 -10.60
C LYS A 43 5.15 6.74 -10.05
N VAL A 44 4.90 6.11 -8.93
CA VAL A 44 3.58 6.18 -8.31
C VAL A 44 3.25 7.61 -7.90
N MET A 45 4.22 8.27 -7.26
CA MET A 45 4.03 9.64 -6.83
C MET A 45 3.78 10.55 -8.01
N ARG A 46 4.51 10.34 -9.09
CA ARG A 46 4.37 11.15 -10.29
C ARG A 46 2.96 11.03 -10.84
N MET A 47 2.42 9.81 -10.84
CA MET A 47 1.08 9.57 -11.34
C MET A 47 0.06 10.38 -10.55
N LEU A 48 0.26 10.44 -9.25
CA LEU A 48 -0.64 11.18 -8.37
C LEU A 48 -0.44 12.69 -8.55
N GLY A 49 0.57 13.06 -9.32
CA GLY A 49 0.85 14.47 -9.55
C GLY A 49 1.84 15.01 -8.52
N GLN A 50 2.45 14.09 -7.77
CA GLN A 50 3.42 14.49 -6.76
C GLN A 50 4.84 14.34 -7.29
N ASN A 51 5.69 15.28 -6.89
CA ASN A 51 7.09 15.27 -7.32
C ASN A 51 8.02 15.42 -6.13
N PRO A 52 8.07 14.42 -5.28
CA PRO A 52 8.93 14.43 -4.08
C PRO A 52 10.39 14.20 -4.42
N THR A 53 11.20 13.97 -3.40
CA THR A 53 12.63 13.75 -3.61
C THR A 53 13.11 12.50 -2.88
N PRO A 54 14.22 11.93 -3.31
CA PRO A 54 14.79 10.71 -2.66
C PRO A 54 14.88 10.86 -1.14
N GLU A 55 14.99 12.10 -0.66
CA GLU A 55 15.13 12.34 0.77
C GLU A 55 13.88 11.92 1.53
N GLU A 56 12.73 12.40 1.07
CA GLU A 56 11.47 12.09 1.72
C GLU A 56 10.99 10.69 1.36
N LEU A 57 11.30 10.27 0.13
CA LEU A 57 10.91 8.94 -0.32
C LEU A 57 11.61 7.87 0.48
N GLN A 58 12.89 8.09 0.72
CA GLN A 58 13.67 7.13 1.49
C GLN A 58 13.20 7.09 2.93
N GLU A 59 12.95 8.25 3.51
CA GLU A 59 12.51 8.33 4.89
C GLU A 59 11.16 7.65 5.05
N MET A 60 10.28 7.81 4.05
CA MET A 60 8.96 7.21 4.11
C MET A 60 9.05 5.70 4.21
N ILE A 61 9.88 5.11 3.35
CA ILE A 61 10.06 3.67 3.35
C ILE A 61 10.64 3.21 4.67
N ASP A 62 11.58 4.00 5.21
CA ASP A 62 12.23 3.65 6.47
C ASP A 62 11.18 3.50 7.58
N GLU A 63 10.20 4.39 7.59
CA GLU A 63 9.15 4.32 8.60
C GLU A 63 8.36 3.03 8.44
N VAL A 64 8.10 2.66 7.19
CA VAL A 64 7.36 1.44 6.91
C VAL A 64 8.25 0.21 7.10
N ASP A 65 9.54 0.38 6.81
CA ASP A 65 10.50 -0.72 6.95
C ASP A 65 11.05 -0.78 8.37
N GLU A 66 10.85 -1.91 9.03
CA GLU A 66 11.35 -2.10 10.38
C GLU A 66 12.88 -2.18 10.38
N ASP A 67 13.42 -2.86 9.37
CA ASP A 67 14.87 -3.01 9.25
C ASP A 67 15.49 -1.80 8.60
N GLY A 68 14.66 -0.93 8.06
CA GLY A 68 15.16 0.28 7.42
C GLY A 68 15.94 -0.07 6.16
N SER A 69 15.64 -1.24 5.59
CA SER A 69 16.35 -1.68 4.40
C SER A 69 16.18 -0.67 3.27
N GLY A 70 15.05 0.04 3.24
CA GLY A 70 14.81 1.03 2.21
C GLY A 70 13.86 0.50 1.14
N THR A 71 13.45 -0.76 1.30
CA THR A 71 12.53 -1.38 0.35
C THR A 71 11.37 -2.04 1.08
N VAL A 72 10.24 -2.18 0.38
CA VAL A 72 9.06 -2.79 0.99
C VAL A 72 8.90 -4.22 0.48
N ASP A 73 8.79 -5.16 1.41
CA ASP A 73 8.64 -6.57 1.05
C ASP A 73 7.16 -6.93 0.90
N PHE A 74 6.89 -8.17 0.52
CA PHE A 74 5.52 -8.62 0.33
C PHE A 74 4.72 -8.49 1.63
N ASP A 75 5.28 -9.01 2.72
CA ASP A 75 4.64 -8.94 4.02
C ASP A 75 4.55 -7.50 4.50
N GLU A 76 5.62 -6.75 4.27
CA GLU A 76 5.65 -5.35 4.68
C GLU A 76 4.59 -4.55 3.94
N PHE A 77 4.41 -4.86 2.66
CA PHE A 77 3.43 -4.16 1.86
C PHE A 77 2.02 -4.39 2.42
N LEU A 78 1.75 -5.63 2.81
CA LEU A 78 0.44 -5.95 3.37
C LEU A 78 0.18 -5.16 4.65
N VAL A 79 1.22 -5.01 5.44
CA VAL A 79 1.11 -4.28 6.70
C VAL A 79 0.77 -2.82 6.46
N MET A 80 1.36 -2.23 5.43
CA MET A 80 1.13 -0.82 5.13
C MET A 80 -0.31 -0.63 4.68
N MET A 81 -0.83 -1.61 3.96
CA MET A 81 -2.20 -1.53 3.47
C MET A 81 -3.20 -1.54 4.62
N VAL A 82 -2.96 -2.41 5.59
CA VAL A 82 -3.83 -2.50 6.74
C VAL A 82 -3.78 -1.21 7.55
N ARG A 83 -2.58 -0.66 7.70
CA ARG A 83 -2.41 0.57 8.44
C ARG A 83 -3.29 1.67 7.87
N CYS A 84 -3.26 1.83 6.55
CA CYS A 84 -4.06 2.86 5.91
C CYS A 84 -5.55 2.60 6.16
N MET A 85 -5.93 1.33 6.11
CA MET A 85 -7.33 0.94 6.33
C MET A 85 -7.74 1.08 7.81
N LYS A 86 -6.85 0.68 8.71
CA LYS A 86 -7.13 0.75 10.15
C LYS A 86 -6.62 2.04 10.75
N ASP A 87 -5.89 2.81 9.96
CA ASP A 87 -5.34 4.08 10.43
C ASP A 87 -5.27 5.09 9.29
N ASP A 88 -5.65 6.34 9.58
CA ASP A 88 -5.64 7.39 8.59
C ASP A 88 -4.33 8.16 8.65
N SER A 89 -3.26 7.54 8.20
CA SER A 89 -1.95 8.17 8.21
C SER A 89 -1.23 7.94 6.88
N ARG B 1 -13.94 16.00 0.86
CA ARG B 1 -13.87 14.81 -0.03
C ARG B 1 -12.53 14.10 0.18
N ARG B 2 -11.44 14.85 -0.01
CA ARG B 2 -10.10 14.30 0.15
C ARG B 2 -9.65 14.41 1.61
N VAL B 3 -9.20 13.29 2.16
CA VAL B 3 -8.72 13.27 3.55
C VAL B 3 -7.20 13.31 3.59
N ARG B 4 -6.57 12.33 2.97
CA ARG B 4 -5.10 12.27 2.92
C ARG B 4 -4.64 11.77 1.56
N ILE B 5 -3.78 12.57 0.92
CA ILE B 5 -3.23 12.22 -0.39
C ILE B 5 -4.18 11.32 -1.16
N SER B 6 -5.47 11.60 -1.06
CA SER B 6 -6.46 10.79 -1.73
C SER B 6 -6.18 9.31 -1.49
N ALA B 7 -6.46 8.85 -0.27
CA ALA B 7 -6.21 7.44 0.07
C ALA B 7 -6.98 6.51 -0.86
N ASP B 8 -8.20 6.91 -1.21
CA ASP B 8 -9.02 6.09 -2.10
C ASP B 8 -8.32 5.87 -3.44
N ALA B 9 -7.30 6.68 -3.70
CA ALA B 9 -6.54 6.57 -4.94
C ALA B 9 -5.87 5.21 -5.04
N MET B 10 -5.37 4.71 -3.91
CA MET B 10 -4.69 3.41 -3.90
C MET B 10 -5.61 2.32 -4.42
N MET B 11 -6.84 2.27 -3.90
CA MET B 11 -7.80 1.27 -4.35
C MET B 11 -8.14 1.45 -5.82
N GLN B 12 -8.28 2.72 -6.24
CA GLN B 12 -8.60 3.01 -7.63
C GLN B 12 -7.47 2.56 -8.56
N ALA B 13 -6.23 2.78 -8.13
CA ALA B 13 -5.08 2.40 -8.94
C ALA B 13 -5.06 0.89 -9.18
N LEU B 14 -5.39 0.13 -8.14
CA LEU B 14 -5.41 -1.33 -8.24
C LEU B 14 -6.84 -1.84 -8.22
N LEU B 15 -7.00 -3.16 -8.20
CA LEU B 15 -8.33 -3.77 -8.16
C LEU B 15 -8.50 -4.62 -6.91
N GLY B 16 -9.46 -4.25 -6.07
CA GLY B 16 -9.71 -5.00 -4.84
C GLY B 16 -11.21 -5.11 -4.56
N ALA B 17 -11.70 -4.25 -3.66
CA ALA B 17 -13.11 -4.25 -3.31
C ALA B 17 -13.94 -3.65 -4.42
N ARG B 18 -13.28 -3.28 -5.51
CA ARG B 18 -13.97 -2.68 -6.65
C ARG B 18 -14.77 -1.46 -6.20
N HIS B 19 -14.45 -0.94 -5.02
CA HIS B 19 -15.17 0.22 -4.50
C HIS B 19 -16.67 -0.04 -4.44
N LYS B 20 -17.04 -1.29 -4.17
CA LYS B 20 -18.46 -1.63 -4.09
C LYS B 20 -19.21 -0.62 -3.23
N GLU B 21 -20.03 0.19 -3.88
CA GLU B 21 -20.81 1.20 -3.18
C GLU B 21 -19.90 2.16 -2.44
N SER B 22 -19.40 1.73 -1.29
CA SER B 22 -18.50 2.55 -0.49
C SER B 22 -17.63 1.69 0.41
N LEU B 23 -16.60 1.08 -0.17
CA LEU B 23 -15.69 0.22 0.59
C LEU B 23 -16.48 -0.69 1.52
N ASP B 24 -16.11 -0.70 2.79
CA ASP B 24 -16.78 -1.52 3.78
C ASP B 24 -17.68 -0.68 4.67
N LEU B 25 -18.88 -1.19 4.96
CA LEU B 25 -19.83 -0.48 5.80
C LEU B 25 -19.62 -0.84 7.27
N ARG B 26 -18.64 -1.68 7.53
CA ARG B 26 -18.35 -2.09 8.91
C ARG B 26 -19.60 -2.63 9.57
N ALA B 27 -20.35 -3.45 8.83
CA ALA B 27 -21.58 -4.03 9.36
C ALA B 27 -22.10 -5.13 8.45
N MET A 1 -0.75 -9.19 21.65
CA MET A 1 -1.21 -8.00 20.89
C MET A 1 -1.04 -8.25 19.39
N ASP A 2 0.19 -8.57 19.00
CA ASP A 2 0.49 -8.84 17.60
C ASP A 2 -0.41 -9.94 17.06
N ASP A 3 -1.08 -10.64 17.96
CA ASP A 3 -1.97 -11.73 17.58
C ASP A 3 -3.09 -11.21 16.68
N ILE A 4 -3.60 -10.03 17.01
CA ILE A 4 -4.69 -9.45 16.24
C ILE A 4 -4.24 -9.15 14.81
N TYR A 5 -3.02 -8.64 14.67
CA TYR A 5 -2.49 -8.30 13.36
C TYR A 5 -2.35 -9.57 12.53
N LYS A 6 -1.80 -10.62 13.12
CA LYS A 6 -1.62 -11.89 12.42
C LYS A 6 -2.97 -12.47 12.02
N ALA A 7 -3.93 -12.38 12.92
CA ALA A 7 -5.27 -12.88 12.65
C ALA A 7 -5.88 -12.13 11.48
N ALA A 8 -5.62 -10.83 11.41
CA ALA A 8 -6.17 -10.03 10.31
C ALA A 8 -5.66 -10.52 8.97
N VAL A 9 -4.38 -10.87 8.93
CA VAL A 9 -3.75 -11.37 7.72
C VAL A 9 -4.31 -12.73 7.34
N GLU A 10 -4.67 -13.52 8.34
CA GLU A 10 -5.22 -14.85 8.10
C GLU A 10 -6.74 -14.82 7.96
N GLN A 11 -7.36 -13.83 8.60
CA GLN A 11 -8.81 -13.69 8.52
C GLN A 11 -9.27 -13.29 7.12
N LEU A 12 -8.52 -12.41 6.46
CA LEU A 12 -8.89 -11.96 5.14
C LEU A 12 -9.27 -13.14 4.25
N THR A 13 -9.77 -12.84 3.06
CA THR A 13 -10.18 -13.86 2.11
C THR A 13 -9.19 -13.95 0.96
N GLU A 14 -9.37 -14.97 0.14
CA GLU A 14 -8.49 -15.17 -1.01
C GLU A 14 -8.58 -14.00 -1.96
N GLU A 15 -9.76 -13.44 -2.06
CA GLU A 15 -9.99 -12.29 -2.94
C GLU A 15 -9.13 -11.11 -2.50
N GLN A 16 -9.08 -10.86 -1.20
CA GLN A 16 -8.28 -9.76 -0.66
C GLN A 16 -6.80 -10.04 -0.89
N LYS A 17 -6.41 -11.30 -0.73
CA LYS A 17 -5.02 -11.69 -0.95
C LYS A 17 -4.72 -11.71 -2.42
N ASN A 18 -5.73 -11.95 -3.23
CA ASN A 18 -5.54 -11.99 -4.67
C ASN A 18 -5.20 -10.62 -5.24
N GLU A 19 -6.02 -9.63 -4.90
CA GLU A 19 -5.80 -8.27 -5.39
C GLU A 19 -4.48 -7.71 -4.86
N PHE A 20 -4.22 -8.00 -3.60
CA PHE A 20 -2.98 -7.55 -2.96
C PHE A 20 -1.78 -8.11 -3.70
N LYS A 21 -1.79 -9.41 -3.94
CA LYS A 21 -0.70 -10.06 -4.64
C LYS A 21 -0.54 -9.48 -6.03
N ALA A 22 -1.65 -9.28 -6.73
CA ALA A 22 -1.61 -8.73 -8.07
C ALA A 22 -1.00 -7.33 -8.07
N ALA A 23 -1.38 -6.53 -7.09
CA ALA A 23 -0.86 -5.17 -6.98
C ALA A 23 0.64 -5.19 -6.76
N PHE A 24 1.10 -6.13 -5.93
CA PHE A 24 2.52 -6.25 -5.63
C PHE A 24 3.32 -6.50 -6.90
N ASP A 25 2.82 -7.42 -7.73
CA ASP A 25 3.51 -7.76 -8.98
C ASP A 25 3.60 -6.53 -9.89
N ILE A 26 2.53 -5.75 -9.95
CA ILE A 26 2.51 -4.55 -10.77
C ILE A 26 3.43 -3.49 -10.21
N PHE A 27 3.43 -3.36 -8.89
CA PHE A 27 4.28 -2.36 -8.23
C PHE A 27 5.76 -2.59 -8.55
N VAL A 28 6.14 -3.86 -8.60
CA VAL A 28 7.53 -4.20 -8.88
C VAL A 28 7.75 -4.42 -10.37
N LEU A 29 7.00 -3.70 -11.19
CA LEU A 29 7.13 -3.82 -12.64
C LEU A 29 8.54 -3.46 -13.09
N GLY A 30 9.13 -2.47 -12.42
CA GLY A 30 10.48 -2.03 -12.77
C GLY A 30 11.52 -2.67 -11.86
N ALA A 31 11.05 -3.42 -10.88
CA ALA A 31 11.95 -4.08 -9.93
C ALA A 31 12.03 -5.57 -10.23
N GLU A 32 13.16 -6.00 -10.79
CA GLU A 32 13.34 -7.41 -11.12
C GLU A 32 13.48 -8.25 -9.86
N ASP A 33 14.06 -7.65 -8.85
CA ASP A 33 14.26 -8.33 -7.57
C ASP A 33 12.93 -8.57 -6.86
N GLY A 34 11.91 -7.80 -7.27
CA GLY A 34 10.59 -7.93 -6.67
C GLY A 34 10.42 -6.95 -5.51
N CYS A 35 11.42 -6.11 -5.31
CA CYS A 35 11.36 -5.12 -4.23
C CYS A 35 10.82 -3.80 -4.76
N ILE A 36 10.32 -2.96 -3.85
CA ILE A 36 9.76 -1.66 -4.23
C ILE A 36 10.60 -0.55 -3.62
N SER A 37 11.10 0.34 -4.48
CA SER A 37 11.91 1.46 -4.04
C SER A 37 11.22 2.78 -4.37
N THR A 38 11.92 3.89 -4.17
CA THR A 38 11.35 5.19 -4.43
C THR A 38 11.07 5.34 -5.92
N LYS A 39 11.80 4.59 -6.74
CA LYS A 39 11.61 4.66 -8.19
C LYS A 39 10.28 4.03 -8.60
N GLU A 40 10.01 2.83 -8.07
CA GLU A 40 8.76 2.13 -8.39
C GLU A 40 7.56 2.90 -7.85
N LEU A 41 7.72 3.45 -6.66
CA LEU A 41 6.64 4.20 -6.02
C LEU A 41 6.30 5.44 -6.84
N GLY A 42 7.15 5.76 -7.80
CA GLY A 42 6.92 6.92 -8.65
C GLY A 42 5.61 6.78 -9.41
N LYS A 43 5.30 5.57 -9.84
CA LYS A 43 4.06 5.31 -10.57
C LYS A 43 2.86 5.55 -9.68
N VAL A 44 2.99 5.16 -8.42
CA VAL A 44 1.90 5.34 -7.46
C VAL A 44 1.55 6.81 -7.29
N MET A 45 2.58 7.62 -7.12
CA MET A 45 2.37 9.05 -6.93
C MET A 45 1.71 9.66 -8.17
N ARG A 46 2.15 9.21 -9.34
CA ARG A 46 1.61 9.73 -10.59
C ARG A 46 0.10 9.51 -10.66
N MET A 47 -0.32 8.31 -10.24
CA MET A 47 -1.74 7.97 -10.25
C MET A 47 -2.51 8.88 -9.30
N LEU A 48 -1.89 9.20 -8.18
CA LEU A 48 -2.51 10.06 -7.17
C LEU A 48 -2.43 11.52 -7.58
N GLY A 49 -1.78 11.78 -8.72
CA GLY A 49 -1.64 13.13 -9.22
C GLY A 49 -0.61 13.91 -8.41
N GLN A 50 0.34 13.19 -7.81
CA GLN A 50 1.38 13.82 -7.02
C GLN A 50 2.75 13.60 -7.66
N ASN A 51 3.59 14.62 -7.58
CA ASN A 51 4.93 14.55 -8.16
C ASN A 51 5.98 15.11 -7.20
N PRO A 52 6.21 14.42 -6.12
CA PRO A 52 7.20 14.84 -5.09
C PRO A 52 8.63 14.59 -5.55
N THR A 53 9.56 14.71 -4.61
CA THR A 53 10.96 14.52 -4.94
C THR A 53 11.48 13.17 -4.42
N PRO A 54 12.53 12.63 -5.00
CA PRO A 54 13.10 11.33 -4.54
C PRO A 54 13.41 11.32 -3.04
N GLU A 55 13.85 12.46 -2.52
CA GLU A 55 14.18 12.55 -1.10
C GLU A 55 12.94 12.36 -0.25
N GLU A 56 11.84 12.93 -0.69
CA GLU A 56 10.57 12.82 0.03
C GLU A 56 10.08 11.38 0.06
N LEU A 57 10.24 10.70 -1.06
CA LEU A 57 9.83 9.30 -1.18
C LEU A 57 10.61 8.44 -0.21
N GLN A 58 11.89 8.73 -0.08
CA GLN A 58 12.75 7.96 0.82
C GLN A 58 12.28 8.11 2.27
N GLU A 59 11.93 9.33 2.64
CA GLU A 59 11.48 9.61 4.00
C GLU A 59 10.16 8.89 4.28
N MET A 60 9.28 8.85 3.28
CA MET A 60 7.99 8.19 3.42
C MET A 60 8.17 6.72 3.74
N ILE A 61 9.10 6.08 3.04
CA ILE A 61 9.37 4.67 3.25
C ILE A 61 9.95 4.44 4.64
N ASP A 62 10.83 5.33 5.08
CA ASP A 62 11.45 5.20 6.39
C ASP A 62 10.41 5.20 7.49
N GLU A 63 9.45 6.12 7.41
CA GLU A 63 8.40 6.21 8.41
C GLU A 63 7.54 4.95 8.42
N VAL A 64 7.24 4.43 7.23
CA VAL A 64 6.42 3.22 7.10
C VAL A 64 7.27 1.97 7.32
N ASP A 65 8.53 2.03 6.93
CA ASP A 65 9.44 0.90 7.07
C ASP A 65 9.90 0.75 8.52
N GLU A 66 9.57 -0.39 9.11
CA GLU A 66 9.96 -0.66 10.49
C GLU A 66 11.47 -0.80 10.62
N ASP A 67 12.07 -1.48 9.65
CA ASP A 67 13.52 -1.69 9.66
C ASP A 67 14.26 -0.50 9.09
N GLY A 68 13.51 0.40 8.45
CA GLY A 68 14.10 1.59 7.88
C GLY A 68 15.05 1.24 6.74
N SER A 69 14.84 0.06 6.16
CA SER A 69 15.69 -0.39 5.06
C SER A 69 15.62 0.57 3.89
N GLY A 70 14.55 1.35 3.83
CA GLY A 70 14.37 2.31 2.75
C GLY A 70 13.56 1.71 1.60
N THR A 71 13.32 0.41 1.68
CA THR A 71 12.55 -0.28 0.65
C THR A 71 11.45 -1.12 1.28
N VAL A 72 10.43 -1.47 0.49
CA VAL A 72 9.33 -2.27 0.99
C VAL A 72 9.35 -3.65 0.34
N ASP A 73 9.38 -4.68 1.18
CA ASP A 73 9.40 -6.06 0.70
C ASP A 73 7.98 -6.61 0.58
N PHE A 74 7.87 -7.88 0.17
CA PHE A 74 6.56 -8.52 0.02
C PHE A 74 5.79 -8.53 1.34
N ASP A 75 6.44 -8.99 2.40
CA ASP A 75 5.81 -9.03 3.71
C ASP A 75 5.57 -7.62 4.25
N GLU A 76 6.53 -6.74 4.02
CA GLU A 76 6.41 -5.37 4.49
C GLU A 76 5.25 -4.67 3.79
N PHE A 77 5.09 -4.93 2.50
CA PHE A 77 4.02 -4.31 1.74
C PHE A 77 2.67 -4.73 2.30
N LEU A 78 2.56 -6.02 2.65
CA LEU A 78 1.30 -6.54 3.20
C LEU A 78 0.99 -5.83 4.51
N VAL A 79 2.02 -5.58 5.30
CA VAL A 79 1.85 -4.93 6.59
C VAL A 79 1.34 -3.50 6.40
N MET A 80 1.87 -2.83 5.40
CA MET A 80 1.47 -1.46 5.12
C MET A 80 0.01 -1.39 4.75
N MET A 81 -0.44 -2.36 3.96
CA MET A 81 -1.84 -2.39 3.52
C MET A 81 -2.78 -2.51 4.72
N VAL A 82 -2.49 -3.48 5.59
CA VAL A 82 -3.31 -3.70 6.78
C VAL A 82 -3.15 -2.53 7.76
N ARG A 83 -1.90 -2.06 7.91
CA ARG A 83 -1.63 -0.96 8.82
C ARG A 83 -2.40 0.29 8.38
N CYS A 84 -2.43 0.54 7.08
CA CYS A 84 -3.13 1.69 6.54
C CYS A 84 -4.61 1.62 6.87
N MET A 85 -5.19 0.44 6.70
CA MET A 85 -6.62 0.25 6.99
C MET A 85 -6.92 0.48 8.48
N LYS A 86 -6.29 -0.33 9.33
CA LYS A 86 -6.50 -0.22 10.76
C LYS A 86 -5.97 1.12 11.28
N ASP A 87 -5.27 1.85 10.41
CA ASP A 87 -4.72 3.14 10.80
C ASP A 87 -5.73 3.94 11.61
N ASP A 88 -5.29 4.46 12.75
CA ASP A 88 -6.17 5.23 13.62
C ASP A 88 -5.61 6.64 13.81
N SER A 89 -5.73 7.46 12.78
CA SER A 89 -5.25 8.83 12.83
C SER A 89 -5.89 9.68 11.73
N ARG B 1 -12.48 16.12 4.92
CA ARG B 1 -11.99 14.71 4.93
C ARG B 1 -11.39 14.38 3.57
N ARG B 2 -10.57 13.34 3.54
CA ARG B 2 -9.93 12.91 2.30
C ARG B 2 -9.09 14.05 1.72
N VAL B 3 -7.95 14.31 2.33
CA VAL B 3 -7.07 15.38 1.84
C VAL B 3 -5.61 14.96 1.99
N ARG B 4 -4.81 15.25 0.96
CA ARG B 4 -3.39 14.91 0.99
C ARG B 4 -3.20 13.44 1.35
N ILE B 5 -3.49 12.55 0.41
CA ILE B 5 -3.34 11.12 0.63
C ILE B 5 -4.19 10.67 1.82
N SER B 6 -4.69 9.45 1.75
CA SER B 6 -5.52 8.91 2.82
C SER B 6 -5.49 7.39 2.81
N ALA B 7 -6.66 6.79 2.62
CA ALA B 7 -6.76 5.33 2.59
C ALA B 7 -7.54 4.86 1.36
N ASP B 8 -8.68 5.52 1.11
CA ASP B 8 -9.51 5.18 -0.03
C ASP B 8 -8.75 5.41 -1.33
N ALA B 9 -7.98 6.50 -1.37
CA ALA B 9 -7.20 6.82 -2.56
C ALA B 9 -6.20 5.72 -2.88
N MET B 10 -5.56 5.19 -1.85
CA MET B 10 -4.59 4.12 -2.05
C MET B 10 -5.25 2.88 -2.63
N MET B 11 -6.43 2.56 -2.14
CA MET B 11 -7.15 1.38 -2.61
C MET B 11 -7.51 1.53 -4.09
N GLN B 12 -7.93 2.74 -4.47
CA GLN B 12 -8.30 3.00 -5.86
C GLN B 12 -7.06 2.87 -6.77
N ALA B 13 -5.94 3.38 -6.29
CA ALA B 13 -4.70 3.31 -7.06
C ALA B 13 -4.29 1.86 -7.29
N LEU B 14 -4.51 1.03 -6.29
CA LEU B 14 -4.17 -0.38 -6.38
C LEU B 14 -5.11 -1.12 -7.33
N LEU B 15 -6.05 -0.37 -7.91
CA LEU B 15 -7.01 -0.94 -8.84
C LEU B 15 -8.13 -1.64 -8.07
N GLY B 16 -7.79 -2.72 -7.38
CA GLY B 16 -8.77 -3.47 -6.61
C GLY B 16 -9.94 -3.91 -7.50
N ALA B 17 -11.16 -3.63 -7.04
CA ALA B 17 -12.35 -3.99 -7.80
C ALA B 17 -12.87 -2.79 -8.56
N ARG B 18 -14.16 -2.82 -8.90
CA ARG B 18 -14.78 -1.73 -9.65
C ARG B 18 -15.03 -0.53 -8.73
N HIS B 19 -14.99 -0.76 -7.42
CA HIS B 19 -15.22 0.30 -6.45
C HIS B 19 -16.57 0.97 -6.70
N LYS B 20 -17.44 0.27 -7.41
CA LYS B 20 -18.77 0.80 -7.71
C LYS B 20 -19.57 1.00 -6.43
N GLU B 21 -19.51 0.02 -5.54
CA GLU B 21 -20.23 0.11 -4.27
C GLU B 21 -19.29 0.47 -3.13
N SER B 22 -18.00 0.61 -3.45
CA SER B 22 -17.01 0.96 -2.45
C SER B 22 -16.79 -0.21 -1.49
N LEU B 23 -16.28 0.10 -0.30
CA LEU B 23 -16.04 -0.94 0.70
C LEU B 23 -17.32 -1.32 1.42
N ASP B 24 -18.07 -0.30 1.83
CA ASP B 24 -19.32 -0.55 2.54
C ASP B 24 -20.21 0.69 2.50
N LEU B 25 -19.61 1.85 2.79
CA LEU B 25 -20.35 3.10 2.80
C LEU B 25 -19.43 4.28 2.48
N ARG B 26 -19.96 5.49 2.58
CA ARG B 26 -19.18 6.68 2.30
C ARG B 26 -17.84 6.63 3.05
N ALA B 27 -16.76 6.87 2.32
CA ALA B 27 -15.43 6.85 2.91
C ALA B 27 -14.44 7.61 2.04
N MET A 1 -7.41 -4.51 19.14
CA MET A 1 -7.70 -5.31 17.92
C MET A 1 -6.43 -6.01 17.46
N ASP A 2 -5.45 -6.09 18.35
CA ASP A 2 -4.19 -6.74 18.02
C ASP A 2 -4.41 -8.20 17.68
N ASP A 3 -5.28 -8.85 18.44
CA ASP A 3 -5.57 -10.27 18.21
C ASP A 3 -6.18 -10.46 16.82
N ILE A 4 -7.09 -9.57 16.45
CA ILE A 4 -7.75 -9.65 15.14
C ILE A 4 -6.73 -9.44 14.02
N TYR A 5 -5.84 -8.48 14.21
CA TYR A 5 -4.83 -8.19 13.21
C TYR A 5 -3.96 -9.41 12.94
N LYS A 6 -3.46 -10.03 14.00
CA LYS A 6 -2.63 -11.22 13.86
C LYS A 6 -3.42 -12.34 13.19
N ALA A 7 -4.64 -12.56 13.67
CA ALA A 7 -5.49 -13.60 13.12
C ALA A 7 -5.87 -13.28 11.68
N ALA A 8 -6.11 -12.00 11.42
CA ALA A 8 -6.49 -11.56 10.08
C ALA A 8 -5.39 -11.85 9.07
N VAL A 9 -4.17 -11.53 9.47
CA VAL A 9 -3.02 -11.76 8.59
C VAL A 9 -2.72 -13.24 8.44
N GLU A 10 -2.79 -13.97 9.55
CA GLU A 10 -2.51 -15.40 9.52
C GLU A 10 -3.74 -16.18 9.06
N GLN A 11 -4.89 -15.53 9.10
CA GLN A 11 -6.14 -16.17 8.68
C GLN A 11 -6.88 -15.31 7.65
N LEU A 12 -6.12 -14.60 6.83
CA LEU A 12 -6.70 -13.75 5.80
C LEU A 12 -7.48 -14.59 4.78
N THR A 13 -8.17 -13.91 3.88
CA THR A 13 -8.95 -14.60 2.86
C THR A 13 -8.11 -14.88 1.62
N GLU A 14 -8.55 -15.84 0.83
CA GLU A 14 -7.83 -16.19 -0.40
C GLU A 14 -7.94 -15.06 -1.42
N GLU A 15 -9.07 -14.38 -1.39
CA GLU A 15 -9.29 -13.27 -2.31
C GLU A 15 -8.30 -12.15 -2.03
N GLN A 16 -8.06 -11.90 -0.75
CA GLN A 16 -7.10 -10.87 -0.36
C GLN A 16 -5.71 -11.25 -0.84
N LYS A 17 -5.38 -12.52 -0.72
CA LYS A 17 -4.08 -13.01 -1.14
C LYS A 17 -3.87 -12.76 -2.63
N ASN A 18 -4.91 -12.99 -3.41
CA ASN A 18 -4.79 -12.79 -4.84
C ASN A 18 -4.55 -11.31 -5.15
N GLU A 19 -5.35 -10.45 -4.52
CA GLU A 19 -5.22 -9.00 -4.74
C GLU A 19 -3.87 -8.51 -4.24
N PHE A 20 -3.43 -9.02 -3.09
CA PHE A 20 -2.16 -8.63 -2.51
C PHE A 20 -1.01 -8.92 -3.48
N LYS A 21 -0.96 -10.15 -3.97
CA LYS A 21 0.10 -10.53 -4.90
C LYS A 21 0.01 -9.70 -6.18
N ALA A 22 -1.21 -9.50 -6.67
CA ALA A 22 -1.41 -8.73 -7.89
C ALA A 22 -0.92 -7.29 -7.70
N ALA A 23 -1.26 -6.71 -6.55
CA ALA A 23 -0.86 -5.35 -6.25
C ALA A 23 0.66 -5.23 -6.21
N PHE A 24 1.31 -6.23 -5.63
CA PHE A 24 2.75 -6.22 -5.51
C PHE A 24 3.39 -6.21 -6.90
N ASP A 25 2.82 -6.99 -7.82
CA ASP A 25 3.33 -7.06 -9.18
C ASP A 25 3.21 -5.70 -9.87
N ILE A 26 2.08 -5.02 -9.66
CA ILE A 26 1.86 -3.71 -10.26
C ILE A 26 2.85 -2.68 -9.70
N PHE A 27 3.05 -2.72 -8.39
CA PHE A 27 3.97 -1.77 -7.75
C PHE A 27 5.38 -1.95 -8.29
N VAL A 28 5.79 -3.20 -8.46
CA VAL A 28 7.13 -3.49 -8.97
C VAL A 28 7.09 -3.62 -10.48
N LEU A 29 6.21 -2.84 -11.12
CA LEU A 29 6.09 -2.87 -12.58
C LEU A 29 7.44 -3.04 -13.26
N GLY A 30 7.89 -4.29 -13.37
CA GLY A 30 9.16 -4.58 -13.99
C GLY A 30 10.29 -3.81 -13.31
N ALA A 31 10.14 -3.58 -12.00
CA ALA A 31 11.15 -2.83 -11.26
C ALA A 31 12.52 -3.49 -11.43
N GLU A 32 13.52 -2.68 -11.76
CA GLU A 32 14.87 -3.18 -11.94
C GLU A 32 15.46 -3.69 -10.63
N ASP A 33 14.99 -3.10 -9.53
CA ASP A 33 15.47 -3.50 -8.21
C ASP A 33 14.67 -4.69 -7.68
N GLY A 34 13.48 -4.90 -8.23
CA GLY A 34 12.63 -6.01 -7.82
C GLY A 34 11.95 -5.71 -6.50
N CYS A 35 12.08 -4.46 -6.05
CA CYS A 35 11.48 -4.04 -4.79
C CYS A 35 10.87 -2.65 -4.91
N ILE A 36 10.12 -2.24 -3.89
CA ILE A 36 9.50 -0.92 -3.89
C ILE A 36 10.35 0.07 -3.11
N SER A 37 10.84 1.09 -3.82
CA SER A 37 11.67 2.12 -3.21
C SER A 37 11.11 3.50 -3.52
N THR A 38 11.89 4.53 -3.22
CA THR A 38 11.46 5.89 -3.46
C THR A 38 11.31 6.15 -4.96
N LYS A 39 12.04 5.38 -5.75
CA LYS A 39 11.98 5.54 -7.21
C LYS A 39 10.69 4.91 -7.76
N GLU A 40 10.41 3.68 -7.35
CA GLU A 40 9.22 2.98 -7.82
C GLU A 40 7.96 3.72 -7.38
N LEU A 41 7.96 4.16 -6.13
CA LEU A 41 6.82 4.89 -5.59
C LEU A 41 6.66 6.22 -6.30
N GLY A 42 7.78 6.83 -6.65
CA GLY A 42 7.75 8.11 -7.33
C GLY A 42 7.00 8.01 -8.65
N LYS A 43 7.21 6.91 -9.38
CA LYS A 43 6.53 6.72 -10.65
C LYS A 43 5.03 6.55 -10.42
N VAL A 44 4.69 5.80 -9.37
CA VAL A 44 3.28 5.58 -9.05
C VAL A 44 2.61 6.87 -8.60
N MET A 45 3.32 7.63 -7.77
CA MET A 45 2.80 8.87 -7.25
C MET A 45 2.48 9.85 -8.38
N ARG A 46 3.30 9.82 -9.42
CA ARG A 46 3.11 10.71 -10.55
C ARG A 46 1.69 10.56 -11.09
N MET A 47 1.18 9.33 -11.11
CA MET A 47 -0.17 9.08 -11.59
C MET A 47 -1.20 9.59 -10.60
N LEU A 48 -0.78 9.76 -9.35
CA LEU A 48 -1.66 10.23 -8.30
C LEU A 48 -1.69 11.76 -8.28
N GLY A 49 -0.89 12.37 -9.14
CA GLY A 49 -0.83 13.82 -9.21
C GLY A 49 0.08 14.39 -8.13
N GLN A 50 0.91 13.53 -7.55
CA GLN A 50 1.83 13.95 -6.50
C GLN A 50 3.27 13.79 -6.96
N ASN A 51 4.09 14.81 -6.71
CA ASN A 51 5.49 14.78 -7.09
C ASN A 51 6.37 15.22 -5.93
N PRO A 52 6.47 14.41 -4.91
CA PRO A 52 7.29 14.72 -3.71
C PRO A 52 8.78 14.54 -3.97
N THR A 53 9.57 14.60 -2.90
CA THR A 53 11.01 14.45 -3.03
C THR A 53 11.47 13.14 -2.39
N PRO A 54 12.56 12.57 -2.88
CA PRO A 54 13.11 11.30 -2.32
C PRO A 54 13.16 11.32 -0.79
N GLU A 55 13.44 12.48 -0.22
CA GLU A 55 13.53 12.60 1.23
C GLU A 55 12.17 12.33 1.87
N GLU A 56 11.13 12.88 1.27
CA GLU A 56 9.77 12.69 1.78
C GLU A 56 9.32 11.24 1.59
N LEU A 57 9.65 10.70 0.42
CA LEU A 57 9.29 9.32 0.11
C LEU A 57 10.00 8.37 1.06
N GLN A 58 11.24 8.68 1.38
CA GLN A 58 12.03 7.85 2.28
C GLN A 58 11.37 7.78 3.65
N GLU A 59 10.90 8.92 4.14
CA GLU A 59 10.26 8.98 5.44
C GLU A 59 8.99 8.15 5.43
N MET A 60 8.23 8.24 4.35
CA MET A 60 6.98 7.49 4.24
C MET A 60 7.26 5.99 4.33
N ILE A 61 8.29 5.54 3.62
CA ILE A 61 8.65 4.13 3.63
C ILE A 61 9.12 3.71 5.02
N ASP A 62 9.98 4.53 5.62
CA ASP A 62 10.52 4.25 6.94
C ASP A 62 9.40 4.07 7.96
N GLU A 63 8.32 4.82 7.78
CA GLU A 63 7.18 4.76 8.69
C GLU A 63 6.60 3.34 8.72
N VAL A 64 6.54 2.70 7.56
CA VAL A 64 5.98 1.35 7.47
C VAL A 64 7.09 0.32 7.31
N ASP A 65 8.34 0.77 7.39
CA ASP A 65 9.48 -0.13 7.26
C ASP A 65 9.80 -0.81 8.58
N GLU A 66 10.00 -2.12 8.55
CA GLU A 66 10.32 -2.87 9.75
C GLU A 66 11.83 -2.85 10.02
N ASP A 67 12.62 -2.85 8.95
CA ASP A 67 14.07 -2.83 9.08
C ASP A 67 14.63 -1.44 8.81
N GLY A 68 13.78 -0.55 8.30
CA GLY A 68 14.21 0.82 8.02
C GLY A 68 15.16 0.84 6.82
N SER A 69 15.16 -0.23 6.05
CA SER A 69 16.01 -0.32 4.88
C SER A 69 15.66 0.76 3.86
N GLY A 70 14.45 1.31 3.98
CA GLY A 70 14.00 2.35 3.06
C GLY A 70 13.18 1.75 1.92
N THR A 71 12.93 0.46 2.01
CA THR A 71 12.15 -0.24 0.98
C THR A 71 11.10 -1.13 1.62
N VAL A 72 10.09 -1.52 0.83
CA VAL A 72 9.03 -2.37 1.33
C VAL A 72 9.10 -3.75 0.67
N ASP A 73 9.23 -4.78 1.50
CA ASP A 73 9.32 -6.15 1.00
C ASP A 73 7.93 -6.77 0.90
N PHE A 74 7.87 -8.04 0.49
CA PHE A 74 6.60 -8.73 0.34
C PHE A 74 5.84 -8.78 1.67
N ASP A 75 6.51 -9.24 2.71
CA ASP A 75 5.89 -9.33 4.03
C ASP A 75 5.55 -7.94 4.55
N GLU A 76 6.46 -7.00 4.34
CA GLU A 76 6.25 -5.63 4.79
C GLU A 76 5.06 -5.02 4.05
N PHE A 77 4.96 -5.31 2.76
CA PHE A 77 3.86 -4.81 1.94
C PHE A 77 2.53 -5.31 2.48
N LEU A 78 2.48 -6.59 2.82
CA LEU A 78 1.24 -7.17 3.32
C LEU A 78 0.82 -6.50 4.62
N VAL A 79 1.80 -6.22 5.48
CA VAL A 79 1.52 -5.58 6.77
C VAL A 79 0.93 -4.19 6.59
N MET A 80 1.54 -3.40 5.71
CA MET A 80 1.05 -2.04 5.46
C MET A 80 -0.27 -2.08 4.72
N MET A 81 -0.50 -3.18 4.01
CA MET A 81 -1.73 -3.33 3.24
C MET A 81 -2.94 -3.42 4.16
N VAL A 82 -2.86 -4.33 5.12
CA VAL A 82 -3.96 -4.51 6.08
C VAL A 82 -4.02 -3.32 7.04
N ARG A 83 -2.85 -2.86 7.51
CA ARG A 83 -2.81 -1.75 8.43
C ARG A 83 -3.42 -0.49 7.80
N CYS A 84 -3.02 -0.19 6.58
CA CYS A 84 -3.55 0.99 5.90
C CYS A 84 -5.04 0.84 5.65
N MET A 85 -5.49 -0.39 5.44
CA MET A 85 -6.89 -0.65 5.19
C MET A 85 -7.72 -0.35 6.45
N LYS A 86 -7.18 -0.73 7.61
CA LYS A 86 -7.87 -0.51 8.87
C LYS A 86 -7.45 0.82 9.48
N ASP A 87 -6.56 1.53 8.79
CA ASP A 87 -6.08 2.82 9.27
C ASP A 87 -5.28 2.65 10.56
N ASP A 88 -4.60 3.72 10.98
CA ASP A 88 -3.81 3.68 12.20
C ASP A 88 -4.26 4.76 13.18
N SER A 89 -5.43 4.55 13.76
CA SER A 89 -5.98 5.51 14.72
C SER A 89 -6.70 4.78 15.86
N ARG B 1 -3.69 19.77 -6.66
CA ARG B 1 -5.16 19.96 -6.66
C ARG B 1 -5.86 18.60 -6.72
N ARG B 2 -7.01 18.50 -6.06
CA ARG B 2 -7.76 17.26 -6.05
C ARG B 2 -6.88 16.10 -5.58
N VAL B 3 -6.11 16.33 -4.52
CA VAL B 3 -5.22 15.30 -4.00
C VAL B 3 -5.91 13.95 -4.01
N ARG B 4 -5.12 12.89 -4.23
CA ARG B 4 -5.66 11.54 -4.26
C ARG B 4 -4.75 10.59 -3.49
N ILE B 5 -4.97 10.49 -2.19
CA ILE B 5 -4.15 9.61 -1.36
C ILE B 5 -5.04 8.79 -0.42
N SER B 6 -6.30 9.19 -0.31
CA SER B 6 -7.23 8.48 0.55
C SER B 6 -7.12 6.98 0.35
N ALA B 7 -7.32 6.22 1.42
CA ALA B 7 -7.22 4.77 1.33
C ALA B 7 -8.23 4.22 0.33
N ASP B 8 -9.45 4.75 0.38
CA ASP B 8 -10.49 4.30 -0.55
C ASP B 8 -10.10 4.62 -2.00
N ALA B 9 -9.57 5.83 -2.20
CA ALA B 9 -9.16 6.25 -3.53
C ALA B 9 -8.01 5.40 -4.04
N MET B 10 -7.07 5.08 -3.16
CA MET B 10 -5.92 4.28 -3.53
C MET B 10 -6.36 2.92 -4.04
N MET B 11 -7.29 2.30 -3.32
CA MET B 11 -7.80 1.00 -3.73
C MET B 11 -8.47 1.09 -5.08
N GLN B 12 -9.22 2.17 -5.31
CA GLN B 12 -9.92 2.33 -6.58
C GLN B 12 -8.93 2.38 -7.74
N ALA B 13 -7.93 3.26 -7.61
CA ALA B 13 -6.91 3.41 -8.65
C ALA B 13 -6.15 2.11 -8.81
N LEU B 14 -5.95 1.41 -7.71
CA LEU B 14 -5.20 0.16 -7.73
C LEU B 14 -5.87 -0.83 -8.68
N LEU B 15 -7.21 -0.92 -8.60
CA LEU B 15 -7.96 -1.86 -9.45
C LEU B 15 -9.40 -1.98 -8.95
N GLY B 16 -9.65 -1.54 -7.72
CA GLY B 16 -10.99 -1.63 -7.14
C GLY B 16 -12.03 -1.09 -8.11
N ALA B 17 -11.71 0.00 -8.79
CA ALA B 17 -12.63 0.59 -9.76
C ALA B 17 -14.00 0.82 -9.10
N ARG B 18 -14.89 -0.16 -9.25
CA ARG B 18 -16.22 -0.05 -8.66
C ARG B 18 -16.51 -1.23 -7.75
N HIS B 19 -17.08 -0.95 -6.58
CA HIS B 19 -17.40 -2.00 -5.63
C HIS B 19 -18.40 -1.49 -4.59
N LYS B 20 -19.35 -2.35 -4.22
CA LYS B 20 -20.36 -1.98 -3.23
C LYS B 20 -19.74 -1.94 -1.83
N GLU B 21 -18.60 -2.58 -1.66
CA GLU B 21 -17.93 -2.61 -0.37
C GLU B 21 -17.23 -1.29 -0.10
N SER B 22 -17.90 -0.41 0.64
CA SER B 22 -17.34 0.89 0.98
C SER B 22 -16.26 0.75 2.04
N LEU B 23 -16.36 -0.30 2.85
CA LEU B 23 -15.38 -0.54 3.91
C LEU B 23 -15.25 0.69 4.80
N ASP B 24 -14.38 1.61 4.42
CA ASP B 24 -14.18 2.83 5.20
C ASP B 24 -15.28 3.85 4.92
N LEU B 25 -15.88 4.39 5.98
CA LEU B 25 -16.93 5.38 5.84
C LEU B 25 -16.55 6.69 6.52
N ARG B 26 -15.70 6.58 7.54
CA ARG B 26 -15.24 7.75 8.28
C ARG B 26 -13.72 7.87 8.23
N ALA B 27 -13.09 6.94 7.53
CA ALA B 27 -11.64 6.95 7.41
C ALA B 27 -11.21 7.52 6.06
N MET A 1 2.54 -7.67 20.78
CA MET A 1 1.86 -7.92 19.48
C MET A 1 0.35 -7.83 19.66
N ASP A 2 -0.33 -7.25 18.68
CA ASP A 2 -1.78 -7.11 18.75
C ASP A 2 -2.47 -8.34 18.15
N ASP A 3 -3.34 -8.97 18.94
CA ASP A 3 -4.05 -10.15 18.48
C ASP A 3 -5.03 -9.80 17.36
N ILE A 4 -5.71 -8.66 17.50
CA ILE A 4 -6.67 -8.25 16.50
C ILE A 4 -5.98 -8.01 15.15
N TYR A 5 -4.77 -7.48 15.22
CA TYR A 5 -4.00 -7.21 14.01
C TYR A 5 -3.70 -8.49 13.25
N LYS A 6 -3.17 -9.48 13.97
CA LYS A 6 -2.84 -10.76 13.35
C LYS A 6 -4.10 -11.42 12.81
N ALA A 7 -5.15 -11.40 13.62
CA ALA A 7 -6.41 -12.00 13.23
C ALA A 7 -6.96 -11.32 12.00
N ALA A 8 -6.83 -10.00 11.93
CA ALA A 8 -7.35 -9.27 10.79
C ALA A 8 -6.65 -9.71 9.51
N VAL A 9 -5.33 -9.79 9.57
CA VAL A 9 -4.54 -10.20 8.42
C VAL A 9 -4.86 -11.65 8.02
N GLU A 10 -4.91 -12.53 9.02
CA GLU A 10 -5.21 -13.92 8.78
C GLU A 10 -6.65 -14.08 8.31
N GLN A 11 -7.53 -13.22 8.83
CA GLN A 11 -8.94 -13.28 8.47
C GLN A 11 -9.13 -13.04 6.98
N LEU A 12 -8.32 -12.14 6.41
CA LEU A 12 -8.42 -11.83 4.99
C LEU A 12 -8.78 -13.08 4.19
N THR A 13 -9.76 -12.93 3.30
CA THR A 13 -10.21 -14.04 2.48
C THR A 13 -9.23 -14.32 1.35
N GLU A 14 -9.38 -15.47 0.72
CA GLU A 14 -8.49 -15.86 -0.36
C GLU A 14 -8.56 -14.86 -1.51
N GLU A 15 -9.75 -14.31 -1.71
CA GLU A 15 -9.95 -13.32 -2.76
C GLU A 15 -9.32 -11.99 -2.37
N GLN A 16 -9.52 -11.59 -1.13
CA GLN A 16 -8.95 -10.34 -0.65
C GLN A 16 -7.44 -10.36 -0.78
N LYS A 17 -6.84 -11.47 -0.39
CA LYS A 17 -5.39 -11.61 -0.48
C LYS A 17 -4.94 -11.54 -1.92
N ASN A 18 -5.70 -12.14 -2.81
CA ASN A 18 -5.34 -12.13 -4.20
C ASN A 18 -5.34 -10.71 -4.75
N GLU A 19 -6.32 -9.92 -4.34
CA GLU A 19 -6.42 -8.54 -4.81
C GLU A 19 -5.18 -7.73 -4.42
N PHE A 20 -4.74 -7.90 -3.18
CA PHE A 20 -3.57 -7.17 -2.71
C PHE A 20 -2.34 -7.61 -3.48
N LYS A 21 -2.23 -8.91 -3.73
CA LYS A 21 -1.10 -9.46 -4.47
C LYS A 21 -1.07 -8.88 -5.88
N ALA A 22 -2.25 -8.74 -6.48
CA ALA A 22 -2.33 -8.22 -7.84
C ALA A 22 -1.73 -6.81 -7.90
N ALA A 23 -2.05 -6.00 -6.90
CA ALA A 23 -1.52 -4.64 -6.84
C ALA A 23 -0.01 -4.67 -6.72
N PHE A 24 0.49 -5.60 -5.91
CA PHE A 24 1.93 -5.72 -5.70
C PHE A 24 2.63 -6.01 -7.02
N ASP A 25 2.09 -6.95 -7.79
CA ASP A 25 2.68 -7.31 -9.08
C ASP A 25 2.76 -6.10 -10.01
N ILE A 26 1.66 -5.35 -10.07
CA ILE A 26 1.59 -4.17 -10.91
C ILE A 26 2.59 -3.11 -10.43
N PHE A 27 2.70 -2.99 -9.12
CA PHE A 27 3.62 -2.02 -8.53
C PHE A 27 5.04 -2.25 -9.04
N VAL A 28 5.41 -3.52 -9.18
CA VAL A 28 6.75 -3.87 -9.66
C VAL A 28 6.74 -4.03 -11.18
N LEU A 29 5.87 -3.28 -11.85
CA LEU A 29 5.76 -3.35 -13.30
C LEU A 29 7.13 -3.57 -13.94
N GLY A 30 8.14 -2.90 -13.41
CA GLY A 30 9.50 -3.04 -13.93
C GLY A 30 10.54 -2.79 -12.84
N ALA A 31 10.40 -3.48 -11.71
CA ALA A 31 11.34 -3.32 -10.61
C ALA A 31 12.45 -4.36 -10.70
N GLU A 32 13.69 -3.88 -10.80
CA GLU A 32 14.84 -4.77 -10.89
C GLU A 32 14.96 -5.61 -9.62
N ASP A 33 14.71 -4.98 -8.49
CA ASP A 33 14.79 -5.67 -7.21
C ASP A 33 13.54 -6.51 -6.96
N GLY A 34 12.50 -6.26 -7.73
CA GLY A 34 11.24 -7.00 -7.59
C GLY A 34 10.49 -6.53 -6.35
N CYS A 35 10.84 -5.34 -5.87
CA CYS A 35 10.20 -4.77 -4.70
C CYS A 35 9.77 -3.33 -4.94
N ILE A 36 9.03 -2.76 -4.00
CA ILE A 36 8.56 -1.38 -4.15
C ILE A 36 9.52 -0.43 -3.46
N SER A 37 10.06 0.52 -4.23
CA SER A 37 10.99 1.50 -3.69
C SER A 37 10.56 2.91 -4.07
N THR A 38 11.46 3.86 -3.89
CA THR A 38 11.14 5.25 -4.21
C THR A 38 10.91 5.41 -5.71
N LYS A 39 11.46 4.48 -6.49
CA LYS A 39 11.30 4.53 -7.94
C LYS A 39 9.94 3.97 -8.35
N GLU A 40 9.59 2.81 -7.84
CA GLU A 40 8.31 2.19 -8.17
C GLU A 40 7.16 3.07 -7.69
N LEU A 41 7.31 3.66 -6.51
CA LEU A 41 6.27 4.53 -5.98
C LEU A 41 6.21 5.83 -6.77
N GLY A 42 7.37 6.30 -7.21
CA GLY A 42 7.44 7.54 -7.96
C GLY A 42 6.64 7.44 -9.25
N LYS A 43 6.72 6.29 -9.92
CA LYS A 43 5.99 6.10 -11.16
C LYS A 43 4.50 5.96 -10.88
N VAL A 44 4.18 5.27 -9.80
CA VAL A 44 2.79 5.07 -9.41
C VAL A 44 2.11 6.41 -9.14
N MET A 45 2.85 7.32 -8.52
CA MET A 45 2.30 8.62 -8.18
C MET A 45 1.68 9.27 -9.41
N ARG A 46 2.05 8.77 -10.58
CA ARG A 46 1.52 9.30 -11.84
C ARG A 46 0.02 9.11 -11.89
N MET A 47 -0.46 7.99 -11.36
CA MET A 47 -1.89 7.69 -11.38
C MET A 47 -2.65 8.74 -10.57
N LEU A 48 -2.06 9.14 -9.45
CA LEU A 48 -2.66 10.15 -8.59
C LEU A 48 -2.68 11.50 -9.30
N GLY A 49 -1.70 11.73 -10.16
CA GLY A 49 -1.63 13.00 -10.91
C GLY A 49 -0.64 13.95 -10.26
N GLN A 50 0.35 13.39 -9.57
CA GLN A 50 1.36 14.21 -8.90
C GLN A 50 2.73 13.54 -8.98
N ASN A 51 3.78 14.33 -8.78
CA ASN A 51 5.14 13.82 -8.84
C ASN A 51 6.00 14.47 -7.77
N PRO A 52 5.90 13.99 -6.55
CA PRO A 52 6.67 14.53 -5.41
C PRO A 52 8.17 14.41 -5.63
N THR A 53 8.91 14.42 -4.54
CA THR A 53 10.37 14.32 -4.61
C THR A 53 10.87 13.02 -3.97
N PRO A 54 11.98 12.48 -4.44
CA PRO A 54 12.54 11.22 -3.88
C PRO A 54 12.92 11.32 -2.41
N GLU A 55 13.27 12.53 -1.98
CA GLU A 55 13.69 12.76 -0.59
C GLU A 55 12.55 12.47 0.39
N GLU A 56 11.39 13.03 0.12
CA GLU A 56 10.23 12.83 0.98
C GLU A 56 9.71 11.41 0.86
N LEU A 57 9.88 10.83 -0.33
CA LEU A 57 9.43 9.46 -0.56
C LEU A 57 10.19 8.51 0.34
N GLN A 58 11.48 8.76 0.49
CA GLN A 58 12.31 7.92 1.34
C GLN A 58 11.93 8.08 2.80
N GLU A 59 11.64 9.33 3.19
CA GLU A 59 11.28 9.60 4.56
C GLU A 59 10.03 8.82 4.96
N MET A 60 9.05 8.78 4.06
CA MET A 60 7.82 8.04 4.34
C MET A 60 8.11 6.54 4.49
N ILE A 61 8.97 6.03 3.61
CA ILE A 61 9.33 4.62 3.67
C ILE A 61 9.98 4.28 4.99
N ASP A 62 10.89 5.15 5.43
CA ASP A 62 11.60 4.95 6.68
C ASP A 62 10.62 4.91 7.86
N GLU A 63 9.59 5.76 7.80
CA GLU A 63 8.60 5.81 8.88
C GLU A 63 7.89 4.47 9.04
N VAL A 64 7.46 3.88 7.92
CA VAL A 64 6.76 2.60 7.98
C VAL A 64 7.74 1.43 8.10
N ASP A 65 8.92 1.59 7.51
CA ASP A 65 9.92 0.53 7.56
C ASP A 65 10.49 0.40 8.97
N GLU A 66 10.44 -0.80 9.51
CA GLU A 66 10.96 -1.06 10.83
C GLU A 66 12.45 -1.38 10.77
N ASP A 67 12.93 -1.70 9.58
CA ASP A 67 14.35 -2.02 9.39
C ASP A 67 15.09 -0.85 8.74
N GLY A 68 14.33 0.11 8.25
CA GLY A 68 14.94 1.27 7.62
C GLY A 68 15.63 0.87 6.32
N SER A 69 15.20 -0.25 5.76
CA SER A 69 15.79 -0.74 4.52
C SER A 69 15.64 0.30 3.39
N GLY A 70 14.60 1.11 3.46
CA GLY A 70 14.38 2.13 2.43
C GLY A 70 13.45 1.59 1.33
N THR A 71 13.04 0.34 1.47
CA THR A 71 12.16 -0.29 0.50
C THR A 71 11.01 -1.01 1.20
N VAL A 72 9.97 -1.33 0.43
CA VAL A 72 8.80 -2.02 0.97
C VAL A 72 8.63 -3.39 0.31
N ASP A 73 8.55 -4.43 1.14
CA ASP A 73 8.40 -5.79 0.65
C ASP A 73 6.93 -6.19 0.61
N PHE A 74 6.65 -7.40 0.13
CA PHE A 74 5.27 -7.88 0.04
C PHE A 74 4.61 -7.90 1.41
N ASP A 75 5.29 -8.48 2.39
CA ASP A 75 4.75 -8.55 3.74
C ASP A 75 4.54 -7.15 4.30
N GLU A 76 5.52 -6.27 4.10
CA GLU A 76 5.42 -4.90 4.57
C GLU A 76 4.30 -4.18 3.83
N PHE A 77 4.20 -4.44 2.53
CA PHE A 77 3.14 -3.84 1.71
C PHE A 77 1.78 -4.23 2.24
N LEU A 78 1.60 -5.51 2.52
CA LEU A 78 0.32 -5.98 3.02
C LEU A 78 0.03 -5.34 4.38
N VAL A 79 1.07 -5.22 5.20
CA VAL A 79 0.92 -4.64 6.54
C VAL A 79 0.49 -3.19 6.47
N MET A 80 1.11 -2.43 5.57
CA MET A 80 0.79 -1.01 5.43
C MET A 80 -0.61 -0.84 4.87
N MET A 81 -1.01 -1.81 4.05
CA MET A 81 -2.32 -1.77 3.42
C MET A 81 -3.42 -2.01 4.45
N VAL A 82 -3.25 -3.03 5.27
CA VAL A 82 -4.23 -3.34 6.30
C VAL A 82 -4.34 -2.21 7.31
N ARG A 83 -3.19 -1.70 7.74
CA ARG A 83 -3.16 -0.61 8.71
C ARG A 83 -3.84 0.64 8.14
N CYS A 84 -3.53 0.95 6.89
CA CYS A 84 -4.12 2.11 6.24
C CYS A 84 -5.63 1.92 6.07
N MET A 85 -6.02 0.71 5.70
CA MET A 85 -7.44 0.41 5.49
C MET A 85 -8.23 0.59 6.78
N LYS A 86 -7.68 0.09 7.89
CA LYS A 86 -8.36 0.21 9.17
C LYS A 86 -8.03 1.53 9.84
N ASP A 87 -6.74 1.84 9.93
CA ASP A 87 -6.32 3.08 10.53
C ASP A 87 -7.02 3.31 11.86
N ASP A 88 -6.99 2.29 12.72
CA ASP A 88 -7.64 2.38 14.02
C ASP A 88 -6.64 2.09 15.14
N SER A 89 -5.76 3.06 15.39
CA SER A 89 -4.75 2.90 16.44
C SER A 89 -4.40 4.26 17.04
N ARG B 1 -4.99 15.08 5.14
CA ARG B 1 -4.83 14.80 3.69
C ARG B 1 -3.76 15.74 3.10
N ARG B 2 -3.09 16.48 3.97
CA ARG B 2 -2.06 17.41 3.52
C ARG B 2 -0.74 16.68 3.32
N VAL B 3 0.02 16.53 4.40
CA VAL B 3 1.30 15.86 4.33
C VAL B 3 1.11 14.40 3.92
N ARG B 4 0.14 13.74 4.52
CA ARG B 4 -0.13 12.34 4.21
C ARG B 4 -1.01 12.22 2.97
N ILE B 5 -0.53 11.45 1.99
CA ILE B 5 -1.27 11.25 0.76
C ILE B 5 -2.54 10.46 1.02
N SER B 6 -2.50 9.59 2.03
CA SER B 6 -3.65 8.77 2.36
C SER B 6 -3.82 7.66 1.33
N ALA B 7 -3.81 6.42 1.81
CA ALA B 7 -3.95 5.27 0.93
C ALA B 7 -5.30 5.32 0.22
N ASP B 8 -6.24 6.07 0.78
CA ASP B 8 -7.56 6.18 0.19
C ASP B 8 -7.47 6.72 -1.24
N ALA B 9 -6.62 7.72 -1.43
CA ALA B 9 -6.46 8.31 -2.76
C ALA B 9 -5.94 7.26 -3.74
N MET B 10 -4.94 6.49 -3.30
CA MET B 10 -4.37 5.46 -4.15
C MET B 10 -5.35 4.31 -4.34
N MET B 11 -6.05 3.96 -3.27
CA MET B 11 -7.03 2.88 -3.32
C MET B 11 -8.12 3.22 -4.32
N GLN B 12 -8.30 4.50 -4.58
CA GLN B 12 -9.33 4.93 -5.51
C GLN B 12 -9.06 4.35 -6.89
N ALA B 13 -7.79 4.38 -7.29
CA ALA B 13 -7.40 3.86 -8.59
C ALA B 13 -7.53 2.33 -8.63
N LEU B 14 -7.12 1.69 -7.55
CA LEU B 14 -7.16 0.23 -7.47
C LEU B 14 -7.64 -0.23 -6.09
N LEU B 15 -8.29 -1.38 -6.03
CA LEU B 15 -8.78 -1.88 -4.75
C LEU B 15 -9.74 -0.88 -4.13
N GLY B 16 -11.02 -1.01 -4.45
CA GLY B 16 -12.03 -0.09 -3.93
C GLY B 16 -12.08 -0.15 -2.41
N ALA B 17 -12.49 0.96 -1.80
CA ALA B 17 -12.59 1.03 -0.34
C ALA B 17 -13.74 1.94 0.08
N ARG B 18 -14.96 1.47 -0.14
CA ARG B 18 -16.15 2.25 0.24
C ARG B 18 -16.17 3.58 -0.49
N HIS B 19 -16.07 3.54 -1.81
CA HIS B 19 -16.08 4.76 -2.62
C HIS B 19 -16.39 4.44 -4.08
N LYS B 20 -16.60 5.47 -4.89
CA LYS B 20 -16.89 5.27 -6.30
C LYS B 20 -16.03 4.16 -6.88
N GLU B 21 -16.58 3.45 -7.87
CA GLU B 21 -15.86 2.36 -8.50
C GLU B 21 -15.50 1.30 -7.47
N SER B 22 -16.42 1.02 -6.55
CA SER B 22 -16.19 0.03 -5.51
C SER B 22 -15.94 -1.34 -6.12
N LEU B 23 -14.97 -2.06 -5.57
CA LEU B 23 -14.64 -3.39 -6.07
C LEU B 23 -15.01 -4.46 -5.04
N ASP B 24 -16.12 -5.15 -5.28
CA ASP B 24 -16.57 -6.20 -4.36
C ASP B 24 -16.37 -5.78 -2.91
N LEU B 25 -17.20 -4.83 -2.46
CA LEU B 25 -17.09 -4.34 -1.10
C LEU B 25 -17.74 -5.32 -0.12
N ARG B 26 -18.36 -6.37 -0.66
CA ARG B 26 -19.00 -7.37 0.18
C ARG B 26 -18.00 -8.41 0.65
N ALA B 27 -17.41 -8.17 1.82
CA ALA B 27 -16.43 -9.08 2.38
C ALA B 27 -17.10 -10.09 3.30
#